data_8AJ7
# 
_entry.id   8AJ7 
# 
_audit_conform.dict_name       mmcif_pdbx.dic 
_audit_conform.dict_version    5.397 
_audit_conform.dict_location   http://mmcif.pdb.org/dictionaries/ascii/mmcif_pdbx.dic 
# 
loop_
_database_2.database_id 
_database_2.database_code 
_database_2.pdbx_database_accession 
_database_2.pdbx_DOI 
PDB   8AJ7         pdb_00008aj7 10.2210/pdb8aj7/pdb 
WWPDB D_1292124572 ?            ?                   
# 
loop_
_pdbx_audit_revision_history.ordinal 
_pdbx_audit_revision_history.data_content_type 
_pdbx_audit_revision_history.major_revision 
_pdbx_audit_revision_history.minor_revision 
_pdbx_audit_revision_history.revision_date 
1 'Structure model' 1 0 2023-02-15 
2 'Structure model' 1 1 2023-03-08 
3 'Structure model' 1 2 2024-02-07 
4 'Structure model' 1 3 2024-10-16 
# 
_pdbx_audit_revision_details.ordinal             1 
_pdbx_audit_revision_details.revision_ordinal    1 
_pdbx_audit_revision_details.data_content_type   'Structure model' 
_pdbx_audit_revision_details.provider            repository 
_pdbx_audit_revision_details.type                'Initial release' 
_pdbx_audit_revision_details.description         ? 
_pdbx_audit_revision_details.details             ? 
# 
loop_
_pdbx_audit_revision_group.ordinal 
_pdbx_audit_revision_group.revision_ordinal 
_pdbx_audit_revision_group.data_content_type 
_pdbx_audit_revision_group.group 
1 2 'Structure model' 'Database references'    
2 3 'Structure model' 'Data collection'        
3 3 'Structure model' 'Refinement description' 
4 4 'Structure model' 'Structure summary'      
# 
loop_
_pdbx_audit_revision_category.ordinal 
_pdbx_audit_revision_category.revision_ordinal 
_pdbx_audit_revision_category.data_content_type 
_pdbx_audit_revision_category.category 
1 2 'Structure model' citation                      
2 2 'Structure model' citation_author               
3 3 'Structure model' chem_comp_atom                
4 3 'Structure model' chem_comp_bond                
5 3 'Structure model' pdbx_initial_refinement_model 
6 4 'Structure model' pdbx_entry_details            
7 4 'Structure model' pdbx_modification_feature     
# 
loop_
_pdbx_audit_revision_item.ordinal 
_pdbx_audit_revision_item.revision_ordinal 
_pdbx_audit_revision_item.data_content_type 
_pdbx_audit_revision_item.item 
1 2 'Structure model' '_citation.journal_volume'                     
2 2 'Structure model' '_citation.page_first'                         
3 2 'Structure model' '_citation.page_last'                          
4 2 'Structure model' '_citation.pdbx_database_id_PubMed'            
5 2 'Structure model' '_citation.title'                              
6 4 'Structure model' '_pdbx_entry_details.has_protein_modification' 
# 
_pdbx_database_status.status_code                     REL 
_pdbx_database_status.status_code_sf                  REL 
_pdbx_database_status.status_code_mr                  ? 
_pdbx_database_status.entry_id                        8AJ7 
_pdbx_database_status.recvd_initial_deposition_date   2022-07-27 
_pdbx_database_status.SG_entry                        N 
_pdbx_database_status.deposit_site                    PDBE 
_pdbx_database_status.process_site                    PDBE 
_pdbx_database_status.status_code_cs                  ? 
_pdbx_database_status.status_code_nmr_data            ? 
_pdbx_database_status.methods_development_category    ? 
_pdbx_database_status.pdb_format_compatible           Y 
# 
loop_
_pdbx_contact_author.id 
_pdbx_contact_author.email 
_pdbx_contact_author.name_first 
_pdbx_contact_author.name_last 
_pdbx_contact_author.name_mi 
_pdbx_contact_author.role 
_pdbx_contact_author.identifier_ORCID 
2 Denis.SERVENT@cea.fr Denis  Servent ? 'principal investigator/group leader' 0000-0002-0774-1691 
3 estura@gmail.com     Enrico Stura   ? 'principal investigator/group leader' 0000-0001-6718-2118 
# 
loop_
_audit_author.name 
_audit_author.pdbx_ordinal 
_audit_author.identifier_ORCID 
'Ciccone, L.' 1 0000-0002-2762-1929 
'Servent, D.' 2 0000-0002-0774-1691 
'Stura, E.A.' 3 0000-0001-6718-2118 
# 
_citation.abstract                  ? 
_citation.abstract_id_CAS           ? 
_citation.book_id_ISBN              ? 
_citation.book_publisher            ? 
_citation.book_publisher_city       ? 
_citation.book_title                ? 
_citation.coordinate_linkage        ? 
_citation.country                   CH 
_citation.database_id_Medline       ? 
_citation.details                   ? 
_citation.id                        primary 
_citation.journal_abbrev            'Front Mol Biosci' 
_citation.journal_id_ASTM           ? 
_citation.journal_id_CSD            ? 
_citation.journal_id_ISSN           2296-889X 
_citation.journal_full              ? 
_citation.journal_issue             ? 
_citation.journal_volume            10 
_citation.language                  ? 
_citation.page_first                1072751 
_citation.page_last                 1072751 
_citation.title                     
'Structural and functional properties of the Kunitz-type and C-terminal domains of Amblyomin-X supporting its antitumor activity.' 
_citation.year                      2023 
_citation.database_id_CSD           ? 
_citation.pdbx_database_id_DOI      10.3389/fmolb.2023.1072751 
_citation.pdbx_database_id_PubMed   36845546 
_citation.pdbx_database_id_patent   ? 
_citation.unpublished_flag          ? 
# 
loop_
_citation_author.citation_id 
_citation_author.name 
_citation_author.ordinal 
_citation_author.identifier_ORCID 
primary 'Morais, K.L.P.'           1  ? 
primary 'Ciccone, L.'              2  ? 
primary 'Stura, E.'                3  ? 
primary 'Alvarez-Flores, M.P.'     4  ? 
primary 'Mourier, G.'              5  ? 
primary 'Driessche, M.V.'          6  ? 
primary 'Sciani, J.M.'             7  ? 
primary 'Iqbal, A.'                8  ? 
primary 'Kalil, S.P.'              9  ? 
primary 'Pereira, G.J.'            10 ? 
primary 'Marques-Porto, R.'        11 ? 
primary 'Cunegundes, P.'           12 ? 
primary 'Juliano, L.'              13 ? 
primary 'Servent, D.'              14 ? 
primary 'Chudzinski-Tavassi, A.M.' 15 ? 
# 
loop_
_entity.id 
_entity.type 
_entity.src_method 
_entity.pdbx_description 
_entity.formula_weight 
_entity.pdbx_number_of_molecules 
_entity.pdbx_ec 
_entity.pdbx_mutation 
_entity.pdbx_fragment 
_entity.details 
1 polymer     syn 'Kunitz domain of Amblyomin-X' 6448.161 2   ? ? ? ? 
2 non-polymer syn 1,2-ETHANEDIOL                 62.068   1   ? ? ? ? 
3 water       nat water                          18.015   110 ? ? ? ? 
# 
_entity_poly.entity_id                      1 
_entity_poly.type                           'polypeptide(L)' 
_entity_poly.nstd_linkage                   no 
_entity_poly.nstd_monomer                   no 
_entity_poly.pdbx_seq_one_letter_code       ANSKAVCNLPKLAGDETCSNKTEIRWYYNGTACEAFIFKGCGGNDNNFDRVDDCQRLC 
_entity_poly.pdbx_seq_one_letter_code_can   ANSKAVCNLPKLAGDETCSNKTEIRWYYNGTACEAFIFKGCGGNDNNFDRVDDCQRLC 
_entity_poly.pdbx_strand_id                 A,B 
_entity_poly.pdbx_target_identifier         ? 
# 
loop_
_pdbx_entity_nonpoly.entity_id 
_pdbx_entity_nonpoly.name 
_pdbx_entity_nonpoly.comp_id 
2 1,2-ETHANEDIOL EDO 
3 water          HOH 
# 
loop_
_entity_poly_seq.entity_id 
_entity_poly_seq.num 
_entity_poly_seq.mon_id 
_entity_poly_seq.hetero 
1 1  ALA n 
1 2  ASN n 
1 3  SER n 
1 4  LYS n 
1 5  ALA n 
1 6  VAL n 
1 7  CYS n 
1 8  ASN n 
1 9  LEU n 
1 10 PRO n 
1 11 LYS n 
1 12 LEU n 
1 13 ALA n 
1 14 GLY n 
1 15 ASP n 
1 16 GLU n 
1 17 THR n 
1 18 CYS n 
1 19 SER n 
1 20 ASN n 
1 21 LYS n 
1 22 THR n 
1 23 GLU n 
1 24 ILE n 
1 25 ARG n 
1 26 TRP n 
1 27 TYR n 
1 28 TYR n 
1 29 ASN n 
1 30 GLY n 
1 31 THR n 
1 32 ALA n 
1 33 CYS n 
1 34 GLU n 
1 35 ALA n 
1 36 PHE n 
1 37 ILE n 
1 38 PHE n 
1 39 LYS n 
1 40 GLY n 
1 41 CYS n 
1 42 GLY n 
1 43 GLY n 
1 44 ASN n 
1 45 ASP n 
1 46 ASN n 
1 47 ASN n 
1 48 PHE n 
1 49 ASP n 
1 50 ARG n 
1 51 VAL n 
1 52 ASP n 
1 53 ASP n 
1 54 CYS n 
1 55 GLN n 
1 56 ARG n 
1 57 LEU n 
1 58 CYS n 
# 
_pdbx_entity_src_syn.entity_id              1 
_pdbx_entity_src_syn.pdbx_src_id            1 
_pdbx_entity_src_syn.pdbx_alt_source_flag   sample 
_pdbx_entity_src_syn.pdbx_beg_seq_num       1 
_pdbx_entity_src_syn.pdbx_end_seq_num       58 
_pdbx_entity_src_syn.organism_scientific    'Amblyomma sculptum' 
_pdbx_entity_src_syn.organism_common_name   ? 
_pdbx_entity_src_syn.ncbi_taxonomy_id       1581419 
_pdbx_entity_src_syn.details                ? 
# 
loop_
_chem_comp.id 
_chem_comp.type 
_chem_comp.mon_nstd_flag 
_chem_comp.name 
_chem_comp.pdbx_synonyms 
_chem_comp.formula 
_chem_comp.formula_weight 
ALA 'L-peptide linking' y ALANINE         ?                 'C3 H7 N O2'     89.093  
ARG 'L-peptide linking' y ARGININE        ?                 'C6 H15 N4 O2 1' 175.209 
ASN 'L-peptide linking' y ASPARAGINE      ?                 'C4 H8 N2 O3'    132.118 
ASP 'L-peptide linking' y 'ASPARTIC ACID' ?                 'C4 H7 N O4'     133.103 
CYS 'L-peptide linking' y CYSTEINE        ?                 'C3 H7 N O2 S'   121.158 
EDO non-polymer         . 1,2-ETHANEDIOL  'ETHYLENE GLYCOL' 'C2 H6 O2'       62.068  
GLN 'L-peptide linking' y GLUTAMINE       ?                 'C5 H10 N2 O3'   146.144 
GLU 'L-peptide linking' y 'GLUTAMIC ACID' ?                 'C5 H9 N O4'     147.129 
GLY 'peptide linking'   y GLYCINE         ?                 'C2 H5 N O2'     75.067  
HOH non-polymer         . WATER           ?                 'H2 O'           18.015  
ILE 'L-peptide linking' y ISOLEUCINE      ?                 'C6 H13 N O2'    131.173 
LEU 'L-peptide linking' y LEUCINE         ?                 'C6 H13 N O2'    131.173 
LYS 'L-peptide linking' y LYSINE          ?                 'C6 H15 N2 O2 1' 147.195 
PHE 'L-peptide linking' y PHENYLALANINE   ?                 'C9 H11 N O2'    165.189 
PRO 'L-peptide linking' y PROLINE         ?                 'C5 H9 N O2'     115.130 
SER 'L-peptide linking' y SERINE          ?                 'C3 H7 N O3'     105.093 
THR 'L-peptide linking' y THREONINE       ?                 'C4 H9 N O3'     119.119 
TRP 'L-peptide linking' y TRYPTOPHAN      ?                 'C11 H12 N2 O2'  204.225 
TYR 'L-peptide linking' y TYROSINE        ?                 'C9 H11 N O3'    181.189 
VAL 'L-peptide linking' y VALINE          ?                 'C5 H11 N O2'    117.146 
# 
loop_
_pdbx_poly_seq_scheme.asym_id 
_pdbx_poly_seq_scheme.entity_id 
_pdbx_poly_seq_scheme.seq_id 
_pdbx_poly_seq_scheme.mon_id 
_pdbx_poly_seq_scheme.ndb_seq_num 
_pdbx_poly_seq_scheme.pdb_seq_num 
_pdbx_poly_seq_scheme.auth_seq_num 
_pdbx_poly_seq_scheme.pdb_mon_id 
_pdbx_poly_seq_scheme.auth_mon_id 
_pdbx_poly_seq_scheme.pdb_strand_id 
_pdbx_poly_seq_scheme.pdb_ins_code 
_pdbx_poly_seq_scheme.hetero 
A 1 1  ALA 1  1  1  ALA ALA A . n 
A 1 2  ASN 2  2  2  ASN ASN A . n 
A 1 3  SER 3  3  3  SER SER A . n 
A 1 4  LYS 4  4  4  LYS LYS A . n 
A 1 5  ALA 5  5  5  ALA ALA A . n 
A 1 6  VAL 6  6  6  VAL VAL A . n 
A 1 7  CYS 7  7  7  CYS CYS A . n 
A 1 8  ASN 8  8  8  ASN ASN A . n 
A 1 9  LEU 9  9  9  LEU LEU A . n 
A 1 10 PRO 10 10 10 PRO PRO A . n 
A 1 11 LYS 11 11 11 LYS LYS A . n 
A 1 12 LEU 12 12 12 LEU LEU A . n 
A 1 13 ALA 13 13 13 ALA ALA A . n 
A 1 14 GLY 14 14 14 GLY GLY A . n 
A 1 15 ASP 15 15 15 ASP ASP A . n 
A 1 16 GLU 16 16 16 GLU GLU A . n 
A 1 17 THR 17 17 17 THR THR A . n 
A 1 18 CYS 18 18 18 CYS CYS A . n 
A 1 19 SER 19 19 19 SER SER A . n 
A 1 20 ASN 20 20 20 ASN ASN A . n 
A 1 21 LYS 21 21 21 LYS LYS A . n 
A 1 22 THR 22 22 22 THR THR A . n 
A 1 23 GLU 23 23 23 GLU GLU A . n 
A 1 24 ILE 24 24 24 ILE ILE A . n 
A 1 25 ARG 25 25 25 ARG ARG A . n 
A 1 26 TRP 26 26 26 TRP TRP A . n 
A 1 27 TYR 27 27 27 TYR TYR A . n 
A 1 28 TYR 28 28 28 TYR TYR A . n 
A 1 29 ASN 29 29 29 ASN ASN A . n 
A 1 30 GLY 30 30 30 GLY GLY A . n 
A 1 31 THR 31 31 31 THR THR A . n 
A 1 32 ALA 32 32 32 ALA ALA A . n 
A 1 33 CYS 33 33 33 CYS CYS A . n 
A 1 34 GLU 34 34 34 GLU GLU A . n 
A 1 35 ALA 35 35 35 ALA ALA A . n 
A 1 36 PHE 36 36 36 PHE PHE A . n 
A 1 37 ILE 37 37 37 ILE ILE A . n 
A 1 38 PHE 38 38 38 PHE PHE A . n 
A 1 39 LYS 39 39 39 LYS LYS A . n 
A 1 40 GLY 40 40 40 GLY GLY A . n 
A 1 41 CYS 41 41 41 CYS CYS A . n 
A 1 42 GLY 42 42 42 GLY GLY A . n 
A 1 43 GLY 43 43 43 GLY GLY A . n 
A 1 44 ASN 44 44 44 ASN ASN A . n 
A 1 45 ASP 45 45 45 ASP ASP A . n 
A 1 46 ASN 46 46 46 ASN ASN A . n 
A 1 47 ASN 47 47 47 ASN ASN A . n 
A 1 48 PHE 48 48 48 PHE PHE A . n 
A 1 49 ASP 49 49 49 ASP ASP A . n 
A 1 50 ARG 50 50 50 ARG ARG A . n 
A 1 51 VAL 51 51 51 VAL VAL A . n 
A 1 52 ASP 52 52 52 ASP ASP A . n 
A 1 53 ASP 53 53 53 ASP ASP A . n 
A 1 54 CYS 54 54 54 CYS CYS A . n 
A 1 55 GLN 55 55 55 GLN GLN A . n 
A 1 56 ARG 56 56 56 ARG ARG A . n 
A 1 57 LEU 57 57 57 LEU LEU A . n 
A 1 58 CYS 58 58 58 CYS CYS A . n 
B 1 1  ALA 1  1  1  ALA ALA B . n 
B 1 2  ASN 2  2  2  ASN ASN B . n 
B 1 3  SER 3  3  3  SER SER B . n 
B 1 4  LYS 4  4  4  LYS LYS B . n 
B 1 5  ALA 5  5  5  ALA ALA B . n 
B 1 6  VAL 6  6  6  VAL VAL B . n 
B 1 7  CYS 7  7  7  CYS CYS B . n 
B 1 8  ASN 8  8  8  ASN ASN B . n 
B 1 9  LEU 9  9  9  LEU LEU B . n 
B 1 10 PRO 10 10 10 PRO PRO B . n 
B 1 11 LYS 11 11 11 LYS LYS B . n 
B 1 12 LEU 12 12 12 LEU LEU B . n 
B 1 13 ALA 13 13 13 ALA ALA B . n 
B 1 14 GLY 14 14 14 GLY GLY B . n 
B 1 15 ASP 15 15 15 ASP ASP B . n 
B 1 16 GLU 16 16 16 GLU GLU B . n 
B 1 17 THR 17 17 17 THR THR B . n 
B 1 18 CYS 18 18 18 CYS CYS B . n 
B 1 19 SER 19 19 19 SER SER B . n 
B 1 20 ASN 20 20 20 ASN ASN B . n 
B 1 21 LYS 21 21 21 LYS LYS B . n 
B 1 22 THR 22 22 22 THR THR B . n 
B 1 23 GLU 23 23 23 GLU GLU B . n 
B 1 24 ILE 24 24 24 ILE ILE B . n 
B 1 25 ARG 25 25 25 ARG ARG B . n 
B 1 26 TRP 26 26 26 TRP TRP B . n 
B 1 27 TYR 27 27 27 TYR TYR B . n 
B 1 28 TYR 28 28 28 TYR TYR B . n 
B 1 29 ASN 29 29 29 ASN ASN B . n 
B 1 30 GLY 30 30 30 GLY GLY B . n 
B 1 31 THR 31 31 31 THR THR B . n 
B 1 32 ALA 32 32 32 ALA ALA B . n 
B 1 33 CYS 33 33 33 CYS CYS B . n 
B 1 34 GLU 34 34 34 GLU GLU B . n 
B 1 35 ALA 35 35 35 ALA ALA B . n 
B 1 36 PHE 36 36 36 PHE PHE B . n 
B 1 37 ILE 37 37 37 ILE ILE B . n 
B 1 38 PHE 38 38 38 PHE PHE B . n 
B 1 39 LYS 39 39 39 LYS LYS B . n 
B 1 40 GLY 40 40 40 GLY GLY B . n 
B 1 41 CYS 41 41 41 CYS CYS B . n 
B 1 42 GLY 42 42 42 GLY GLY B . n 
B 1 43 GLY 43 43 43 GLY GLY B . n 
B 1 44 ASN 44 44 44 ASN ASN B . n 
B 1 45 ASP 45 45 45 ASP ASP B . n 
B 1 46 ASN 46 46 46 ASN ASN B . n 
B 1 47 ASN 47 47 47 ASN ASN B . n 
B 1 48 PHE 48 48 48 PHE PHE B . n 
B 1 49 ASP 49 49 49 ASP ASP B . n 
B 1 50 ARG 50 50 50 ARG ARG B . n 
B 1 51 VAL 51 51 51 VAL VAL B . n 
B 1 52 ASP 52 52 52 ASP ASP B . n 
B 1 53 ASP 53 53 53 ASP ASP B . n 
B 1 54 CYS 54 54 54 CYS CYS B . n 
B 1 55 GLN 55 55 55 GLN GLN B . n 
B 1 56 ARG 56 56 56 ARG ARG B . n 
B 1 57 LEU 57 57 57 LEU LEU B . n 
B 1 58 CYS 58 58 58 CYS CYS B . n 
# 
_pdbx_entity_instance_feature.ordinal        1 
_pdbx_entity_instance_feature.comp_id        EDO 
_pdbx_entity_instance_feature.asym_id        ? 
_pdbx_entity_instance_feature.seq_num        ? 
_pdbx_entity_instance_feature.auth_comp_id   EDO 
_pdbx_entity_instance_feature.auth_asym_id   ? 
_pdbx_entity_instance_feature.auth_seq_num   ? 
_pdbx_entity_instance_feature.feature_type   'SUBJECT OF INVESTIGATION' 
_pdbx_entity_instance_feature.details        ? 
# 
loop_
_pdbx_nonpoly_scheme.asym_id 
_pdbx_nonpoly_scheme.entity_id 
_pdbx_nonpoly_scheme.mon_id 
_pdbx_nonpoly_scheme.ndb_seq_num 
_pdbx_nonpoly_scheme.pdb_seq_num 
_pdbx_nonpoly_scheme.auth_seq_num 
_pdbx_nonpoly_scheme.pdb_mon_id 
_pdbx_nonpoly_scheme.auth_mon_id 
_pdbx_nonpoly_scheme.pdb_strand_id 
_pdbx_nonpoly_scheme.pdb_ins_code 
C 2 EDO 1  101 1   EDO EDO A . 
D 3 HOH 1  201 55  HOH HOH A . 
D 3 HOH 2  202 36  HOH HOH A . 
D 3 HOH 3  203 16  HOH HOH A . 
D 3 HOH 4  204 63  HOH HOH A . 
D 3 HOH 5  205 105 HOH HOH A . 
D 3 HOH 6  206 91  HOH HOH A . 
D 3 HOH 7  207 12  HOH HOH A . 
D 3 HOH 8  208 6   HOH HOH A . 
D 3 HOH 9  209 30  HOH HOH A . 
D 3 HOH 10 210 3   HOH HOH A . 
D 3 HOH 11 211 7   HOH HOH A . 
D 3 HOH 12 212 64  HOH HOH A . 
D 3 HOH 13 213 29  HOH HOH A . 
D 3 HOH 14 214 14  HOH HOH A . 
D 3 HOH 15 215 11  HOH HOH A . 
D 3 HOH 16 216 34  HOH HOH A . 
D 3 HOH 17 217 9   HOH HOH A . 
D 3 HOH 18 218 31  HOH HOH A . 
D 3 HOH 19 219 53  HOH HOH A . 
D 3 HOH 20 220 8   HOH HOH A . 
D 3 HOH 21 221 80  HOH HOH A . 
D 3 HOH 22 222 15  HOH HOH A . 
D 3 HOH 23 223 2   HOH HOH A . 
D 3 HOH 24 224 104 HOH HOH A . 
D 3 HOH 25 225 95  HOH HOH A . 
D 3 HOH 26 226 18  HOH HOH A . 
D 3 HOH 27 227 13  HOH HOH A . 
D 3 HOH 28 228 110 HOH HOH A . 
D 3 HOH 29 229 75  HOH HOH A . 
D 3 HOH 30 230 57  HOH HOH A . 
D 3 HOH 31 231 33  HOH HOH A . 
D 3 HOH 32 232 35  HOH HOH A . 
D 3 HOH 33 233 59  HOH HOH A . 
D 3 HOH 34 234 1   HOH HOH A . 
D 3 HOH 35 235 86  HOH HOH A . 
D 3 HOH 36 236 47  HOH HOH A . 
D 3 HOH 37 237 72  HOH HOH A . 
D 3 HOH 38 238 19  HOH HOH A . 
D 3 HOH 39 239 76  HOH HOH A . 
D 3 HOH 40 240 10  HOH HOH A . 
D 3 HOH 41 241 17  HOH HOH A . 
D 3 HOH 42 242 109 HOH HOH A . 
D 3 HOH 43 243 51  HOH HOH A . 
D 3 HOH 44 244 115 HOH HOH A . 
D 3 HOH 45 245 96  HOH HOH A . 
D 3 HOH 46 246 89  HOH HOH A . 
D 3 HOH 47 247 70  HOH HOH A . 
D 3 HOH 48 248 93  HOH HOH A . 
D 3 HOH 49 249 90  HOH HOH A . 
D 3 HOH 50 250 94  HOH HOH A . 
E 3 HOH 1  101 25  HOH HOH B . 
E 3 HOH 2  102 82  HOH HOH B . 
E 3 HOH 3  103 88  HOH HOH B . 
E 3 HOH 4  104 60  HOH HOH B . 
E 3 HOH 5  105 107 HOH HOH B . 
E 3 HOH 6  106 45  HOH HOH B . 
E 3 HOH 7  107 58  HOH HOH B . 
E 3 HOH 8  108 21  HOH HOH B . 
E 3 HOH 9  109 22  HOH HOH B . 
E 3 HOH 10 110 41  HOH HOH B . 
E 3 HOH 11 111 20  HOH HOH B . 
E 3 HOH 12 112 39  HOH HOH B . 
E 3 HOH 13 113 73  HOH HOH B . 
E 3 HOH 14 114 69  HOH HOH B . 
E 3 HOH 15 115 46  HOH HOH B . 
E 3 HOH 16 116 40  HOH HOH B . 
E 3 HOH 17 117 112 HOH HOH B . 
E 3 HOH 18 118 28  HOH HOH B . 
E 3 HOH 19 119 85  HOH HOH B . 
E 3 HOH 20 120 5   HOH HOH B . 
E 3 HOH 21 121 27  HOH HOH B . 
E 3 HOH 22 122 43  HOH HOH B . 
E 3 HOH 23 123 67  HOH HOH B . 
E 3 HOH 24 124 44  HOH HOH B . 
E 3 HOH 25 125 48  HOH HOH B . 
E 3 HOH 26 126 38  HOH HOH B . 
E 3 HOH 27 127 49  HOH HOH B . 
E 3 HOH 28 128 108 HOH HOH B . 
E 3 HOH 29 129 23  HOH HOH B . 
E 3 HOH 30 130 114 HOH HOH B . 
E 3 HOH 31 131 77  HOH HOH B . 
E 3 HOH 32 132 52  HOH HOH B . 
E 3 HOH 33 133 37  HOH HOH B . 
E 3 HOH 34 134 24  HOH HOH B . 
E 3 HOH 35 135 4   HOH HOH B . 
E 3 HOH 36 136 42  HOH HOH B . 
E 3 HOH 37 137 102 HOH HOH B . 
E 3 HOH 38 138 98  HOH HOH B . 
E 3 HOH 39 139 66  HOH HOH B . 
E 3 HOH 40 140 111 HOH HOH B . 
E 3 HOH 41 141 100 HOH HOH B . 
E 3 HOH 42 142 32  HOH HOH B . 
E 3 HOH 43 143 26  HOH HOH B . 
E 3 HOH 44 144 56  HOH HOH B . 
E 3 HOH 45 145 54  HOH HOH B . 
E 3 HOH 46 146 106 HOH HOH B . 
E 3 HOH 47 147 113 HOH HOH B . 
E 3 HOH 48 148 87  HOH HOH B . 
E 3 HOH 49 149 79  HOH HOH B . 
E 3 HOH 50 150 61  HOH HOH B . 
E 3 HOH 51 151 103 HOH HOH B . 
E 3 HOH 52 152 65  HOH HOH B . 
E 3 HOH 53 153 50  HOH HOH B . 
E 3 HOH 54 154 101 HOH HOH B . 
E 3 HOH 55 155 68  HOH HOH B . 
E 3 HOH 56 156 74  HOH HOH B . 
E 3 HOH 57 157 81  HOH HOH B . 
E 3 HOH 58 158 97  HOH HOH B . 
E 3 HOH 59 159 92  HOH HOH B . 
E 3 HOH 60 160 99  HOH HOH B . 
# 
loop_
_software.citation_id 
_software.classification 
_software.compiler_name 
_software.compiler_version 
_software.contact_author 
_software.contact_author_email 
_software.date 
_software.description 
_software.dependencies 
_software.hardware 
_software.language 
_software.location 
_software.mods 
_software.name 
_software.os 
_software.os_version 
_software.type 
_software.version 
_software.pdbx_ordinal 
? refinement        ? ? ? ? ? ? ? ? ? ? ? PHENIX      ? ? ? 1.18.2_3874 1 
? 'data extraction' ? ? ? ? ? ? ? ? ? ? ? PDB_EXTRACT ? ? ? 3.27        2 
? 'data reduction'  ? ? ? ? ? ? ? ? ? ? ? XDS         ? ? ? .           3 
? 'data scaling'    ? ? ? ? ? ? ? ? ? ? ? XSCALE      ? ? ? .           4 
? phasing           ? ? ? ? ? ? ? ? ? ? ? MOLREP      ? ? ? .           5 
# 
_cell.angle_alpha                  90.000 
_cell.angle_alpha_esd              ? 
_cell.angle_beta                   90.000 
_cell.angle_beta_esd               ? 
_cell.angle_gamma                  90.000 
_cell.angle_gamma_esd              ? 
_cell.entry_id                     8AJ7 
_cell.details                      ? 
_cell.formula_units_Z              ? 
_cell.length_a                     26.540 
_cell.length_a_esd                 ? 
_cell.length_b                     46.090 
_cell.length_b_esd                 ? 
_cell.length_c                     76.170 
_cell.length_c_esd                 ? 
_cell.volume                       ? 
_cell.volume_esd                   ? 
_cell.Z_PDB                        8 
_cell.reciprocal_angle_alpha       ? 
_cell.reciprocal_angle_beta        ? 
_cell.reciprocal_angle_gamma       ? 
_cell.reciprocal_angle_alpha_esd   ? 
_cell.reciprocal_angle_beta_esd    ? 
_cell.reciprocal_angle_gamma_esd   ? 
_cell.reciprocal_length_a          ? 
_cell.reciprocal_length_b          ? 
_cell.reciprocal_length_c          ? 
_cell.reciprocal_length_a_esd      ? 
_cell.reciprocal_length_b_esd      ? 
_cell.reciprocal_length_c_esd      ? 
_cell.pdbx_unique_axis             ? 
_cell.pdbx_esd_method              ? 
# 
_symmetry.entry_id                         8AJ7 
_symmetry.cell_setting                     ? 
_symmetry.Int_Tables_number                19 
_symmetry.space_group_name_Hall            ? 
_symmetry.space_group_name_H-M             'P 21 21 21' 
_symmetry.pdbx_full_space_group_name_H-M   ? 
# 
_exptl.absorpt_coefficient_mu     ? 
_exptl.absorpt_correction_T_max   ? 
_exptl.absorpt_correction_T_min   ? 
_exptl.absorpt_correction_type    ? 
_exptl.absorpt_process_details    ? 
_exptl.entry_id                   8AJ7 
_exptl.crystals_number            1 
_exptl.details                    ? 
_exptl.method                     'X-RAY DIFFRACTION' 
_exptl.method_details             ? 
# 
_exptl_crystal.colour                       ? 
_exptl_crystal.density_diffrn               ? 
_exptl_crystal.density_Matthews             1.81 
_exptl_crystal.density_method               ? 
_exptl_crystal.density_percent_sol          31.90 
_exptl_crystal.description                  ? 
_exptl_crystal.F_000                        ? 
_exptl_crystal.id                           1 
_exptl_crystal.preparation                  ? 
_exptl_crystal.size_max                     ? 
_exptl_crystal.size_mid                     ? 
_exptl_crystal.size_min                     ? 
_exptl_crystal.size_rad                     ? 
_exptl_crystal.colour_lustre                ? 
_exptl_crystal.colour_modifier              ? 
_exptl_crystal.colour_primary               ? 
_exptl_crystal.density_meas                 ? 
_exptl_crystal.density_meas_esd             ? 
_exptl_crystal.density_meas_gt              ? 
_exptl_crystal.density_meas_lt              ? 
_exptl_crystal.density_meas_temp            ? 
_exptl_crystal.density_meas_temp_esd        ? 
_exptl_crystal.density_meas_temp_gt         ? 
_exptl_crystal.density_meas_temp_lt         ? 
_exptl_crystal.pdbx_crystal_image_url       ? 
_exptl_crystal.pdbx_crystal_image_format    ? 
_exptl_crystal.pdbx_mosaicity               ? 
_exptl_crystal.pdbx_mosaicity_esd           ? 
_exptl_crystal.pdbx_mosaic_method           ? 
_exptl_crystal.pdbx_mosaic_block_size       ? 
_exptl_crystal.pdbx_mosaic_block_size_esd   ? 
# 
_exptl_crystal_grow.apparatus       ? 
_exptl_crystal_grow.atmosphere      ? 
_exptl_crystal_grow.crystal_id      1 
_exptl_crystal_grow.details         ? 
_exptl_crystal_grow.method          'VAPOR DIFFUSION, SITTING DROP' 
_exptl_crystal_grow.method_ref      ? 
_exptl_crystal_grow.pH              ? 
_exptl_crystal_grow.pressure        ? 
_exptl_crystal_grow.pressure_esd    ? 
_exptl_crystal_grow.seeding         ? 
_exptl_crystal_grow.seeding_ref     ? 
_exptl_crystal_grow.temp            293 
_exptl_crystal_grow.temp_details    ? 
_exptl_crystal_grow.temp_esd        ? 
_exptl_crystal_grow.time            ? 
_exptl_crystal_grow.pdbx_details    
'Protein: 9 mg/ml. Precipitant: 50%  (36% PEG 600, 0.1 HEPES pH 7.5) and 50% (36% PEG 2000, 0.1 sodium cacodylate pH 6.5)' 
_exptl_crystal_grow.pdbx_pH_range   6.5-7.5 
# 
_diffrn.ambient_environment              ? 
_diffrn.ambient_temp                     100 
_diffrn.ambient_temp_details             ? 
_diffrn.ambient_temp_esd                 ? 
_diffrn.crystal_id                       1 
_diffrn.crystal_support                  ? 
_diffrn.crystal_treatment                ? 
_diffrn.details                          ? 
_diffrn.id                               1 
_diffrn.ambient_pressure                 ? 
_diffrn.ambient_pressure_esd             ? 
_diffrn.ambient_pressure_gt              ? 
_diffrn.ambient_pressure_lt              ? 
_diffrn.ambient_temp_gt                  ? 
_diffrn.ambient_temp_lt                  ? 
_diffrn.pdbx_serial_crystal_experiment   N 
# 
_diffrn_detector.details                      ? 
_diffrn_detector.detector                     PIXEL 
_diffrn_detector.diffrn_id                    1 
_diffrn_detector.type                         'DECTRIS EIGER X 9M' 
_diffrn_detector.area_resol_mean              ? 
_diffrn_detector.dtime                        ? 
_diffrn_detector.pdbx_frames_total            ? 
_diffrn_detector.pdbx_collection_time_total   ? 
_diffrn_detector.pdbx_collection_date         2016-03-18 
_diffrn_detector.pdbx_frequency               ? 
# 
_diffrn_radiation.collimation                      ? 
_diffrn_radiation.diffrn_id                        1 
_diffrn_radiation.filter_edge                      ? 
_diffrn_radiation.inhomogeneity                    ? 
_diffrn_radiation.monochromator                    ? 
_diffrn_radiation.polarisn_norm                    ? 
_diffrn_radiation.polarisn_ratio                   ? 
_diffrn_radiation.probe                            ? 
_diffrn_radiation.type                             ? 
_diffrn_radiation.xray_symbol                      ? 
_diffrn_radiation.wavelength_id                    1 
_diffrn_radiation.pdbx_monochromatic_or_laue_m_l   M 
_diffrn_radiation.pdbx_wavelength_list             ? 
_diffrn_radiation.pdbx_wavelength                  ? 
_diffrn_radiation.pdbx_diffrn_protocol             'SINGLE WAVELENGTH' 
_diffrn_radiation.pdbx_analyzer                    ? 
_diffrn_radiation.pdbx_scattering_type             x-ray 
# 
_diffrn_radiation_wavelength.id           1 
_diffrn_radiation_wavelength.wavelength   0.980 
_diffrn_radiation_wavelength.wt           1.0 
# 
_diffrn_source.current                     ? 
_diffrn_source.details                     ? 
_diffrn_source.diffrn_id                   1 
_diffrn_source.power                       ? 
_diffrn_source.size                        ? 
_diffrn_source.source                      SYNCHROTRON 
_diffrn_source.target                      ? 
_diffrn_source.type                        'SOLEIL BEAMLINE PROXIMA 2' 
_diffrn_source.voltage                     ? 
_diffrn_source.take-off_angle              ? 
_diffrn_source.pdbx_wavelength_list        0.980 
_diffrn_source.pdbx_wavelength             ? 
_diffrn_source.pdbx_synchrotron_beamline   'PROXIMA 2' 
_diffrn_source.pdbx_synchrotron_site       SOLEIL 
# 
_reflns.B_iso_Wilson_estimate                          ? 
_reflns.entry_id                                       8AJ7 
_reflns.data_reduction_details                         ? 
_reflns.data_reduction_method                          ? 
_reflns.d_resolution_high                              1.6 
_reflns.d_resolution_low                               39.43 
_reflns.details                                        ? 
_reflns.limit_h_max                                    ? 
_reflns.limit_h_min                                    ? 
_reflns.limit_k_max                                    ? 
_reflns.limit_k_min                                    ? 
_reflns.limit_l_max                                    ? 
_reflns.limit_l_min                                    ? 
_reflns.number_all                                     ? 
_reflns.number_obs                                     22828 
_reflns.observed_criterion                             ? 
_reflns.observed_criterion_F_max                       ? 
_reflns.observed_criterion_F_min                       ? 
_reflns.observed_criterion_I_max                       ? 
_reflns.observed_criterion_I_min                       ? 
_reflns.observed_criterion_sigma_F                     ? 
_reflns.observed_criterion_sigma_I                     ? 
_reflns.percent_possible_obs                           96.2 
_reflns.R_free_details                                 ? 
_reflns.Rmerge_F_all                                   ? 
_reflns.Rmerge_F_obs                                   ? 
_reflns.Friedel_coverage                               ? 
_reflns.number_gt                                      ? 
_reflns.threshold_expression                           ? 
_reflns.pdbx_redundancy                                14.9 
_reflns.pdbx_Rmerge_I_obs                              ? 
_reflns.pdbx_Rmerge_I_all                              ? 
_reflns.pdbx_Rsym_value                                ? 
_reflns.pdbx_netI_over_av_sigmaI                       ? 
_reflns.pdbx_netI_over_sigmaI                          8.7 
_reflns.pdbx_res_netI_over_av_sigmaI_2                 ? 
_reflns.pdbx_res_netI_over_sigmaI_2                    ? 
_reflns.pdbx_chi_squared                               ? 
_reflns.pdbx_scaling_rejects                           ? 
_reflns.pdbx_d_res_high_opt                            ? 
_reflns.pdbx_d_res_low_opt                             ? 
_reflns.pdbx_d_res_opt_method                          ? 
_reflns.phase_calculation_details                      ? 
_reflns.pdbx_Rrim_I_all                                ? 
_reflns.pdbx_Rpim_I_all                                ? 
_reflns.pdbx_d_opt                                     ? 
_reflns.pdbx_number_measured_all                       ? 
_reflns.pdbx_diffrn_id                                 1 
_reflns.pdbx_ordinal                                   1 
_reflns.pdbx_CC_half                                   0.99 
_reflns.pdbx_CC_star                                   ? 
_reflns.pdbx_R_split                                   ? 
_reflns.pdbx_aniso_diffraction_limit_axis_1_ortho[1]   ? 
_reflns.pdbx_aniso_diffraction_limit_axis_1_ortho[2]   ? 
_reflns.pdbx_aniso_diffraction_limit_axis_1_ortho[3]   ? 
_reflns.pdbx_aniso_diffraction_limit_axis_2_ortho[1]   ? 
_reflns.pdbx_aniso_diffraction_limit_axis_2_ortho[2]   ? 
_reflns.pdbx_aniso_diffraction_limit_axis_2_ortho[3]   ? 
_reflns.pdbx_aniso_diffraction_limit_axis_3_ortho[1]   ? 
_reflns.pdbx_aniso_diffraction_limit_axis_3_ortho[2]   ? 
_reflns.pdbx_aniso_diffraction_limit_axis_3_ortho[3]   ? 
_reflns.pdbx_aniso_diffraction_limit_1                 ? 
_reflns.pdbx_aniso_diffraction_limit_2                 ? 
_reflns.pdbx_aniso_diffraction_limit_3                 ? 
_reflns.pdbx_aniso_B_tensor_eigenvector_1_ortho[1]     ? 
_reflns.pdbx_aniso_B_tensor_eigenvector_1_ortho[2]     ? 
_reflns.pdbx_aniso_B_tensor_eigenvector_1_ortho[3]     ? 
_reflns.pdbx_aniso_B_tensor_eigenvector_2_ortho[1]     ? 
_reflns.pdbx_aniso_B_tensor_eigenvector_2_ortho[2]     ? 
_reflns.pdbx_aniso_B_tensor_eigenvector_2_ortho[3]     ? 
_reflns.pdbx_aniso_B_tensor_eigenvector_3_ortho[1]     ? 
_reflns.pdbx_aniso_B_tensor_eigenvector_3_ortho[2]     ? 
_reflns.pdbx_aniso_B_tensor_eigenvector_3_ortho[3]     ? 
_reflns.pdbx_aniso_B_tensor_eigenvalue_1               ? 
_reflns.pdbx_aniso_B_tensor_eigenvalue_2               ? 
_reflns.pdbx_aniso_B_tensor_eigenvalue_3               ? 
_reflns.pdbx_orthogonalization_convention              ? 
_reflns.pdbx_percent_possible_ellipsoidal              ? 
_reflns.pdbx_percent_possible_spherical                ? 
_reflns.pdbx_percent_possible_ellipsoidal_anomalous    ? 
_reflns.pdbx_percent_possible_spherical_anomalous      ? 
_reflns.pdbx_redundancy_anomalous                      ? 
_reflns.pdbx_CC_half_anomalous                         ? 
_reflns.pdbx_absDiff_over_sigma_anomalous              ? 
_reflns.pdbx_percent_possible_anomalous                ? 
_reflns.pdbx_observed_signal_threshold                 ? 
_reflns.pdbx_signal_type                               ? 
_reflns.pdbx_signal_details                            ? 
_reflns.pdbx_signal_software_id                        ? 
_reflns.pdbx_CC_split_method                           ? 
# 
_reflns_shell.d_res_high                                    1.6 
_reflns_shell.d_res_low                                     1.7 
_reflns_shell.meanI_over_sigI_all                           ? 
_reflns_shell.meanI_over_sigI_obs                           ? 
_reflns_shell.number_measured_all                           ? 
_reflns_shell.number_measured_obs                           ? 
_reflns_shell.number_possible                               ? 
_reflns_shell.number_unique_all                             ? 
_reflns_shell.number_unique_obs                             1578 
_reflns_shell.percent_possible_all                          ? 
_reflns_shell.percent_possible_obs                          ? 
_reflns_shell.Rmerge_F_all                                  ? 
_reflns_shell.Rmerge_F_obs                                  ? 
_reflns_shell.Rmerge_I_all                                  ? 
_reflns_shell.Rmerge_I_obs                                  ? 
_reflns_shell.meanI_over_sigI_gt                            ? 
_reflns_shell.meanI_over_uI_all                             ? 
_reflns_shell.meanI_over_uI_gt                              ? 
_reflns_shell.number_measured_gt                            ? 
_reflns_shell.number_unique_gt                              ? 
_reflns_shell.percent_possible_gt                           ? 
_reflns_shell.Rmerge_F_gt                                   ? 
_reflns_shell.Rmerge_I_gt                                   ? 
_reflns_shell.pdbx_redundancy                               ? 
_reflns_shell.pdbx_Rsym_value                               ? 
_reflns_shell.pdbx_chi_squared                              ? 
_reflns_shell.pdbx_netI_over_sigmaI_all                     ? 
_reflns_shell.pdbx_netI_over_sigmaI_obs                     ? 
_reflns_shell.pdbx_Rrim_I_all                               ? 
_reflns_shell.pdbx_Rpim_I_all                               ? 
_reflns_shell.pdbx_rejects                                  ? 
_reflns_shell.pdbx_ordinal                                  1 
_reflns_shell.pdbx_diffrn_id                                1 
_reflns_shell.pdbx_CC_half                                  0.5 
_reflns_shell.pdbx_CC_star                                  ? 
_reflns_shell.pdbx_R_split                                  ? 
_reflns_shell.pdbx_percent_possible_ellipsoidal             ? 
_reflns_shell.pdbx_percent_possible_spherical               ? 
_reflns_shell.pdbx_percent_possible_ellipsoidal_anomalous   ? 
_reflns_shell.pdbx_percent_possible_spherical_anomalous     ? 
_reflns_shell.pdbx_redundancy_anomalous                     ? 
_reflns_shell.pdbx_CC_half_anomalous                        ? 
_reflns_shell.pdbx_absDiff_over_sigma_anomalous             ? 
_reflns_shell.pdbx_percent_possible_anomalous               ? 
# 
_refine.aniso_B[1][1]                            ? 
_refine.aniso_B[1][2]                            ? 
_refine.aniso_B[1][3]                            ? 
_refine.aniso_B[2][2]                            ? 
_refine.aniso_B[2][3]                            ? 
_refine.aniso_B[3][3]                            ? 
_refine.B_iso_max                                61.450 
_refine.B_iso_mean                               26.3790 
_refine.B_iso_min                                14.050 
_refine.correlation_coeff_Fo_to_Fc               ? 
_refine.correlation_coeff_Fo_to_Fc_free          ? 
_refine.details                                  ? 
_refine.diff_density_max                         ? 
_refine.diff_density_max_esd                     ? 
_refine.diff_density_min                         ? 
_refine.diff_density_min_esd                     ? 
_refine.diff_density_rms                         ? 
_refine.diff_density_rms_esd                     ? 
_refine.entry_id                                 8AJ7 
_refine.pdbx_refine_id                           'X-RAY DIFFRACTION' 
_refine.ls_abs_structure_details                 ? 
_refine.ls_abs_structure_Flack                   ? 
_refine.ls_abs_structure_Flack_esd               ? 
_refine.ls_abs_structure_Rogers                  ? 
_refine.ls_abs_structure_Rogers_esd              ? 
_refine.ls_d_res_high                            1.6000 
_refine.ls_d_res_low                             39.4300 
_refine.ls_extinction_coef                       ? 
_refine.ls_extinction_coef_esd                   ? 
_refine.ls_extinction_expression                 ? 
_refine.ls_extinction_method                     ? 
_refine.ls_goodness_of_fit_all                   ? 
_refine.ls_goodness_of_fit_all_esd               ? 
_refine.ls_goodness_of_fit_obs                   ? 
_refine.ls_goodness_of_fit_obs_esd               ? 
_refine.ls_hydrogen_treatment                    ? 
_refine.ls_matrix_type                           ? 
_refine.ls_number_constraints                    ? 
_refine.ls_number_parameters                     ? 
_refine.ls_number_reflns_all                     ? 
_refine.ls_number_reflns_obs                     22828 
_refine.ls_number_reflns_R_free                  1131 
_refine.ls_number_reflns_R_work                  21697 
_refine.ls_number_restraints                     ? 
_refine.ls_percent_reflns_obs                    95.6900 
_refine.ls_percent_reflns_R_free                 4.9500 
_refine.ls_R_factor_all                          ? 
_refine.ls_R_factor_obs                          0.2580 
_refine.ls_R_factor_R_free                       0.2975 
_refine.ls_R_factor_R_free_error                 ? 
_refine.ls_R_factor_R_free_error_details         ? 
_refine.ls_R_factor_R_work                       0.2560 
_refine.ls_R_Fsqd_factor_obs                     ? 
_refine.ls_R_I_factor_obs                        ? 
_refine.ls_redundancy_reflns_all                 ? 
_refine.ls_redundancy_reflns_obs                 ? 
_refine.ls_restrained_S_all                      ? 
_refine.ls_restrained_S_obs                      ? 
_refine.ls_shift_over_esd_max                    ? 
_refine.ls_shift_over_esd_mean                   ? 
_refine.ls_structure_factor_coef                 ? 
_refine.ls_weighting_details                     ? 
_refine.ls_weighting_scheme                      ? 
_refine.ls_wR_factor_all                         ? 
_refine.ls_wR_factor_obs                         ? 
_refine.ls_wR_factor_R_free                      ? 
_refine.ls_wR_factor_R_work                      ? 
_refine.occupancy_max                            ? 
_refine.occupancy_min                            ? 
_refine.solvent_model_details                    'FLAT BULK SOLVENT MODEL' 
_refine.solvent_model_param_bsol                 ? 
_refine.solvent_model_param_ksol                 ? 
_refine.pdbx_R_complete                          ? 
_refine.ls_R_factor_gt                           ? 
_refine.ls_goodness_of_fit_gt                    ? 
_refine.ls_goodness_of_fit_ref                   ? 
_refine.ls_shift_over_su_max                     ? 
_refine.ls_shift_over_su_max_lt                  ? 
_refine.ls_shift_over_su_mean                    ? 
_refine.ls_shift_over_su_mean_lt                 ? 
_refine.pdbx_ls_sigma_I                          ? 
_refine.pdbx_ls_sigma_F                          1.290 
_refine.pdbx_ls_sigma_Fsqd                       ? 
_refine.pdbx_data_cutoff_high_absF               ? 
_refine.pdbx_data_cutoff_high_rms_absF           ? 
_refine.pdbx_data_cutoff_low_absF                ? 
_refine.pdbx_isotropic_thermal_model             ? 
_refine.pdbx_ls_cross_valid_method               THROUGHOUT 
_refine.pdbx_method_to_determine_struct          'MOLECULAR REPLACEMENT' 
_refine.pdbx_starting_model                      1Y62 
_refine.pdbx_stereochemistry_target_values       ML 
_refine.pdbx_R_Free_selection_details            ? 
_refine.pdbx_stereochem_target_val_spec_case     ? 
_refine.pdbx_overall_ESU_R                       ? 
_refine.pdbx_overall_ESU_R_Free                  ? 
_refine.pdbx_solvent_vdw_probe_radii             1.1100 
_refine.pdbx_solvent_ion_probe_radii             ? 
_refine.pdbx_solvent_shrinkage_radii             0.9000 
_refine.pdbx_real_space_R                        ? 
_refine.pdbx_density_correlation                 ? 
_refine.pdbx_pd_number_of_powder_patterns        ? 
_refine.pdbx_pd_number_of_points                 ? 
_refine.pdbx_pd_meas_number_of_points            ? 
_refine.pdbx_pd_proc_ls_prof_R_factor            ? 
_refine.pdbx_pd_proc_ls_prof_wR_factor           ? 
_refine.pdbx_pd_Marquardt_correlation_coeff      ? 
_refine.pdbx_pd_Fsqrd_R_factor                   ? 
_refine.pdbx_pd_ls_matrix_band_width             ? 
_refine.pdbx_overall_phase_error                 49.2400 
_refine.pdbx_overall_SU_R_free_Cruickshank_DPI   ? 
_refine.pdbx_overall_SU_R_free_Blow_DPI          ? 
_refine.pdbx_overall_SU_R_Blow_DPI               ? 
_refine.pdbx_TLS_residual_ADP_flag               ? 
_refine.pdbx_diffrn_id                           1 
_refine.overall_SU_B                             ? 
_refine.overall_SU_ML                            0.3400 
_refine.overall_SU_R_Cruickshank_DPI             ? 
_refine.overall_SU_R_free                        ? 
_refine.overall_FOM_free_R_set                   ? 
_refine.overall_FOM_work_R_set                   ? 
_refine.pdbx_average_fsc_overall                 ? 
_refine.pdbx_average_fsc_work                    ? 
_refine.pdbx_average_fsc_free                    ? 
# 
_refine_hist.pdbx_refine_id                   'X-RAY DIFFRACTION' 
_refine_hist.cycle_id                         final 
_refine_hist.details                          ? 
_refine_hist.d_res_high                       1.6000 
_refine_hist.d_res_low                        39.4300 
_refine_hist.number_atoms_solvent             110 
_refine_hist.number_atoms_total               1010 
_refine_hist.number_reflns_all                ? 
_refine_hist.number_reflns_obs                ? 
_refine_hist.number_reflns_R_free             ? 
_refine_hist.number_reflns_R_work             ? 
_refine_hist.R_factor_all                     ? 
_refine_hist.R_factor_obs                     ? 
_refine_hist.R_factor_R_free                  ? 
_refine_hist.R_factor_R_work                  ? 
_refine_hist.pdbx_number_residues_total       116 
_refine_hist.pdbx_B_iso_mean_ligand           42.34 
_refine_hist.pdbx_B_iso_mean_solvent          38.07 
_refine_hist.pdbx_number_atoms_protein        896 
_refine_hist.pdbx_number_atoms_nucleic_acid   0 
_refine_hist.pdbx_number_atoms_ligand         4 
_refine_hist.pdbx_number_atoms_lipid          ? 
_refine_hist.pdbx_number_atoms_carb           ? 
_refine_hist.pdbx_pseudo_atom_details         ? 
# 
loop_
_refine_ls_shell.pdbx_refine_id 
_refine_ls_shell.d_res_high 
_refine_ls_shell.d_res_low 
_refine_ls_shell.number_reflns_all 
_refine_ls_shell.number_reflns_obs 
_refine_ls_shell.number_reflns_R_free 
_refine_ls_shell.number_reflns_R_work 
_refine_ls_shell.percent_reflns_obs 
_refine_ls_shell.percent_reflns_R_free 
_refine_ls_shell.R_factor_all 
_refine_ls_shell.R_factor_obs 
_refine_ls_shell.R_factor_R_free 
_refine_ls_shell.R_factor_R_free_error 
_refine_ls_shell.R_factor_R_work 
_refine_ls_shell.redundancy_reflns_all 
_refine_ls_shell.redundancy_reflns_obs 
_refine_ls_shell.wR_factor_all 
_refine_ls_shell.wR_factor_obs 
_refine_ls_shell.wR_factor_R_free 
_refine_ls_shell.wR_factor_R_work 
_refine_ls_shell.pdbx_R_complete 
_refine_ls_shell.pdbx_total_number_of_bins_used 
_refine_ls_shell.pdbx_phase_error 
_refine_ls_shell.pdbx_fsc_work 
_refine_ls_shell.pdbx_fsc_free 
'X-RAY DIFFRACTION' 1.6000 1.6700 . . 111 2105 74.0000  . . . 0.4766 0.0000 0.4537 . . . . . . . . . . . 
'X-RAY DIFFRACTION' 1.6700 1.7600 . . 138 2673 94.0000  . . . 0.5212 0.0000 0.4778 . . . . . . . . . . . 
'X-RAY DIFFRACTION' 1.7600 1.8700 . . 144 2775 99.0000  . . . 0.4613 0.0000 0.4053 . . . . . . . . . . . 
'X-RAY DIFFRACTION' 1.8700 2.0100 . . 149 2835 100.0000 . . . 0.3783 0.0000 0.3016 . . . . . . . . . . . 
'X-RAY DIFFRACTION' 2.0100 2.2200 . . 146 2853 100.0000 . . . 0.2820 0.0000 0.2741 . . . . . . . . . . . 
'X-RAY DIFFRACTION' 2.2200 2.5400 . . 151 2800 100.0000 . . . 0.2491 0.0000 0.2239 . . . . . . . . . . . 
'X-RAY DIFFRACTION' 2.5400 3.2000 . . 148 2830 100.0000 . . . 0.2486 0.0000 0.2169 . . . . . . . . . . . 
# 
_struct.entry_id                     8AJ7 
_struct.title                        'Kunitz domain of Amblyomin-X' 
_struct.pdbx_model_details           ? 
_struct.pdbx_formula_weight          ? 
_struct.pdbx_formula_weight_method   ? 
_struct.pdbx_model_type_details      ? 
_struct.pdbx_CASP_flag               N 
# 
_struct_keywords.entry_id        8AJ7 
_struct_keywords.text            'kunitz domain, toxin, antitumor drug, Amblyomma sculptum tick' 
_struct_keywords.pdbx_keywords   TOXIN 
# 
loop_
_struct_asym.id 
_struct_asym.pdbx_blank_PDB_chainid_flag 
_struct_asym.pdbx_modified 
_struct_asym.entity_id 
_struct_asym.details 
A N N 1 ? 
B N N 1 ? 
C N N 2 ? 
D N N 3 ? 
E N N 3 ? 
# 
_struct_ref.id                         1 
_struct_ref.db_name                    PDB 
_struct_ref.db_code                    8AJ7 
_struct_ref.pdbx_db_accession          8AJ7 
_struct_ref.pdbx_db_isoform            ? 
_struct_ref.entity_id                  1 
_struct_ref.pdbx_seq_one_letter_code   ? 
_struct_ref.pdbx_align_begin           1 
# 
loop_
_struct_ref_seq.align_id 
_struct_ref_seq.ref_id 
_struct_ref_seq.pdbx_PDB_id_code 
_struct_ref_seq.pdbx_strand_id 
_struct_ref_seq.seq_align_beg 
_struct_ref_seq.pdbx_seq_align_beg_ins_code 
_struct_ref_seq.seq_align_end 
_struct_ref_seq.pdbx_seq_align_end_ins_code 
_struct_ref_seq.pdbx_db_accession 
_struct_ref_seq.db_align_beg 
_struct_ref_seq.pdbx_db_align_beg_ins_code 
_struct_ref_seq.db_align_end 
_struct_ref_seq.pdbx_db_align_end_ins_code 
_struct_ref_seq.pdbx_auth_seq_align_beg 
_struct_ref_seq.pdbx_auth_seq_align_end 
1 1 8AJ7 A 1 ? 58 ? 8AJ7 1 ? 58 ? 1 58 
2 1 8AJ7 B 1 ? 58 ? 8AJ7 1 ? 58 ? 1 58 
# 
loop_
_pdbx_struct_assembly.id 
_pdbx_struct_assembly.details 
_pdbx_struct_assembly.method_details 
_pdbx_struct_assembly.oligomeric_details 
_pdbx_struct_assembly.oligomeric_count 
1 author_defined_assembly ? monomeric 1 
2 author_defined_assembly ? monomeric 1 
# 
loop_
_pdbx_struct_assembly_gen.assembly_id 
_pdbx_struct_assembly_gen.oper_expression 
_pdbx_struct_assembly_gen.asym_id_list 
1 1 A,C,D 
2 1 B,E   
# 
_pdbx_struct_assembly_auth_evidence.id                     1 
_pdbx_struct_assembly_auth_evidence.assembly_id            1 
_pdbx_struct_assembly_auth_evidence.experimental_support   'mass spectrometry' 
_pdbx_struct_assembly_auth_evidence.details                ? 
# 
_pdbx_struct_oper_list.id                   1 
_pdbx_struct_oper_list.type                 'identity operation' 
_pdbx_struct_oper_list.name                 1_555 
_pdbx_struct_oper_list.symmetry_operation   x,y,z 
_pdbx_struct_oper_list.matrix[1][1]         1.0000000000 
_pdbx_struct_oper_list.matrix[1][2]         0.0000000000 
_pdbx_struct_oper_list.matrix[1][3]         0.0000000000 
_pdbx_struct_oper_list.vector[1]            0.0000000000 
_pdbx_struct_oper_list.matrix[2][1]         0.0000000000 
_pdbx_struct_oper_list.matrix[2][2]         1.0000000000 
_pdbx_struct_oper_list.matrix[2][3]         0.0000000000 
_pdbx_struct_oper_list.vector[2]            0.0000000000 
_pdbx_struct_oper_list.matrix[3][1]         0.0000000000 
_pdbx_struct_oper_list.matrix[3][2]         0.0000000000 
_pdbx_struct_oper_list.matrix[3][3]         1.0000000000 
_pdbx_struct_oper_list.vector[3]            0.0000000000 
# 
loop_
_struct_conf.conf_type_id 
_struct_conf.id 
_struct_conf.pdbx_PDB_helix_id 
_struct_conf.beg_label_comp_id 
_struct_conf.beg_label_asym_id 
_struct_conf.beg_label_seq_id 
_struct_conf.pdbx_beg_PDB_ins_code 
_struct_conf.end_label_comp_id 
_struct_conf.end_label_asym_id 
_struct_conf.end_label_seq_id 
_struct_conf.pdbx_end_PDB_ins_code 
_struct_conf.beg_auth_comp_id 
_struct_conf.beg_auth_asym_id 
_struct_conf.beg_auth_seq_id 
_struct_conf.end_auth_comp_id 
_struct_conf.end_auth_asym_id 
_struct_conf.end_auth_seq_id 
_struct_conf.pdbx_PDB_helix_class 
_struct_conf.details 
_struct_conf.pdbx_PDB_helix_length 
HELX_P HELX_P1 AA1 SER A 3  ? LEU A 9  ? SER A 3  LEU A 9  5 ? 7 
HELX_P HELX_P2 AA2 ARG A 50 ? CYS A 58 ? ARG A 50 CYS A 58 1 ? 9 
HELX_P HELX_P3 AA3 SER B 3  ? LEU B 9  ? SER B 3  LEU B 9  5 ? 7 
HELX_P HELX_P4 AA4 ARG B 50 ? CYS B 58 ? ARG B 50 CYS B 58 1 ? 9 
# 
_struct_conf_type.id          HELX_P 
_struct_conf_type.criteria    ? 
_struct_conf_type.reference   ? 
# 
loop_
_struct_conn.id 
_struct_conn.conn_type_id 
_struct_conn.pdbx_leaving_atom_flag 
_struct_conn.pdbx_PDB_id 
_struct_conn.ptnr1_label_asym_id 
_struct_conn.ptnr1_label_comp_id 
_struct_conn.ptnr1_label_seq_id 
_struct_conn.ptnr1_label_atom_id 
_struct_conn.pdbx_ptnr1_label_alt_id 
_struct_conn.pdbx_ptnr1_PDB_ins_code 
_struct_conn.pdbx_ptnr1_standard_comp_id 
_struct_conn.ptnr1_symmetry 
_struct_conn.ptnr2_label_asym_id 
_struct_conn.ptnr2_label_comp_id 
_struct_conn.ptnr2_label_seq_id 
_struct_conn.ptnr2_label_atom_id 
_struct_conn.pdbx_ptnr2_label_alt_id 
_struct_conn.pdbx_ptnr2_PDB_ins_code 
_struct_conn.ptnr1_auth_asym_id 
_struct_conn.ptnr1_auth_comp_id 
_struct_conn.ptnr1_auth_seq_id 
_struct_conn.ptnr2_auth_asym_id 
_struct_conn.ptnr2_auth_comp_id 
_struct_conn.ptnr2_auth_seq_id 
_struct_conn.ptnr2_symmetry 
_struct_conn.pdbx_ptnr3_label_atom_id 
_struct_conn.pdbx_ptnr3_label_seq_id 
_struct_conn.pdbx_ptnr3_label_comp_id 
_struct_conn.pdbx_ptnr3_label_asym_id 
_struct_conn.pdbx_ptnr3_label_alt_id 
_struct_conn.pdbx_ptnr3_PDB_ins_code 
_struct_conn.details 
_struct_conn.pdbx_dist_value 
_struct_conn.pdbx_value_order 
_struct_conn.pdbx_role 
disulf1 disulf ? ? A CYS 7  SG ? ? ? 1_555 A CYS 58 SG ? ? A CYS 7  A CYS 58 1_555 ? ? ? ? ? ? ? 2.051 ? ? 
disulf2 disulf ? ? A CYS 18 SG ? ? ? 1_555 A CYS 41 SG ? ? A CYS 18 A CYS 41 1_555 ? ? ? ? ? ? ? 2.073 ? ? 
disulf3 disulf ? ? A CYS 33 SG ? ? ? 1_555 A CYS 54 SG ? ? A CYS 33 A CYS 54 1_555 ? ? ? ? ? ? ? 2.060 ? ? 
disulf4 disulf ? ? B CYS 7  SG ? ? ? 1_555 B CYS 58 SG ? ? B CYS 7  B CYS 58 1_555 ? ? ? ? ? ? ? 2.043 ? ? 
disulf5 disulf ? ? B CYS 18 SG ? ? ? 1_555 B CYS 41 SG ? ? B CYS 18 B CYS 41 1_555 ? ? ? ? ? ? ? 2.069 ? ? 
disulf6 disulf ? ? B CYS 33 SG ? ? ? 1_555 B CYS 54 SG ? ? B CYS 33 B CYS 54 1_555 ? ? ? ? ? ? ? 2.047 ? ? 
# 
_struct_conn_type.id          disulf 
_struct_conn_type.criteria    ? 
_struct_conn_type.reference   ? 
# 
loop_
_pdbx_modification_feature.ordinal 
_pdbx_modification_feature.label_comp_id 
_pdbx_modification_feature.label_asym_id 
_pdbx_modification_feature.label_seq_id 
_pdbx_modification_feature.label_alt_id 
_pdbx_modification_feature.modified_residue_label_comp_id 
_pdbx_modification_feature.modified_residue_label_asym_id 
_pdbx_modification_feature.modified_residue_label_seq_id 
_pdbx_modification_feature.modified_residue_label_alt_id 
_pdbx_modification_feature.auth_comp_id 
_pdbx_modification_feature.auth_asym_id 
_pdbx_modification_feature.auth_seq_id 
_pdbx_modification_feature.PDB_ins_code 
_pdbx_modification_feature.symmetry 
_pdbx_modification_feature.modified_residue_auth_comp_id 
_pdbx_modification_feature.modified_residue_auth_asym_id 
_pdbx_modification_feature.modified_residue_auth_seq_id 
_pdbx_modification_feature.modified_residue_PDB_ins_code 
_pdbx_modification_feature.modified_residue_symmetry 
_pdbx_modification_feature.comp_id_linking_atom 
_pdbx_modification_feature.modified_residue_id_linking_atom 
_pdbx_modification_feature.modified_residue_id 
_pdbx_modification_feature.ref_pcm_id 
_pdbx_modification_feature.ref_comp_id 
_pdbx_modification_feature.type 
_pdbx_modification_feature.category 
1 CYS A 7  ? CYS A 58 ? CYS A 7  ? 1_555 CYS A 58 ? 1_555 SG SG . . . None 'Disulfide bridge' 
2 CYS A 18 ? CYS A 41 ? CYS A 18 ? 1_555 CYS A 41 ? 1_555 SG SG . . . None 'Disulfide bridge' 
3 CYS A 33 ? CYS A 54 ? CYS A 33 ? 1_555 CYS A 54 ? 1_555 SG SG . . . None 'Disulfide bridge' 
4 CYS B 7  ? CYS B 58 ? CYS B 7  ? 1_555 CYS B 58 ? 1_555 SG SG . . . None 'Disulfide bridge' 
5 CYS B 18 ? CYS B 41 ? CYS B 18 ? 1_555 CYS B 41 ? 1_555 SG SG . . . None 'Disulfide bridge' 
6 CYS B 33 ? CYS B 54 ? CYS B 33 ? 1_555 CYS B 54 ? 1_555 SG SG . . . None 'Disulfide bridge' 
# 
loop_
_struct_sheet.id 
_struct_sheet.type 
_struct_sheet.number_strands 
_struct_sheet.details 
AA1 ? 2 ? 
AA2 ? 2 ? 
# 
loop_
_struct_sheet_order.sheet_id 
_struct_sheet_order.range_id_1 
_struct_sheet_order.range_id_2 
_struct_sheet_order.offset 
_struct_sheet_order.sense 
AA1 1 2 ? anti-parallel 
AA2 1 2 ? anti-parallel 
# 
loop_
_struct_sheet_range.sheet_id 
_struct_sheet_range.id 
_struct_sheet_range.beg_label_comp_id 
_struct_sheet_range.beg_label_asym_id 
_struct_sheet_range.beg_label_seq_id 
_struct_sheet_range.pdbx_beg_PDB_ins_code 
_struct_sheet_range.end_label_comp_id 
_struct_sheet_range.end_label_asym_id 
_struct_sheet_range.end_label_seq_id 
_struct_sheet_range.pdbx_end_PDB_ins_code 
_struct_sheet_range.beg_auth_comp_id 
_struct_sheet_range.beg_auth_asym_id 
_struct_sheet_range.beg_auth_seq_id 
_struct_sheet_range.end_auth_comp_id 
_struct_sheet_range.end_auth_asym_id 
_struct_sheet_range.end_auth_seq_id 
AA1 1 GLU A 23 ? TYR A 28 ? GLU A 23 TYR A 28 
AA1 2 CYS A 33 ? PHE A 38 ? CYS A 33 PHE A 38 
AA2 1 GLU B 23 ? TYR B 28 ? GLU B 23 TYR B 28 
AA2 2 CYS B 33 ? PHE B 38 ? CYS B 33 PHE B 38 
# 
loop_
_pdbx_struct_sheet_hbond.sheet_id 
_pdbx_struct_sheet_hbond.range_id_1 
_pdbx_struct_sheet_hbond.range_id_2 
_pdbx_struct_sheet_hbond.range_1_label_atom_id 
_pdbx_struct_sheet_hbond.range_1_label_comp_id 
_pdbx_struct_sheet_hbond.range_1_label_asym_id 
_pdbx_struct_sheet_hbond.range_1_label_seq_id 
_pdbx_struct_sheet_hbond.range_1_PDB_ins_code 
_pdbx_struct_sheet_hbond.range_1_auth_atom_id 
_pdbx_struct_sheet_hbond.range_1_auth_comp_id 
_pdbx_struct_sheet_hbond.range_1_auth_asym_id 
_pdbx_struct_sheet_hbond.range_1_auth_seq_id 
_pdbx_struct_sheet_hbond.range_2_label_atom_id 
_pdbx_struct_sheet_hbond.range_2_label_comp_id 
_pdbx_struct_sheet_hbond.range_2_label_asym_id 
_pdbx_struct_sheet_hbond.range_2_label_seq_id 
_pdbx_struct_sheet_hbond.range_2_PDB_ins_code 
_pdbx_struct_sheet_hbond.range_2_auth_atom_id 
_pdbx_struct_sheet_hbond.range_2_auth_comp_id 
_pdbx_struct_sheet_hbond.range_2_auth_asym_id 
_pdbx_struct_sheet_hbond.range_2_auth_seq_id 
AA1 1 2 N TYR A 27 ? N TYR A 27 O GLU A 34 ? O GLU A 34 
AA2 1 2 N TYR B 27 ? N TYR B 27 O GLU B 34 ? O GLU B 34 
# 
_pdbx_entry_details.entry_id                   8AJ7 
_pdbx_entry_details.has_ligand_of_interest     Y 
_pdbx_entry_details.compound_details           ? 
_pdbx_entry_details.source_details             ? 
_pdbx_entry_details.nonpolymer_details         ? 
_pdbx_entry_details.sequence_details           ? 
_pdbx_entry_details.has_protein_modification   Y 
# 
loop_
_pdbx_validate_close_contact.id 
_pdbx_validate_close_contact.PDB_model_num 
_pdbx_validate_close_contact.auth_atom_id_1 
_pdbx_validate_close_contact.auth_asym_id_1 
_pdbx_validate_close_contact.auth_comp_id_1 
_pdbx_validate_close_contact.auth_seq_id_1 
_pdbx_validate_close_contact.PDB_ins_code_1 
_pdbx_validate_close_contact.label_alt_id_1 
_pdbx_validate_close_contact.auth_atom_id_2 
_pdbx_validate_close_contact.auth_asym_id_2 
_pdbx_validate_close_contact.auth_comp_id_2 
_pdbx_validate_close_contact.auth_seq_id_2 
_pdbx_validate_close_contact.PDB_ins_code_2 
_pdbx_validate_close_contact.label_alt_id_2 
_pdbx_validate_close_contact.dist 
1 1 N A ALA 1   ? ? O A HOH 201 ? B 1.84 
2 1 O B HOH 104 ? ? O B HOH 130 ? ? 2.11 
# 
loop_
_pdbx_validate_symm_contact.id 
_pdbx_validate_symm_contact.PDB_model_num 
_pdbx_validate_symm_contact.auth_atom_id_1 
_pdbx_validate_symm_contact.auth_asym_id_1 
_pdbx_validate_symm_contact.auth_comp_id_1 
_pdbx_validate_symm_contact.auth_seq_id_1 
_pdbx_validate_symm_contact.PDB_ins_code_1 
_pdbx_validate_symm_contact.label_alt_id_1 
_pdbx_validate_symm_contact.site_symmetry_1 
_pdbx_validate_symm_contact.auth_atom_id_2 
_pdbx_validate_symm_contact.auth_asym_id_2 
_pdbx_validate_symm_contact.auth_comp_id_2 
_pdbx_validate_symm_contact.auth_seq_id_2 
_pdbx_validate_symm_contact.PDB_ins_code_2 
_pdbx_validate_symm_contact.label_alt_id_2 
_pdbx_validate_symm_contact.site_symmetry_2 
_pdbx_validate_symm_contact.dist 
1 1 O B HOH 150 ? ? 1_555 O B HOH 155 ? ? 4_558 2.14 
2 1 O A HOH 204 ? ? 1_555 O A HOH 212 ? ? 4_557 2.16 
# 
loop_
_pdbx_validate_torsion.id 
_pdbx_validate_torsion.PDB_model_num 
_pdbx_validate_torsion.auth_comp_id 
_pdbx_validate_torsion.auth_asym_id 
_pdbx_validate_torsion.auth_seq_id 
_pdbx_validate_torsion.PDB_ins_code 
_pdbx_validate_torsion.label_alt_id 
_pdbx_validate_torsion.phi 
_pdbx_validate_torsion.psi 
1 1 ASN A 2  ? ? -163.15 101.63 
2 1 ASN A 2  ? ? -163.15 101.38 
3 1 ASN A 47 ? ? -164.09 111.47 
4 1 VAL B 6  ? ? -35.56  -38.27 
5 1 ASN B 47 ? ? -163.93 110.60 
# 
loop_
_chem_comp_atom.comp_id 
_chem_comp_atom.atom_id 
_chem_comp_atom.type_symbol 
_chem_comp_atom.pdbx_aromatic_flag 
_chem_comp_atom.pdbx_stereo_config 
_chem_comp_atom.pdbx_ordinal 
ALA N    N N N 1   
ALA CA   C N S 2   
ALA C    C N N 3   
ALA O    O N N 4   
ALA CB   C N N 5   
ALA OXT  O N N 6   
ALA H    H N N 7   
ALA H2   H N N 8   
ALA HA   H N N 9   
ALA HB1  H N N 10  
ALA HB2  H N N 11  
ALA HB3  H N N 12  
ALA HXT  H N N 13  
ARG N    N N N 14  
ARG CA   C N S 15  
ARG C    C N N 16  
ARG O    O N N 17  
ARG CB   C N N 18  
ARG CG   C N N 19  
ARG CD   C N N 20  
ARG NE   N N N 21  
ARG CZ   C N N 22  
ARG NH1  N N N 23  
ARG NH2  N N N 24  
ARG OXT  O N N 25  
ARG H    H N N 26  
ARG H2   H N N 27  
ARG HA   H N N 28  
ARG HB2  H N N 29  
ARG HB3  H N N 30  
ARG HG2  H N N 31  
ARG HG3  H N N 32  
ARG HD2  H N N 33  
ARG HD3  H N N 34  
ARG HE   H N N 35  
ARG HH11 H N N 36  
ARG HH12 H N N 37  
ARG HH21 H N N 38  
ARG HH22 H N N 39  
ARG HXT  H N N 40  
ASN N    N N N 41  
ASN CA   C N S 42  
ASN C    C N N 43  
ASN O    O N N 44  
ASN CB   C N N 45  
ASN CG   C N N 46  
ASN OD1  O N N 47  
ASN ND2  N N N 48  
ASN OXT  O N N 49  
ASN H    H N N 50  
ASN H2   H N N 51  
ASN HA   H N N 52  
ASN HB2  H N N 53  
ASN HB3  H N N 54  
ASN HD21 H N N 55  
ASN HD22 H N N 56  
ASN HXT  H N N 57  
ASP N    N N N 58  
ASP CA   C N S 59  
ASP C    C N N 60  
ASP O    O N N 61  
ASP CB   C N N 62  
ASP CG   C N N 63  
ASP OD1  O N N 64  
ASP OD2  O N N 65  
ASP OXT  O N N 66  
ASP H    H N N 67  
ASP H2   H N N 68  
ASP HA   H N N 69  
ASP HB2  H N N 70  
ASP HB3  H N N 71  
ASP HD2  H N N 72  
ASP HXT  H N N 73  
CYS N    N N N 74  
CYS CA   C N R 75  
CYS C    C N N 76  
CYS O    O N N 77  
CYS CB   C N N 78  
CYS SG   S N N 79  
CYS OXT  O N N 80  
CYS H    H N N 81  
CYS H2   H N N 82  
CYS HA   H N N 83  
CYS HB2  H N N 84  
CYS HB3  H N N 85  
CYS HG   H N N 86  
CYS HXT  H N N 87  
EDO C1   C N N 88  
EDO O1   O N N 89  
EDO C2   C N N 90  
EDO O2   O N N 91  
EDO H11  H N N 92  
EDO H12  H N N 93  
EDO HO1  H N N 94  
EDO H21  H N N 95  
EDO H22  H N N 96  
EDO HO2  H N N 97  
GLN N    N N N 98  
GLN CA   C N S 99  
GLN C    C N N 100 
GLN O    O N N 101 
GLN CB   C N N 102 
GLN CG   C N N 103 
GLN CD   C N N 104 
GLN OE1  O N N 105 
GLN NE2  N N N 106 
GLN OXT  O N N 107 
GLN H    H N N 108 
GLN H2   H N N 109 
GLN HA   H N N 110 
GLN HB2  H N N 111 
GLN HB3  H N N 112 
GLN HG2  H N N 113 
GLN HG3  H N N 114 
GLN HE21 H N N 115 
GLN HE22 H N N 116 
GLN HXT  H N N 117 
GLU N    N N N 118 
GLU CA   C N S 119 
GLU C    C N N 120 
GLU O    O N N 121 
GLU CB   C N N 122 
GLU CG   C N N 123 
GLU CD   C N N 124 
GLU OE1  O N N 125 
GLU OE2  O N N 126 
GLU OXT  O N N 127 
GLU H    H N N 128 
GLU H2   H N N 129 
GLU HA   H N N 130 
GLU HB2  H N N 131 
GLU HB3  H N N 132 
GLU HG2  H N N 133 
GLU HG3  H N N 134 
GLU HE2  H N N 135 
GLU HXT  H N N 136 
GLY N    N N N 137 
GLY CA   C N N 138 
GLY C    C N N 139 
GLY O    O N N 140 
GLY OXT  O N N 141 
GLY H    H N N 142 
GLY H2   H N N 143 
GLY HA2  H N N 144 
GLY HA3  H N N 145 
GLY HXT  H N N 146 
HOH O    O N N 147 
HOH H1   H N N 148 
HOH H2   H N N 149 
ILE N    N N N 150 
ILE CA   C N S 151 
ILE C    C N N 152 
ILE O    O N N 153 
ILE CB   C N S 154 
ILE CG1  C N N 155 
ILE CG2  C N N 156 
ILE CD1  C N N 157 
ILE OXT  O N N 158 
ILE H    H N N 159 
ILE H2   H N N 160 
ILE HA   H N N 161 
ILE HB   H N N 162 
ILE HG12 H N N 163 
ILE HG13 H N N 164 
ILE HG21 H N N 165 
ILE HG22 H N N 166 
ILE HG23 H N N 167 
ILE HD11 H N N 168 
ILE HD12 H N N 169 
ILE HD13 H N N 170 
ILE HXT  H N N 171 
LEU N    N N N 172 
LEU CA   C N S 173 
LEU C    C N N 174 
LEU O    O N N 175 
LEU CB   C N N 176 
LEU CG   C N N 177 
LEU CD1  C N N 178 
LEU CD2  C N N 179 
LEU OXT  O N N 180 
LEU H    H N N 181 
LEU H2   H N N 182 
LEU HA   H N N 183 
LEU HB2  H N N 184 
LEU HB3  H N N 185 
LEU HG   H N N 186 
LEU HD11 H N N 187 
LEU HD12 H N N 188 
LEU HD13 H N N 189 
LEU HD21 H N N 190 
LEU HD22 H N N 191 
LEU HD23 H N N 192 
LEU HXT  H N N 193 
LYS N    N N N 194 
LYS CA   C N S 195 
LYS C    C N N 196 
LYS O    O N N 197 
LYS CB   C N N 198 
LYS CG   C N N 199 
LYS CD   C N N 200 
LYS CE   C N N 201 
LYS NZ   N N N 202 
LYS OXT  O N N 203 
LYS H    H N N 204 
LYS H2   H N N 205 
LYS HA   H N N 206 
LYS HB2  H N N 207 
LYS HB3  H N N 208 
LYS HG2  H N N 209 
LYS HG3  H N N 210 
LYS HD2  H N N 211 
LYS HD3  H N N 212 
LYS HE2  H N N 213 
LYS HE3  H N N 214 
LYS HZ1  H N N 215 
LYS HZ2  H N N 216 
LYS HZ3  H N N 217 
LYS HXT  H N N 218 
PHE N    N N N 219 
PHE CA   C N S 220 
PHE C    C N N 221 
PHE O    O N N 222 
PHE CB   C N N 223 
PHE CG   C Y N 224 
PHE CD1  C Y N 225 
PHE CD2  C Y N 226 
PHE CE1  C Y N 227 
PHE CE2  C Y N 228 
PHE CZ   C Y N 229 
PHE OXT  O N N 230 
PHE H    H N N 231 
PHE H2   H N N 232 
PHE HA   H N N 233 
PHE HB2  H N N 234 
PHE HB3  H N N 235 
PHE HD1  H N N 236 
PHE HD2  H N N 237 
PHE HE1  H N N 238 
PHE HE2  H N N 239 
PHE HZ   H N N 240 
PHE HXT  H N N 241 
PRO N    N N N 242 
PRO CA   C N S 243 
PRO C    C N N 244 
PRO O    O N N 245 
PRO CB   C N N 246 
PRO CG   C N N 247 
PRO CD   C N N 248 
PRO OXT  O N N 249 
PRO H    H N N 250 
PRO HA   H N N 251 
PRO HB2  H N N 252 
PRO HB3  H N N 253 
PRO HG2  H N N 254 
PRO HG3  H N N 255 
PRO HD2  H N N 256 
PRO HD3  H N N 257 
PRO HXT  H N N 258 
SER N    N N N 259 
SER CA   C N S 260 
SER C    C N N 261 
SER O    O N N 262 
SER CB   C N N 263 
SER OG   O N N 264 
SER OXT  O N N 265 
SER H    H N N 266 
SER H2   H N N 267 
SER HA   H N N 268 
SER HB2  H N N 269 
SER HB3  H N N 270 
SER HG   H N N 271 
SER HXT  H N N 272 
THR N    N N N 273 
THR CA   C N S 274 
THR C    C N N 275 
THR O    O N N 276 
THR CB   C N R 277 
THR OG1  O N N 278 
THR CG2  C N N 279 
THR OXT  O N N 280 
THR H    H N N 281 
THR H2   H N N 282 
THR HA   H N N 283 
THR HB   H N N 284 
THR HG1  H N N 285 
THR HG21 H N N 286 
THR HG22 H N N 287 
THR HG23 H N N 288 
THR HXT  H N N 289 
TRP N    N N N 290 
TRP CA   C N S 291 
TRP C    C N N 292 
TRP O    O N N 293 
TRP CB   C N N 294 
TRP CG   C Y N 295 
TRP CD1  C Y N 296 
TRP CD2  C Y N 297 
TRP NE1  N Y N 298 
TRP CE2  C Y N 299 
TRP CE3  C Y N 300 
TRP CZ2  C Y N 301 
TRP CZ3  C Y N 302 
TRP CH2  C Y N 303 
TRP OXT  O N N 304 
TRP H    H N N 305 
TRP H2   H N N 306 
TRP HA   H N N 307 
TRP HB2  H N N 308 
TRP HB3  H N N 309 
TRP HD1  H N N 310 
TRP HE1  H N N 311 
TRP HE3  H N N 312 
TRP HZ2  H N N 313 
TRP HZ3  H N N 314 
TRP HH2  H N N 315 
TRP HXT  H N N 316 
TYR N    N N N 317 
TYR CA   C N S 318 
TYR C    C N N 319 
TYR O    O N N 320 
TYR CB   C N N 321 
TYR CG   C Y N 322 
TYR CD1  C Y N 323 
TYR CD2  C Y N 324 
TYR CE1  C Y N 325 
TYR CE2  C Y N 326 
TYR CZ   C Y N 327 
TYR OH   O N N 328 
TYR OXT  O N N 329 
TYR H    H N N 330 
TYR H2   H N N 331 
TYR HA   H N N 332 
TYR HB2  H N N 333 
TYR HB3  H N N 334 
TYR HD1  H N N 335 
TYR HD2  H N N 336 
TYR HE1  H N N 337 
TYR HE2  H N N 338 
TYR HH   H N N 339 
TYR HXT  H N N 340 
VAL N    N N N 341 
VAL CA   C N S 342 
VAL C    C N N 343 
VAL O    O N N 344 
VAL CB   C N N 345 
VAL CG1  C N N 346 
VAL CG2  C N N 347 
VAL OXT  O N N 348 
VAL H    H N N 349 
VAL H2   H N N 350 
VAL HA   H N N 351 
VAL HB   H N N 352 
VAL HG11 H N N 353 
VAL HG12 H N N 354 
VAL HG13 H N N 355 
VAL HG21 H N N 356 
VAL HG22 H N N 357 
VAL HG23 H N N 358 
VAL HXT  H N N 359 
# 
loop_
_chem_comp_bond.comp_id 
_chem_comp_bond.atom_id_1 
_chem_comp_bond.atom_id_2 
_chem_comp_bond.value_order 
_chem_comp_bond.pdbx_aromatic_flag 
_chem_comp_bond.pdbx_stereo_config 
_chem_comp_bond.pdbx_ordinal 
ALA N   CA   sing N N 1   
ALA N   H    sing N N 2   
ALA N   H2   sing N N 3   
ALA CA  C    sing N N 4   
ALA CA  CB   sing N N 5   
ALA CA  HA   sing N N 6   
ALA C   O    doub N N 7   
ALA C   OXT  sing N N 8   
ALA CB  HB1  sing N N 9   
ALA CB  HB2  sing N N 10  
ALA CB  HB3  sing N N 11  
ALA OXT HXT  sing N N 12  
ARG N   CA   sing N N 13  
ARG N   H    sing N N 14  
ARG N   H2   sing N N 15  
ARG CA  C    sing N N 16  
ARG CA  CB   sing N N 17  
ARG CA  HA   sing N N 18  
ARG C   O    doub N N 19  
ARG C   OXT  sing N N 20  
ARG CB  CG   sing N N 21  
ARG CB  HB2  sing N N 22  
ARG CB  HB3  sing N N 23  
ARG CG  CD   sing N N 24  
ARG CG  HG2  sing N N 25  
ARG CG  HG3  sing N N 26  
ARG CD  NE   sing N N 27  
ARG CD  HD2  sing N N 28  
ARG CD  HD3  sing N N 29  
ARG NE  CZ   sing N N 30  
ARG NE  HE   sing N N 31  
ARG CZ  NH1  sing N N 32  
ARG CZ  NH2  doub N N 33  
ARG NH1 HH11 sing N N 34  
ARG NH1 HH12 sing N N 35  
ARG NH2 HH21 sing N N 36  
ARG NH2 HH22 sing N N 37  
ARG OXT HXT  sing N N 38  
ASN N   CA   sing N N 39  
ASN N   H    sing N N 40  
ASN N   H2   sing N N 41  
ASN CA  C    sing N N 42  
ASN CA  CB   sing N N 43  
ASN CA  HA   sing N N 44  
ASN C   O    doub N N 45  
ASN C   OXT  sing N N 46  
ASN CB  CG   sing N N 47  
ASN CB  HB2  sing N N 48  
ASN CB  HB3  sing N N 49  
ASN CG  OD1  doub N N 50  
ASN CG  ND2  sing N N 51  
ASN ND2 HD21 sing N N 52  
ASN ND2 HD22 sing N N 53  
ASN OXT HXT  sing N N 54  
ASP N   CA   sing N N 55  
ASP N   H    sing N N 56  
ASP N   H2   sing N N 57  
ASP CA  C    sing N N 58  
ASP CA  CB   sing N N 59  
ASP CA  HA   sing N N 60  
ASP C   O    doub N N 61  
ASP C   OXT  sing N N 62  
ASP CB  CG   sing N N 63  
ASP CB  HB2  sing N N 64  
ASP CB  HB3  sing N N 65  
ASP CG  OD1  doub N N 66  
ASP CG  OD2  sing N N 67  
ASP OD2 HD2  sing N N 68  
ASP OXT HXT  sing N N 69  
CYS N   CA   sing N N 70  
CYS N   H    sing N N 71  
CYS N   H2   sing N N 72  
CYS CA  C    sing N N 73  
CYS CA  CB   sing N N 74  
CYS CA  HA   sing N N 75  
CYS C   O    doub N N 76  
CYS C   OXT  sing N N 77  
CYS CB  SG   sing N N 78  
CYS CB  HB2  sing N N 79  
CYS CB  HB3  sing N N 80  
CYS SG  HG   sing N N 81  
CYS OXT HXT  sing N N 82  
EDO C1  O1   sing N N 83  
EDO C1  C2   sing N N 84  
EDO C1  H11  sing N N 85  
EDO C1  H12  sing N N 86  
EDO O1  HO1  sing N N 87  
EDO C2  O2   sing N N 88  
EDO C2  H21  sing N N 89  
EDO C2  H22  sing N N 90  
EDO O2  HO2  sing N N 91  
GLN N   CA   sing N N 92  
GLN N   H    sing N N 93  
GLN N   H2   sing N N 94  
GLN CA  C    sing N N 95  
GLN CA  CB   sing N N 96  
GLN CA  HA   sing N N 97  
GLN C   O    doub N N 98  
GLN C   OXT  sing N N 99  
GLN CB  CG   sing N N 100 
GLN CB  HB2  sing N N 101 
GLN CB  HB3  sing N N 102 
GLN CG  CD   sing N N 103 
GLN CG  HG2  sing N N 104 
GLN CG  HG3  sing N N 105 
GLN CD  OE1  doub N N 106 
GLN CD  NE2  sing N N 107 
GLN NE2 HE21 sing N N 108 
GLN NE2 HE22 sing N N 109 
GLN OXT HXT  sing N N 110 
GLU N   CA   sing N N 111 
GLU N   H    sing N N 112 
GLU N   H2   sing N N 113 
GLU CA  C    sing N N 114 
GLU CA  CB   sing N N 115 
GLU CA  HA   sing N N 116 
GLU C   O    doub N N 117 
GLU C   OXT  sing N N 118 
GLU CB  CG   sing N N 119 
GLU CB  HB2  sing N N 120 
GLU CB  HB3  sing N N 121 
GLU CG  CD   sing N N 122 
GLU CG  HG2  sing N N 123 
GLU CG  HG3  sing N N 124 
GLU CD  OE1  doub N N 125 
GLU CD  OE2  sing N N 126 
GLU OE2 HE2  sing N N 127 
GLU OXT HXT  sing N N 128 
GLY N   CA   sing N N 129 
GLY N   H    sing N N 130 
GLY N   H2   sing N N 131 
GLY CA  C    sing N N 132 
GLY CA  HA2  sing N N 133 
GLY CA  HA3  sing N N 134 
GLY C   O    doub N N 135 
GLY C   OXT  sing N N 136 
GLY OXT HXT  sing N N 137 
HOH O   H1   sing N N 138 
HOH O   H2   sing N N 139 
ILE N   CA   sing N N 140 
ILE N   H    sing N N 141 
ILE N   H2   sing N N 142 
ILE CA  C    sing N N 143 
ILE CA  CB   sing N N 144 
ILE CA  HA   sing N N 145 
ILE C   O    doub N N 146 
ILE C   OXT  sing N N 147 
ILE CB  CG1  sing N N 148 
ILE CB  CG2  sing N N 149 
ILE CB  HB   sing N N 150 
ILE CG1 CD1  sing N N 151 
ILE CG1 HG12 sing N N 152 
ILE CG1 HG13 sing N N 153 
ILE CG2 HG21 sing N N 154 
ILE CG2 HG22 sing N N 155 
ILE CG2 HG23 sing N N 156 
ILE CD1 HD11 sing N N 157 
ILE CD1 HD12 sing N N 158 
ILE CD1 HD13 sing N N 159 
ILE OXT HXT  sing N N 160 
LEU N   CA   sing N N 161 
LEU N   H    sing N N 162 
LEU N   H2   sing N N 163 
LEU CA  C    sing N N 164 
LEU CA  CB   sing N N 165 
LEU CA  HA   sing N N 166 
LEU C   O    doub N N 167 
LEU C   OXT  sing N N 168 
LEU CB  CG   sing N N 169 
LEU CB  HB2  sing N N 170 
LEU CB  HB3  sing N N 171 
LEU CG  CD1  sing N N 172 
LEU CG  CD2  sing N N 173 
LEU CG  HG   sing N N 174 
LEU CD1 HD11 sing N N 175 
LEU CD1 HD12 sing N N 176 
LEU CD1 HD13 sing N N 177 
LEU CD2 HD21 sing N N 178 
LEU CD2 HD22 sing N N 179 
LEU CD2 HD23 sing N N 180 
LEU OXT HXT  sing N N 181 
LYS N   CA   sing N N 182 
LYS N   H    sing N N 183 
LYS N   H2   sing N N 184 
LYS CA  C    sing N N 185 
LYS CA  CB   sing N N 186 
LYS CA  HA   sing N N 187 
LYS C   O    doub N N 188 
LYS C   OXT  sing N N 189 
LYS CB  CG   sing N N 190 
LYS CB  HB2  sing N N 191 
LYS CB  HB3  sing N N 192 
LYS CG  CD   sing N N 193 
LYS CG  HG2  sing N N 194 
LYS CG  HG3  sing N N 195 
LYS CD  CE   sing N N 196 
LYS CD  HD2  sing N N 197 
LYS CD  HD3  sing N N 198 
LYS CE  NZ   sing N N 199 
LYS CE  HE2  sing N N 200 
LYS CE  HE3  sing N N 201 
LYS NZ  HZ1  sing N N 202 
LYS NZ  HZ2  sing N N 203 
LYS NZ  HZ3  sing N N 204 
LYS OXT HXT  sing N N 205 
PHE N   CA   sing N N 206 
PHE N   H    sing N N 207 
PHE N   H2   sing N N 208 
PHE CA  C    sing N N 209 
PHE CA  CB   sing N N 210 
PHE CA  HA   sing N N 211 
PHE C   O    doub N N 212 
PHE C   OXT  sing N N 213 
PHE CB  CG   sing N N 214 
PHE CB  HB2  sing N N 215 
PHE CB  HB3  sing N N 216 
PHE CG  CD1  doub Y N 217 
PHE CG  CD2  sing Y N 218 
PHE CD1 CE1  sing Y N 219 
PHE CD1 HD1  sing N N 220 
PHE CD2 CE2  doub Y N 221 
PHE CD2 HD2  sing N N 222 
PHE CE1 CZ   doub Y N 223 
PHE CE1 HE1  sing N N 224 
PHE CE2 CZ   sing Y N 225 
PHE CE2 HE2  sing N N 226 
PHE CZ  HZ   sing N N 227 
PHE OXT HXT  sing N N 228 
PRO N   CA   sing N N 229 
PRO N   CD   sing N N 230 
PRO N   H    sing N N 231 
PRO CA  C    sing N N 232 
PRO CA  CB   sing N N 233 
PRO CA  HA   sing N N 234 
PRO C   O    doub N N 235 
PRO C   OXT  sing N N 236 
PRO CB  CG   sing N N 237 
PRO CB  HB2  sing N N 238 
PRO CB  HB3  sing N N 239 
PRO CG  CD   sing N N 240 
PRO CG  HG2  sing N N 241 
PRO CG  HG3  sing N N 242 
PRO CD  HD2  sing N N 243 
PRO CD  HD3  sing N N 244 
PRO OXT HXT  sing N N 245 
SER N   CA   sing N N 246 
SER N   H    sing N N 247 
SER N   H2   sing N N 248 
SER CA  C    sing N N 249 
SER CA  CB   sing N N 250 
SER CA  HA   sing N N 251 
SER C   O    doub N N 252 
SER C   OXT  sing N N 253 
SER CB  OG   sing N N 254 
SER CB  HB2  sing N N 255 
SER CB  HB3  sing N N 256 
SER OG  HG   sing N N 257 
SER OXT HXT  sing N N 258 
THR N   CA   sing N N 259 
THR N   H    sing N N 260 
THR N   H2   sing N N 261 
THR CA  C    sing N N 262 
THR CA  CB   sing N N 263 
THR CA  HA   sing N N 264 
THR C   O    doub N N 265 
THR C   OXT  sing N N 266 
THR CB  OG1  sing N N 267 
THR CB  CG2  sing N N 268 
THR CB  HB   sing N N 269 
THR OG1 HG1  sing N N 270 
THR CG2 HG21 sing N N 271 
THR CG2 HG22 sing N N 272 
THR CG2 HG23 sing N N 273 
THR OXT HXT  sing N N 274 
TRP N   CA   sing N N 275 
TRP N   H    sing N N 276 
TRP N   H2   sing N N 277 
TRP CA  C    sing N N 278 
TRP CA  CB   sing N N 279 
TRP CA  HA   sing N N 280 
TRP C   O    doub N N 281 
TRP C   OXT  sing N N 282 
TRP CB  CG   sing N N 283 
TRP CB  HB2  sing N N 284 
TRP CB  HB3  sing N N 285 
TRP CG  CD1  doub Y N 286 
TRP CG  CD2  sing Y N 287 
TRP CD1 NE1  sing Y N 288 
TRP CD1 HD1  sing N N 289 
TRP CD2 CE2  doub Y N 290 
TRP CD2 CE3  sing Y N 291 
TRP NE1 CE2  sing Y N 292 
TRP NE1 HE1  sing N N 293 
TRP CE2 CZ2  sing Y N 294 
TRP CE3 CZ3  doub Y N 295 
TRP CE3 HE3  sing N N 296 
TRP CZ2 CH2  doub Y N 297 
TRP CZ2 HZ2  sing N N 298 
TRP CZ3 CH2  sing Y N 299 
TRP CZ3 HZ3  sing N N 300 
TRP CH2 HH2  sing N N 301 
TRP OXT HXT  sing N N 302 
TYR N   CA   sing N N 303 
TYR N   H    sing N N 304 
TYR N   H2   sing N N 305 
TYR CA  C    sing N N 306 
TYR CA  CB   sing N N 307 
TYR CA  HA   sing N N 308 
TYR C   O    doub N N 309 
TYR C   OXT  sing N N 310 
TYR CB  CG   sing N N 311 
TYR CB  HB2  sing N N 312 
TYR CB  HB3  sing N N 313 
TYR CG  CD1  doub Y N 314 
TYR CG  CD2  sing Y N 315 
TYR CD1 CE1  sing Y N 316 
TYR CD1 HD1  sing N N 317 
TYR CD2 CE2  doub Y N 318 
TYR CD2 HD2  sing N N 319 
TYR CE1 CZ   doub Y N 320 
TYR CE1 HE1  sing N N 321 
TYR CE2 CZ   sing Y N 322 
TYR CE2 HE2  sing N N 323 
TYR CZ  OH   sing N N 324 
TYR OH  HH   sing N N 325 
TYR OXT HXT  sing N N 326 
VAL N   CA   sing N N 327 
VAL N   H    sing N N 328 
VAL N   H2   sing N N 329 
VAL CA  C    sing N N 330 
VAL CA  CB   sing N N 331 
VAL CA  HA   sing N N 332 
VAL C   O    doub N N 333 
VAL C   OXT  sing N N 334 
VAL CB  CG1  sing N N 335 
VAL CB  CG2  sing N N 336 
VAL CB  HB   sing N N 337 
VAL CG1 HG11 sing N N 338 
VAL CG1 HG12 sing N N 339 
VAL CG1 HG13 sing N N 340 
VAL CG2 HG21 sing N N 341 
VAL CG2 HG22 sing N N 342 
VAL CG2 HG23 sing N N 343 
VAL OXT HXT  sing N N 344 
# 
_pdbx_audit_support.funding_organization   'French Alternative Energies and Atomic Energy Commission (CEA)' 
_pdbx_audit_support.country                France 
_pdbx_audit_support.grant_number           OSLOC104BUTADS 
_pdbx_audit_support.ordinal                1 
# 
_pdbx_initial_refinement_model.id               1 
_pdbx_initial_refinement_model.entity_id_list   ? 
_pdbx_initial_refinement_model.type             'experimental model' 
_pdbx_initial_refinement_model.source_name      PDB 
_pdbx_initial_refinement_model.accession_code   1Y62 
_pdbx_initial_refinement_model.details          ? 
# 
_atom_sites.entry_id                    8AJ7 
_atom_sites.Cartn_transf_matrix[1][1]   ? 
_atom_sites.Cartn_transf_matrix[1][2]   ? 
_atom_sites.Cartn_transf_matrix[1][3]   ? 
_atom_sites.Cartn_transf_matrix[2][1]   ? 
_atom_sites.Cartn_transf_matrix[2][2]   ? 
_atom_sites.Cartn_transf_matrix[2][3]   ? 
_atom_sites.Cartn_transf_matrix[3][1]   ? 
_atom_sites.Cartn_transf_matrix[3][2]   ? 
_atom_sites.Cartn_transf_matrix[3][3]   ? 
_atom_sites.Cartn_transf_vector[1]      ? 
_atom_sites.Cartn_transf_vector[2]      ? 
_atom_sites.Cartn_transf_vector[3]      ? 
_atom_sites.fract_transf_matrix[1][1]   0.01742093 
_atom_sites.fract_transf_matrix[1][2]   -0.02520052 
_atom_sites.fract_transf_matrix[1][3]   0.02193519 
_atom_sites.fract_transf_matrix[2][1]   0.01810565 
_atom_sites.fract_transf_matrix[2][2]   0.01193746 
_atom_sites.fract_transf_matrix[2][3]   -0.00066501 
_atom_sites.fract_transf_matrix[3][1]   -0.00393606 
_atom_sites.fract_transf_matrix[3][2]   0.00656410 
_atom_sites.fract_transf_matrix[3][3]   0.01066727 
_atom_sites.fract_transf_vector[1]      0.139569 
_atom_sites.fract_transf_vector[2]      0.273452 
_atom_sites.fract_transf_vector[3]      1.315007 
_atom_sites.solution_primary            ? 
_atom_sites.solution_secondary          ? 
_atom_sites.solution_hydrogens          ? 
_atom_sites.special_details             ? 
# 
loop_
_atom_type.symbol 
C 
N 
O 
S 
# 
loop_
_atom_site.group_PDB 
_atom_site.id 
_atom_site.type_symbol 
_atom_site.label_atom_id 
_atom_site.label_alt_id 
_atom_site.label_comp_id 
_atom_site.label_asym_id 
_atom_site.label_entity_id 
_atom_site.label_seq_id 
_atom_site.pdbx_PDB_ins_code 
_atom_site.Cartn_x 
_atom_site.Cartn_y 
_atom_site.Cartn_z 
_atom_site.occupancy 
_atom_site.B_iso_or_equiv 
_atom_site.pdbx_formal_charge 
_atom_site.auth_seq_id 
_atom_site.auth_comp_id 
_atom_site.auth_asym_id 
_atom_site.auth_atom_id 
_atom_site.pdbx_PDB_model_num 
ATOM   1    N N   . ALA A 1 1  ? -14.127 -10.659 -15.002 1.00 39.59 ? 1   ALA A N   1 
ATOM   2    C CA  . ALA A 1 1  ? -12.652 -10.686 -14.938 1.00 39.97 ? 1   ALA A CA  1 
ATOM   3    C C   . ALA A 1 1  ? -12.193 -10.237 -13.549 1.00 41.80 ? 1   ALA A C   1 
ATOM   4    O O   . ALA A 1 1  ? -13.037 -10.051 -12.685 1.00 35.51 ? 1   ALA A O   1 
ATOM   5    C CB  . ALA A 1 1  ? -12.075 -9.856  -16.051 1.00 51.06 ? 1   ALA A CB  1 
ATOM   6    N N   . ASN A 1 2  ? -10.884 -10.155 -13.348 1.00 41.16 ? 2   ASN A N   1 
ATOM   7    C CA  . ASN A 1 2  ? -10.307 -9.762  -12.075 1.00 37.68 ? 2   ASN A CA  1 
ATOM   8    C C   . ASN A 1 2  ? -8.865  -9.384  -12.375 1.00 41.86 ? 2   ASN A C   1 
ATOM   9    O O   . ASN A 1 2  ? -8.013  -10.266 -12.537 1.00 39.15 ? 2   ASN A O   1 
ATOM   10   C CB  . ASN A 1 2  ? -10.404 -10.884 -11.040 1.00 43.19 ? 2   ASN A CB  1 
ATOM   11   C CG  . ASN A 1 2  ? -9.856  -10.491 -9.679  1.00 41.60 ? 2   ASN A CG  1 
ATOM   12   O OD1 . ASN A 1 2  ? -9.171  -9.475  -9.518  1.00 51.44 ? 2   ASN A OD1 1 
ATOM   13   N ND2 . ASN A 1 2  ? -10.167 -11.309 -8.681  1.00 44.44 ? 2   ASN A ND2 1 
ATOM   14   N N   A SER A 1 3  ? -8.604  -8.086  -12.449 0.50 35.30 ? 3   SER A N   1 
ATOM   15   N N   B SER A 1 3  ? -8.612  -8.079  -12.453 0.50 35.30 ? 3   SER A N   1 
ATOM   16   C CA  A SER A 1 3  ? -7.246  -7.594  -12.787 0.50 37.98 ? 3   SER A CA  1 
ATOM   17   C CA  B SER A 1 3  ? -7.258  -7.555  -12.772 0.50 37.98 ? 3   SER A CA  1 
ATOM   18   C C   A SER A 1 3  ? -6.266  -7.785  -11.627 0.50 32.95 ? 3   SER A C   1 
ATOM   19   C C   B SER A 1 3  ? -6.274  -7.794  -11.628 0.50 32.95 ? 3   SER A C   1 
ATOM   20   O O   A SER A 1 3  ? -5.166  -8.212  -11.897 0.50 35.57 ? 3   SER A O   1 
ATOM   21   O O   B SER A 1 3  ? -5.175  -8.220  -11.909 0.50 35.57 ? 3   SER A O   1 
ATOM   22   C CB  A SER A 1 3  ? -7.341  -6.155  -13.118 0.50 41.53 ? 3   SER A CB  1 
ATOM   23   C CB  B SER A 1 3  ? -7.310  -6.082  -13.055 0.50 41.53 ? 3   SER A CB  1 
ATOM   24   O OG  A SER A 1 3  ? -7.853  -5.476  -11.994 0.50 48.11 ? 3   SER A OG  1 
ATOM   25   O OG  B SER A 1 3  ? -8.549  -5.691  -13.613 0.50 48.11 ? 3   SER A OG  1 
ATOM   26   N N   . LYS A 1 4  ? -6.760  -7.802  -10.346 1.00 32.17 ? 4   LYS A N   1 
ATOM   27   C CA  . LYS A 1 4  ? -5.864  -7.949  -9.167  1.00 29.72 ? 4   LYS A CA  1 
ATOM   28   C C   . LYS A 1 4  ? -5.341  -9.381  -9.079  1.00 27.58 ? 4   LYS A C   1 
ATOM   29   O O   . LYS A 1 4  ? -4.303  -9.583  -8.553  1.00 27.53 ? 4   LYS A O   1 
ATOM   30   C CB  . LYS A 1 4  ? -6.596  -7.632  -7.866  1.00 39.06 ? 4   LYS A CB  1 
ATOM   31   C CG  . LYS A 1 4  ? -6.077  -6.382  -7.191  1.00 43.16 ? 4   LYS A CG  1 
ATOM   32   C CD  . LYS A 1 4  ? -6.332  -6.403  -5.716  1.00 46.80 ? 4   LYS A CD  1 
ATOM   33   C CE  . LYS A 1 4  ? -7.586  -7.184  -5.401  1.00 56.63 ? 4   LYS A CE  1 
ATOM   34   N NZ  . LYS A 1 4  ? -8.187  -6.759  -4.118  1.00 58.20 ? 4   LYS A NZ  1 
ATOM   35   N N   . ALA A 1 5  ? -6.107  -10.336 -9.575  1.00 32.58 ? 5   ALA A N   1 
ATOM   36   C CA  . ALA A 1 5  ? -5.669  -11.717 -9.529  1.00 28.89 ? 5   ALA A CA  1 
ATOM   37   C C   . ALA A 1 5  ? -4.412  -11.943 -10.347 1.00 26.28 ? 5   ALA A C   1 
ATOM   38   O O   . ALA A 1 5  ? -3.739  -12.939 -10.103 1.00 38.39 ? 5   ALA A O   1 
ATOM   39   C CB  . ALA A 1 5  ? -6.784  -12.640 -10.018 1.00 32.79 ? 5   ALA A CB  1 
ATOM   40   N N   . VAL A 1 6  ? -4.081  -11.085 -11.324 1.00 21.53 ? 6   VAL A N   1 
ATOM   41   C CA  . VAL A 1 6  ? -2.878  -11.346 -12.114 1.00 20.30 ? 6   VAL A CA  1 
ATOM   42   C C   . VAL A 1 6  ? -1.666  -11.328 -11.193 1.00 20.34 ? 6   VAL A C   1 
ATOM   43   O O   . VAL A 1 6  ? -0.630  -11.905 -11.526 1.00 19.34 ? 6   VAL A O   1 
ATOM   44   C CB  . VAL A 1 6  ? -2.646  -10.288 -13.217 1.00 27.07 ? 6   VAL A CB  1 
ATOM   45   C CG1 . VAL A 1 6  ? -3.797  -10.229 -14.238 1.00 30.78 ? 6   VAL A CG1 1 
ATOM   46   C CG2 . VAL A 1 6  ? -2.223  -8.977  -12.683 1.00 30.37 ? 6   VAL A CG2 1 
ATOM   47   N N   . CYS A 1 7  ? -1.786  -10.694 -10.015 1.00 19.86 ? 7   CYS A N   1 
ATOM   48   C CA  . CYS A 1 7  ? -0.658  -10.504 -9.103  1.00 18.29 ? 7   CYS A CA  1 
ATOM   49   C C   . CYS A 1 7  ? -0.106  -11.798 -8.535  1.00 21.00 ? 7   CYS A C   1 
ATOM   50   O O   . CYS A 1 7  ? 1.055   -11.810 -8.104  1.00 20.16 ? 7   CYS A O   1 
ATOM   51   C CB  . CYS A 1 7  ? -1.071  -9.582  -7.963  1.00 23.01 ? 7   CYS A CB  1 
ATOM   52   S SG  . CYS A 1 7  ? -1.557  -7.911  -8.556  1.00 25.20 ? 7   CYS A SG  1 
ATOM   53   N N   . ASN A 1 8  ? -0.892  -12.879 -8.517  1.00 19.60 ? 8   ASN A N   1 
ATOM   54   C CA  . ASN A 1 8  ? -0.412  -14.166 -8.024  1.00 23.56 ? 8   ASN A CA  1 
ATOM   55   C C   . ASN A 1 8  ? -0.141  -15.186 -9.126  1.00 21.75 ? 8   ASN A C   1 
ATOM   56   O O   . ASN A 1 8  ? 0.103   -16.358 -8.816  1.00 22.18 ? 8   ASN A O   1 
ATOM   57   C CB  . ASN A 1 8  ? -1.390  -14.744 -7.003  1.00 27.34 ? 8   ASN A CB  1 
ATOM   58   C CG  . ASN A 1 8  ? -1.586  -13.829 -5.808  1.00 31.71 ? 8   ASN A CG  1 
ATOM   59   O OD1 . ASN A 1 8  ? -0.619  -13.310 -5.245  1.00 35.70 ? 8   ASN A OD1 1 
ATOM   60   N ND2 . ASN A 1 8  ? -2.834  -13.637 -5.408  1.00 34.55 ? 8   ASN A ND2 1 
ATOM   61   N N   . LEU A 1 9  ? -0.163  -14.781 -10.395 1.00 18.95 ? 9   LEU A N   1 
ATOM   62   C CA  . LEU A 1 9  ? 0.283   -15.681 -11.450 1.00 18.52 ? 9   LEU A CA  1 
ATOM   63   C C   . LEU A 1 9  ? 1.768   -15.976 -11.276 1.00 19.26 ? 9   LEU A C   1 
ATOM   64   O O   . LEU A 1 9  ? 2.522   -15.111 -10.820 1.00 17.53 ? 9   LEU A O   1 
ATOM   65   C CB  . LEU A 1 9  ? 0.037   -15.074 -12.834 1.00 20.28 ? 9   LEU A CB  1 
ATOM   66   C CG  . LEU A 1 9  ? -1.407  -14.817 -13.274 1.00 19.09 ? 9   LEU A CG  1 
ATOM   67   C CD1 . LEU A 1 9  ? -1.467  -14.020 -14.583 1.00 21.48 ? 9   LEU A CD1 1 
ATOM   68   C CD2 . LEU A 1 9  ? -2.065  -16.174 -13.461 1.00 23.48 ? 9   LEU A CD2 1 
ATOM   69   N N   . PRO A 1 10 ? 2.223   -17.168 -11.654 1.00 21.03 ? 10  PRO A N   1 
ATOM   70   C CA  . PRO A 1 10 ? 3.653   -17.465 -11.519 1.00 18.09 ? 10  PRO A CA  1 
ATOM   71   C C   . PRO A 1 10 ? 4.467   -16.648 -12.512 1.00 20.07 ? 10  PRO A C   1 
ATOM   72   O O   . PRO A 1 10 ? 4.025   -16.359 -13.629 1.00 20.61 ? 10  PRO A O   1 
ATOM   73   C CB  . PRO A 1 10 ? 3.750   -18.971 -11.812 1.00 19.24 ? 10  PRO A CB  1 
ATOM   74   C CG  . PRO A 1 10 ? 2.542   -19.312 -12.570 1.00 19.44 ? 10  PRO A CG  1 
ATOM   75   C CD  . PRO A 1 10 ? 1.481   -18.269 -12.305 1.00 21.83 ? 10  PRO A CD  1 
ATOM   76   N N   . LYS A 1 11 ? 5.652   -16.244 -12.068 1.00 16.02 ? 11  LYS A N   1 
ATOM   77   C CA  . LYS A 1 11 ? 6.635   -15.667 -12.971 1.00 17.89 ? 11  LYS A CA  1 
ATOM   78   C C   . LYS A 1 11 ? 6.833   -16.562 -14.193 1.00 17.76 ? 11  LYS A C   1 
ATOM   79   O O   . LYS A 1 11 ? 7.098   -17.755 -14.056 1.00 18.74 ? 11  LYS A O   1 
ATOM   80   C CB  . LYS A 1 11 ? 7.951   -15.503 -12.215 1.00 16.96 ? 11  LYS A CB  1 
ATOM   81   C CG  . LYS A 1 11 ? 9.060   -14.899 -13.037 1.00 22.76 ? 11  LYS A CG  1 
ATOM   82   C CD  . LYS A 1 11 ? 10.382  -15.179 -12.372 1.00 22.49 ? 11  LYS A CD  1 
ATOM   83   C CE  . LYS A 1 11 ? 11.493  -14.558 -13.173 1.00 26.51 ? 11  LYS A CE  1 
ATOM   84   N NZ  . LYS A 1 11 ? 12.814  -14.873 -12.579 1.00 26.70 ? 11  LYS A NZ  1 
ATOM   85   N N   . LEU A 1 12 ? 6.727   -15.981 -15.394 1.00 18.04 ? 12  LEU A N   1 
ATOM   86   C CA  . LEU A 1 12 ? 6.862   -16.759 -16.632 1.00 17.92 ? 12  LEU A CA  1 
ATOM   87   C C   . LEU A 1 12 ? 7.715   -15.943 -17.600 1.00 21.15 ? 12  LEU A C   1 
ATOM   88   O O   . LEU A 1 12 ? 7.239   -14.966 -18.181 1.00 20.05 ? 12  LEU A O   1 
ATOM   89   C CB  . LEU A 1 12 ? 5.496   -17.079 -17.222 1.00 18.89 ? 12  LEU A CB  1 
ATOM   90   C CG  . LEU A 1 12 ? 5.423   -17.939 -18.478 1.00 24.16 ? 12  LEU A CG  1 
ATOM   91   C CD1 . LEU A 1 12 ? 6.026   -19.298 -18.168 1.00 22.88 ? 12  LEU A CD1 1 
ATOM   92   C CD2 . LEU A 1 12 ? 3.980   -18.089 -18.959 1.00 20.99 ? 12  LEU A CD2 1 
ATOM   93   N N   . ALA A 1 13 ? 8.974   -16.337 -17.777 1.00 18.99 ? 13  ALA A N   1 
ATOM   94   C CA  . ALA A 1 13 ? 9.892   -15.460 -18.499 1.00 18.89 ? 13  ALA A CA  1 
ATOM   95   C C   . ALA A 1 13 ? 9.760   -15.548 -20.012 1.00 21.48 ? 13  ALA A C   1 
ATOM   96   O O   . ALA A 1 13 ? 10.210  -14.627 -20.708 1.00 21.32 ? 13  ALA A O   1 
ATOM   97   C CB  . ALA A 1 13 ? 11.331  -15.754 -18.084 1.00 18.86 ? 13  ALA A CB  1 
ATOM   98   N N   . GLY A 1 14 ? 9.149   -16.602 -20.543 1.00 19.56 ? 14  GLY A N   1 
ATOM   99   C CA  . GLY A 1 14 ? 8.933   -16.725 -21.972 1.00 20.06 ? 14  GLY A CA  1 
ATOM   100  C C   . GLY A 1 14 ? 9.948   -17.634 -22.657 1.00 24.95 ? 14  GLY A C   1 
ATOM   101  O O   . GLY A 1 14 ? 10.918  -18.114 -22.065 1.00 24.56 ? 14  GLY A O   1 
ATOM   102  N N   . ASP A 1 15 ? 9.712   -17.847 -23.952 1.00 22.33 ? 15  ASP A N   1 
ATOM   103  C CA  . ASP A 1 15 ? 10.443  -18.842 -24.733 1.00 24.67 ? 15  ASP A CA  1 
ATOM   104  C C   . ASP A 1 15 ? 11.741  -18.263 -25.281 1.00 22.90 ? 15  ASP A C   1 
ATOM   105  O O   . ASP A 1 15 ? 11.734  -17.309 -26.075 1.00 25.35 ? 15  ASP A O   1 
ATOM   106  C CB  . ASP A 1 15 ? 9.552   -19.358 -25.863 1.00 26.55 ? 15  ASP A CB  1 
ATOM   107  C CG  . ASP A 1 15 ? 10.232  -20.404 -26.733 1.00 31.15 ? 15  ASP A CG  1 
ATOM   108  O OD1 . ASP A 1 15 ? 11.396  -20.785 -26.468 1.00 29.53 ? 15  ASP A OD1 1 
ATOM   109  O OD2 . ASP A 1 15 ? 9.578   -20.865 -27.686 1.00 27.86 ? 15  ASP A OD2 1 
ATOM   110  N N   . GLU A 1 16 ? 12.848  -18.897 -24.903 1.00 23.95 ? 16  GLU A N   1 
ATOM   111  C CA  . GLU A 1 16 ? 14.169  -18.419 -25.265 1.00 28.49 ? 16  GLU A CA  1 
ATOM   112  C C   . GLU A 1 16 ? 14.415  -18.505 -26.765 1.00 28.51 ? 16  GLU A C   1 
ATOM   113  O O   . GLU A 1 16 ? 15.263  -17.778 -27.297 1.00 27.82 ? 16  GLU A O   1 
ATOM   114  C CB  . GLU A 1 16 ? 15.201  -19.240 -24.495 1.00 33.17 ? 16  GLU A CB  1 
ATOM   115  C CG  . GLU A 1 16 ? 16.600  -18.756 -24.622 1.00 39.85 ? 16  GLU A CG  1 
ATOM   116  C CD  . GLU A 1 16 ? 16.913  -17.671 -23.608 1.00 46.69 ? 16  GLU A CD  1 
ATOM   117  O OE1 . GLU A 1 16 ? 16.627  -17.869 -22.405 1.00 49.33 ? 16  GLU A OE1 1 
ATOM   118  O OE2 . GLU A 1 16 ? 17.438  -16.619 -24.020 1.00 49.55 ? 16  GLU A OE2 1 
ATOM   119  N N   . THR A 1 17 ? 13.680  -19.353 -27.468 1.00 18.16 ? 17  THR A N   1 
ATOM   120  C CA  . THR A 1 17 ? 13.932  -19.547 -28.887 1.00 18.73 ? 17  THR A CA  1 
ATOM   121  C C   . THR A 1 17 ? 13.166  -18.575 -29.777 1.00 21.97 ? 17  THR A C   1 
ATOM   122  O O   . THR A 1 17 ? 13.276  -18.673 -30.999 1.00 25.70 ? 17  THR A O   1 
ATOM   123  C CB  . THR A 1 17 ? 13.566  -20.968 -29.298 1.00 20.85 ? 17  THR A CB  1 
ATOM   124  O OG1 . THR A 1 17 ? 12.153  -21.135 -29.152 1.00 26.64 ? 17  THR A OG1 1 
ATOM   125  C CG2 . THR A 1 17 ? 14.273  -21.971 -28.397 1.00 21.59 ? 17  THR A CG2 1 
ATOM   126  N N   . CYS A 1 18 ? 12.374  -17.671 -29.210 1.00 21.79 ? 18  CYS A N   1 
ATOM   127  C CA  . CYS A 1 18 ? 11.712  -16.670 -30.032 1.00 22.07 ? 18  CYS A CA  1 
ATOM   128  C C   . CYS A 1 18 ? 12.745  -15.707 -30.607 1.00 23.05 ? 18  CYS A C   1 
ATOM   129  O O   . CYS A 1 18 ? 13.881  -15.628 -30.133 1.00 26.22 ? 18  CYS A O   1 
ATOM   130  C CB  . CYS A 1 18 ? 10.703  -15.890 -29.198 1.00 23.86 ? 18  CYS A CB  1 
ATOM   131  S SG  . CYS A 1 18 ? 9.312   -16.903 -28.627 1.00 28.77 ? 18  CYS A SG  1 
ATOM   132  N N   . SER A 1 19 ? 12.338  -14.954 -31.632 1.00 20.69 ? 19  SER A N   1 
ATOM   133  C CA  . SER A 1 19 ? 13.221  -13.966 -32.245 1.00 20.82 ? 19  SER A CA  1 
ATOM   134  C C   . SER A 1 19 ? 13.032  -12.567 -31.684 1.00 26.98 ? 19  SER A C   1 
ATOM   135  O O   . SER A 1 19 ? 13.677  -11.627 -32.157 1.00 23.97 ? 19  SER A O   1 
ATOM   136  C CB  . SER A 1 19 ? 13.042  -13.952 -33.762 1.00 25.08 ? 19  SER A CB  1 
ATOM   137  O OG  . SER A 1 19 ? 13.015  -15.276 -34.261 1.00 35.45 ? 19  SER A OG  1 
ATOM   138  N N   . ASN A 1 20 ? 12.178  -12.416 -30.682 1.00 21.10 ? 20  ASN A N   1 
ATOM   139  C CA  . ASN A 1 20 ? 11.928  -11.134 -30.053 1.00 22.67 ? 20  ASN A CA  1 
ATOM   140  C C   . ASN A 1 20 ? 13.129  -10.666 -29.236 1.00 21.60 ? 20  ASN A C   1 
ATOM   141  O O   . ASN A 1 20 ? 13.871  -11.462 -28.650 1.00 21.33 ? 20  ASN A O   1 
ATOM   142  C CB  . ASN A 1 20 ? 10.695  -11.265 -29.170 1.00 17.38 ? 20  ASN A CB  1 
ATOM   143  C CG  . ASN A 1 20 ? 9.523   -11.779 -29.945 1.00 18.62 ? 20  ASN A CG  1 
ATOM   144  O OD1 . ASN A 1 20 ? 9.395   -12.981 -30.145 1.00 20.61 ? 20  ASN A OD1 1 
ATOM   145  N ND2 . ASN A 1 20 ? 8.683   -10.876 -30.430 1.00 20.87 ? 20  ASN A ND2 1 
ATOM   146  N N   . LYS A 1 21 ? 13.310  -9.352  -29.214 1.00 19.49 ? 21  LYS A N   1 
ATOM   147  C CA  . LYS A 1 21 ? 14.255  -8.716  -28.304 1.00 22.44 ? 21  LYS A CA  1 
ATOM   148  C C   . LYS A 1 21 ? 13.864  -8.980  -26.847 1.00 23.97 ? 21  LYS A C   1 
ATOM   149  O O   . LYS A 1 21 ? 12.688  -8.900  -26.489 1.00 23.73 ? 21  LYS A O   1 
ATOM   150  C CB  . LYS A 1 21 ? 14.244  -7.219  -28.593 1.00 23.86 ? 21  LYS A CB  1 
ATOM   151  C CG  . LYS A 1 21 ? 14.965  -6.347  -27.602 1.00 31.45 ? 21  LYS A CG  1 
ATOM   152  C CD  . LYS A 1 21 ? 16.439  -6.432  -27.873 1.00 33.63 ? 21  LYS A CD  1 
ATOM   153  C CE  . LYS A 1 21 ? 17.182  -5.428  -27.035 1.00 34.84 ? 21  LYS A CE  1 
ATOM   154  N NZ  . LYS A 1 21 ? 18.348  -6.058  -26.384 1.00 45.47 ? 21  LYS A NZ  1 
ATOM   155  N N   . THR A 1 22 ? 14.846  -9.291  -25.995 1.00 19.14 ? 22  THR A N   1 
ATOM   156  C CA  . THR A 1 22 ? 14.525  -9.443  -24.577 1.00 20.88 ? 22  THR A CA  1 
ATOM   157  C C   . THR A 1 22 ? 14.478  -8.065  -23.908 1.00 23.20 ? 22  THR A C   1 
ATOM   158  O O   . THR A 1 22 ? 15.060  -7.088  -24.397 1.00 24.43 ? 22  THR A O   1 
ATOM   159  C CB  . THR A 1 22 ? 15.543  -10.344 -23.847 1.00 21.85 ? 22  THR A CB  1 
ATOM   160  O OG1 . THR A 1 22 ? 16.810  -9.692  -23.786 1.00 23.51 ? 22  THR A OG1 1 
ATOM   161  C CG2 . THR A 1 22 ? 15.715  -11.683 -24.559 1.00 20.20 ? 22  THR A CG2 1 
ATOM   162  N N   . GLU A 1 23 ? 13.791  -7.995  -22.766 1.00 16.96 ? 23  GLU A N   1 
ATOM   163  C CA  . GLU A 1 23 ? 13.516  -6.718  -22.112 1.00 20.14 ? 23  GLU A CA  1 
ATOM   164  C C   . GLU A 1 23 ? 13.348  -6.941  -20.617 1.00 19.27 ? 23  GLU A C   1 
ATOM   165  O O   . GLU A 1 23 ? 12.815  -7.967  -20.201 1.00 23.06 ? 23  GLU A O   1 
ATOM   166  C CB  . GLU A 1 23 ? 12.225  -6.082  -22.648 1.00 23.91 ? 23  GLU A CB  1 
ATOM   167  C CG  . GLU A 1 23 ? 12.074  -4.593  -22.405 1.00 29.12 ? 23  GLU A CG  1 
ATOM   168  C CD  . GLU A 1 23 ? 11.046  -3.969  -23.339 1.00 38.85 ? 23  GLU A CD  1 
ATOM   169  O OE1 . GLU A 1 23 ? 9.838   -4.199  -23.110 1.00 32.81 ? 23  GLU A OE1 1 
ATOM   170  O OE2 . GLU A 1 23 ? 11.431  -3.271  -24.306 1.00 32.21 ? 23  GLU A OE2 1 
ATOM   171  N N   . ILE A 1 24 ? 13.772  -5.957  -19.814 1.00 19.34 ? 24  ILE A N   1 
ATOM   172  C CA  . ILE A 1 24 ? 13.423  -5.942  -18.394 1.00 19.50 ? 24  ILE A CA  1 
ATOM   173  C C   . ILE A 1 24 ? 11.916  -5.831  -18.231 1.00 16.36 ? 24  ILE A C   1 
ATOM   174  O O   . ILE A 1 24 ? 11.273  -4.963  -18.828 1.00 20.31 ? 24  ILE A O   1 
ATOM   175  C CB  . ILE A 1 24 ? 14.083  -4.751  -17.675 1.00 23.53 ? 24  ILE A CB  1 
ATOM   176  C CG1 . ILE A 1 24 ? 15.592  -4.740  -17.846 1.00 29.42 ? 24  ILE A CG1 1 
ATOM   177  C CG2 . ILE A 1 24 ? 13.706  -4.751  -16.200 1.00 23.22 ? 24  ILE A CG2 1 
ATOM   178  C CD1 . ILE A 1 24 ? 16.256  -5.664  -16.944 1.00 29.78 ? 24  ILE A CD1 1 
ATOM   179  N N   . ARG A 1 25 ? 11.344  -6.688  -17.388 1.00 16.74 ? 25  ARG A N   1 
ATOM   180  C CA  . ARG A 1 25 ? 9.972   -6.503  -16.929 1.00 18.93 ? 25  ARG A CA  1 
ATOM   181  C C   . ARG A 1 25 ? 9.936   -6.715  -15.417 1.00 14.53 ? 25  ARG A C   1 
ATOM   182  O O   . ARG A 1 25 ? 10.929  -7.111  -14.801 1.00 18.04 ? 25  ARG A O   1 
ATOM   183  C CB  . ARG A 1 25 ? 9.002   -7.465  -17.623 1.00 15.15 ? 25  ARG A CB  1 
ATOM   184  C CG  . ARG A 1 25 ? 8.959   -7.236  -19.121 1.00 16.01 ? 25  ARG A CG  1 
ATOM   185  C CD  . ARG A 1 25 ? 8.209   -5.957  -19.551 1.00 14.25 ? 25  ARG A CD  1 
ATOM   186  N NE  . ARG A 1 25 ? 8.289   -5.798  -21.012 1.00 17.09 ? 25  ARG A NE  1 
ATOM   187  C CZ  . ARG A 1 25 ? 7.467   -6.411  -21.862 1.00 18.67 ? 25  ARG A CZ  1 
ATOM   188  N NH1 . ARG A 1 25 ? 7.596   -6.221  -23.168 1.00 19.47 ? 25  ARG A NH1 1 
ATOM   189  N NH2 . ARG A 1 25 ? 6.498   -7.189  -21.399 1.00 19.72 ? 25  ARG A NH2 1 
ATOM   190  N N   . TRP A 1 26 ? 8.774   -6.458  -14.815 1.00 14.70 ? 26  TRP A N   1 
ATOM   191  C CA  . TRP A 1 26 ? 8.603   -6.633  -13.383 1.00 18.32 ? 26  TRP A CA  1 
ATOM   192  C C   . TRP A 1 26 ? 7.461   -7.603  -13.110 1.00 18.16 ? 26  TRP A C   1 
ATOM   193  O O   . TRP A 1 26 ? 6.501   -7.683  -13.873 1.00 15.98 ? 26  TRP A O   1 
ATOM   194  C CB  . TRP A 1 26 ? 8.332   -5.293  -12.702 1.00 16.19 ? 26  TRP A CB  1 
ATOM   195  C CG  . TRP A 1 26 ? 9.443   -4.318  -12.956 1.00 22.38 ? 26  TRP A CG  1 
ATOM   196  C CD1 . TRP A 1 26 ? 9.678   -3.617  -14.109 1.00 25.05 ? 26  TRP A CD1 1 
ATOM   197  C CD2 . TRP A 1 26 ? 10.513  -3.997  -12.066 1.00 29.31 ? 26  TRP A CD2 1 
ATOM   198  N NE1 . TRP A 1 26 ? 10.812  -2.854  -13.972 1.00 32.91 ? 26  TRP A NE1 1 
ATOM   199  C CE2 . TRP A 1 26 ? 11.345  -3.071  -12.727 1.00 24.46 ? 26  TRP A CE2 1 
ATOM   200  C CE3 . TRP A 1 26 ? 10.845  -4.393  -10.771 1.00 27.67 ? 26  TRP A CE3 1 
ATOM   201  C CZ2 . TRP A 1 26 ? 12.486  -2.534  -12.131 1.00 31.86 ? 26  TRP A CZ2 1 
ATOM   202  C CZ3 . TRP A 1 26 ? 11.980  -3.861  -10.179 1.00 34.59 ? 26  TRP A CZ3 1 
ATOM   203  C CH2 . TRP A 1 26 ? 12.786  -2.942  -10.857 1.00 33.34 ? 26  TRP A CH2 1 
ATOM   204  N N   . TYR A 1 27 ? 7.584   -8.360  -12.029 1.00 19.83 ? 27  TYR A N   1 
ATOM   205  C CA  . TYR A 1 27 ? 6.499   -9.211  -11.573 1.00 17.35 ? 27  TYR A CA  1 
ATOM   206  C C   . TYR A 1 27 ? 6.365   -9.101  -10.057 1.00 18.11 ? 27  TYR A C   1 
ATOM   207  O O   . TYR A 1 27 ? 7.321   -8.777  -9.344  1.00 20.56 ? 27  TYR A O   1 
ATOM   208  C CB  . TYR A 1 27 ? 6.697   -10.678 -12.013 1.00 18.45 ? 27  TYR A CB  1 
ATOM   209  C CG  . TYR A 1 27 ? 7.635   -11.457 -11.123 1.00 19.00 ? 27  TYR A CG  1 
ATOM   210  C CD1 . TYR A 1 27 ? 9.005   -11.249 -11.176 1.00 19.84 ? 27  TYR A CD1 1 
ATOM   211  C CD2 . TYR A 1 27 ? 7.142   -12.379 -10.203 1.00 19.01 ? 27  TYR A CD2 1 
ATOM   212  C CE1 . TYR A 1 27 ? 9.860   -11.957 -10.348 1.00 21.51 ? 27  TYR A CE1 1 
ATOM   213  C CE2 . TYR A 1 27 ? 7.992   -13.091 -9.372  1.00 20.09 ? 27  TYR A CE2 1 
ATOM   214  C CZ  . TYR A 1 27 ? 9.348   -12.877 -9.451  1.00 21.36 ? 27  TYR A CZ  1 
ATOM   215  O OH  . TYR A 1 27 ? 10.206  -13.564 -8.624  1.00 25.85 ? 27  TYR A OH  1 
ATOM   216  N N   . TYR A 1 28 ? 5.157   -9.370  -9.572  1.00 17.16 ? 28  TYR A N   1 
ATOM   217  C CA  . TYR A 1 28 ? 4.850   -9.284  -8.151  1.00 16.11 ? 28  TYR A CA  1 
ATOM   218  C C   . TYR A 1 28 ? 5.043   -10.654 -7.515  1.00 16.49 ? 28  TYR A C   1 
ATOM   219  O O   . TYR A 1 28 ? 4.581   -11.664 -8.055  1.00 16.68 ? 28  TYR A O   1 
ATOM   220  C CB  . TYR A 1 28 ? 3.408   -8.819  -7.962  1.00 16.72 ? 28  TYR A CB  1 
ATOM   221  C CG  . TYR A 1 28 ? 3.003   -8.621  -6.516  1.00 19.99 ? 28  TYR A CG  1 
ATOM   222  C CD1 . TYR A 1 28 ? 3.638   -7.674  -5.711  1.00 20.05 ? 28  TYR A CD1 1 
ATOM   223  C CD2 . TYR A 1 28 ? 2.022   -9.420  -5.940  1.00 25.79 ? 28  TYR A CD2 1 
ATOM   224  C CE1 . TYR A 1 28 ? 3.260   -7.503  -4.378  1.00 25.14 ? 28  TYR A CE1 1 
ATOM   225  C CE2 . TYR A 1 28 ? 1.648   -9.257  -4.615  1.00 21.13 ? 28  TYR A CE2 1 
ATOM   226  C CZ  . TYR A 1 28 ? 2.271   -8.297  -3.845  1.00 24.36 ? 28  TYR A CZ  1 
ATOM   227  O OH  . TYR A 1 28 ? 1.894   -8.130  -2.526  1.00 28.81 ? 28  TYR A OH  1 
ATOM   228  N N   . ASN A 1 29 ? 5.749   -10.702 -6.385  1.00 17.62 ? 29  ASN A N   1 
ATOM   229  C CA  . ASN A 1 29 ? 6.008   -11.975 -5.727  1.00 15.75 ? 29  ASN A CA  1 
ATOM   230  C C   . ASN A 1 29 ? 5.322   -12.098 -4.371  1.00 20.21 ? 29  ASN A C   1 
ATOM   231  O O   . ASN A 1 29 ? 5.604   -13.052 -3.626  1.00 23.70 ? 29  ASN A O   1 
ATOM   232  C CB  . ASN A 1 29 ? 7.519   -12.207 -5.604  1.00 19.79 ? 29  ASN A CB  1 
ATOM   233  C CG  . ASN A 1 29 ? 8.184   -11.254 -4.633  1.00 25.33 ? 29  ASN A CG  1 
ATOM   234  O OD1 . ASN A 1 29 ? 7.520   -10.573 -3.852  1.00 21.83 ? 29  ASN A OD1 1 
ATOM   235  N ND2 . ASN A 1 29 ? 9.520   -11.204 -4.676  1.00 28.42 ? 29  ASN A ND2 1 
ATOM   236  N N   . GLY A 1 30 ? 4.426   -11.168 -4.026  1.00 20.96 ? 30  GLY A N   1 
ATOM   237  C CA  . GLY A 1 30 ? 3.731   -11.189 -2.762  1.00 23.16 ? 30  GLY A CA  1 
ATOM   238  C C   . GLY A 1 30 ? 4.257   -10.208 -1.736  1.00 23.17 ? 30  GLY A C   1 
ATOM   239  O O   . GLY A 1 30 ? 3.525   -9.858  -0.801  1.00 25.18 ? 30  GLY A O   1 
ATOM   240  N N   . THR A 1 31 ? 5.508   -9.768  -1.876  1.00 22.13 ? 31  THR A N   1 
ATOM   241  C CA  . THR A 1 31 ? 6.070   -8.765  -0.985  1.00 25.69 ? 31  THR A CA  1 
ATOM   242  C C   . THR A 1 31 ? 6.744   -7.630  -1.722  1.00 23.40 ? 31  THR A C   1 
ATOM   243  O O   . THR A 1 31 ? 7.093   -6.635  -1.080  1.00 23.86 ? 31  THR A O   1 
ATOM   244  C CB  . THR A 1 31 ? 7.120   -9.375  -0.047  1.00 24.74 ? 31  THR A CB  1 
ATOM   245  O OG1 . THR A 1 31 ? 8.116   -10.047 -0.821  1.00 22.90 ? 31  THR A OG1 1 
ATOM   246  C CG2 . THR A 1 31 ? 6.481   -10.375 0.896   1.00 26.72 ? 31  THR A CG2 1 
ATOM   247  N N   . ALA A 1 32 ? 6.978   -7.760  -3.022  1.00 21.03 ? 32  ALA A N   1 
ATOM   248  C CA  . ALA A 1 32 ? 7.729   -6.762  -3.769  1.00 24.64 ? 32  ALA A CA  1 
ATOM   249  C C   . ALA A 1 32 ? 7.494   -6.972  -5.254  1.00 21.94 ? 32  ALA A C   1 
ATOM   250  O O   . ALA A 1 32 ? 7.111   -8.058  -5.690  1.00 20.63 ? 32  ALA A O   1 
ATOM   251  C CB  . ALA A 1 32 ? 9.222   -6.853  -3.469  1.00 23.39 ? 32  ALA A CB  1 
ATOM   252  N N   . CYS A 1 33 ? 7.755   -5.925  -6.025  1.00 21.40 ? 33  CYS A N   1 
ATOM   253  C CA  . CYS A 1 33 ? 7.838   -6.036  -7.476  1.00 21.32 ? 33  CYS A CA  1 
ATOM   254  C C   . CYS A 1 33 ? 9.290   -6.301  -7.845  1.00 24.14 ? 33  CYS A C   1 
ATOM   255  O O   . CYS A 1 33 ? 10.179  -5.540  -7.455  1.00 28.95 ? 33  CYS A O   1 
ATOM   256  C CB  . CYS A 1 33 ? 7.315   -4.773  -8.157  1.00 23.91 ? 33  CYS A CB  1 
ATOM   257  S SG  . CYS A 1 33 ? 5.526   -4.585  -7.920  1.00 31.70 ? 33  CYS A SG  1 
ATOM   258  N N   . GLU A 1 34 ? 9.525   -7.382  -8.582  1.00 18.28 ? 34  GLU A N   1 
ATOM   259  C CA  . GLU A 1 34 ? 10.860  -7.922  -8.804  1.00 18.49 ? 34  GLU A CA  1 
ATOM   260  C C   . GLU A 1 34 ? 11.173  -7.880  -10.290 1.00 20.23 ? 34  GLU A C   1 
ATOM   261  O O   . GLU A 1 34 ? 10.324  -8.220  -11.119 1.00 19.30 ? 34  GLU A O   1 
ATOM   262  C CB  . GLU A 1 34 ? 10.936  -9.355  -8.257  1.00 19.87 ? 34  GLU A CB  1 
ATOM   263  C CG  . GLU A 1 34 ? 12.314  -10.026 -8.247  1.00 33.39 ? 34  GLU A CG  1 
ATOM   264  C CD  . GLU A 1 34 ? 12.262  -11.468 -7.714  1.00 39.33 ? 34  GLU A CD  1 
ATOM   265  O OE1 . GLU A 1 34 ? 13.037  -12.324 -8.204  1.00 40.39 ? 34  GLU A OE1 1 
ATOM   266  O OE2 . GLU A 1 34 ? 11.464  -11.742 -6.785  1.00 35.81 ? 34  GLU A OE2 1 
ATOM   267  N N   . ALA A 1 35 ? 12.382  -7.453  -10.632 1.00 23.28 ? 35  ALA A N   1 
ATOM   268  C CA  . ALA A 1 35 ? 12.752  -7.347  -12.036 1.00 21.03 ? 35  ALA A CA  1 
ATOM   269  C C   . ALA A 1 35 ? 13.197  -8.698  -12.586 1.00 28.08 ? 35  ALA A C   1 
ATOM   270  O O   . ALA A 1 35 ? 13.787  -9.517  -11.874 1.00 24.88 ? 35  ALA A O   1 
ATOM   271  C CB  . ALA A 1 35 ? 13.869  -6.316  -12.215 1.00 21.58 ? 35  ALA A CB  1 
ATOM   272  N N   . PHE A 1 36 ? 12.908  -8.932  -13.871 1.00 20.16 ? 36  PHE A N   1 
ATOM   273  C CA  . PHE A 1 36 ? 13.382  -10.146 -14.525 1.00 18.03 ? 36  PHE A CA  1 
ATOM   274  C C   . PHE A 1 36 ? 13.572  -9.874  -16.012 1.00 20.62 ? 36  PHE A C   1 
ATOM   275  O O   . PHE A 1 36 ? 13.070  -8.879  -16.551 1.00 17.21 ? 36  PHE A O   1 
ATOM   276  C CB  . PHE A 1 36 ? 12.437  -11.344 -14.289 1.00 19.70 ? 36  PHE A CB  1 
ATOM   277  C CG  . PHE A 1 36 ? 11.119  -11.250 -15.015 1.00 21.80 ? 36  PHE A CG  1 
ATOM   278  C CD1 . PHE A 1 36 ? 10.118  -10.415 -14.543 1.00 18.13 ? 36  PHE A CD1 1 
ATOM   279  C CD2 . PHE A 1 36 ? 10.863  -12.029 -16.145 1.00 21.21 ? 36  PHE A CD2 1 
ATOM   280  C CE1 . PHE A 1 36 ? 8.906   -10.322 -15.180 1.00 18.68 ? 36  PHE A CE1 1 
ATOM   281  C CE2 . PHE A 1 36 ? 9.638   -11.939 -16.796 1.00 18.83 ? 36  PHE A CE2 1 
ATOM   282  C CZ  . PHE A 1 36 ? 8.656   -11.085 -16.297 1.00 21.88 ? 36  PHE A CZ  1 
ATOM   283  N N   . ILE A 1 37 ? 14.327  -10.756 -16.671 1.00 18.94 ? 37  ILE A N   1 
ATOM   284  C CA  . ILE A 1 37 ? 14.514  -10.670 -18.121 1.00 20.53 ? 37  ILE A CA  1 
ATOM   285  C C   . ILE A 1 37 ? 13.363  -11.422 -18.782 1.00 20.08 ? 37  ILE A C   1 
ATOM   286  O O   . ILE A 1 37 ? 13.314  -12.660 -18.761 1.00 20.62 ? 37  ILE A O   1 
ATOM   287  C CB  . ILE A 1 37 ? 15.860  -11.228 -18.586 1.00 22.95 ? 37  ILE A CB  1 
ATOM   288  C CG1 . ILE A 1 37 ? 17.020  -10.407 -18.028 1.00 22.94 ? 37  ILE A CG1 1 
ATOM   289  C CG2 . ILE A 1 37 ? 15.929  -11.117 -20.102 1.00 20.57 ? 37  ILE A CG2 1 
ATOM   290  C CD1 . ILE A 1 37 ? 18.392  -11.061 -18.258 1.00 25.49 ? 37  ILE A CD1 1 
ATOM   291  N N   . PHE A 1 38 ? 12.447  -10.672 -19.379 1.00 19.22 ? 38  PHE A N   1 
ATOM   292  C CA  . PHE A 1 38 ? 11.398  -11.242 -20.216 1.00 17.45 ? 38  PHE A CA  1 
ATOM   293  C C   . PHE A 1 38 ? 11.943  -11.514 -21.613 1.00 15.99 ? 38  PHE A C   1 
ATOM   294  O O   . PHE A 1 38 ? 12.590  -10.655 -22.219 1.00 18.56 ? 38  PHE A O   1 
ATOM   295  C CB  . PHE A 1 38 ? 10.210  -10.277 -20.271 1.00 17.33 ? 38  PHE A CB  1 
ATOM   296  C CG  . PHE A 1 38 ? 9.059   -10.753 -21.114 1.00 17.34 ? 38  PHE A CG  1 
ATOM   297  C CD1 . PHE A 1 38 ? 8.519   -12.018 -20.934 1.00 17.12 ? 38  PHE A CD1 1 
ATOM   298  C CD2 . PHE A 1 38 ? 8.536   -9.932  -22.101 1.00 16.87 ? 38  PHE A CD2 1 
ATOM   299  C CE1 . PHE A 1 38 ? 7.450   -12.439 -21.722 1.00 19.45 ? 38  PHE A CE1 1 
ATOM   300  C CE2 . PHE A 1 38 ? 7.473   -10.325 -22.884 1.00 16.91 ? 38  PHE A CE2 1 
ATOM   301  C CZ  . PHE A 1 38 ? 6.929   -11.592 -22.705 1.00 18.93 ? 38  PHE A CZ  1 
ATOM   302  N N   . LYS A 1 39 ? 11.669  -12.706 -22.134 1.00 16.34 ? 39  LYS A N   1 
ATOM   303  C CA  . LYS A 1 39 ? 12.220  -13.087 -23.424 1.00 22.68 ? 39  LYS A CA  1 
ATOM   304  C C   . LYS A 1 39 ? 11.444  -12.487 -24.593 1.00 21.01 ? 39  LYS A C   1 
ATOM   305  O O   . LYS A 1 39 ? 11.825  -12.696 -25.749 1.00 24.91 ? 39  LYS A O   1 
ATOM   306  C CB  . LYS A 1 39 ? 12.305  -14.624 -23.536 1.00 18.49 ? 39  LYS A CB  1 
ATOM   307  C CG  . LYS A 1 39 ? 13.134  -15.290 -22.422 1.00 23.14 ? 39  LYS A CG  1 
ATOM   308  C CD  . LYS A 1 39 ? 14.444  -14.522 -22.187 1.00 27.26 ? 39  LYS A CD  1 
ATOM   309  C CE  . LYS A 1 39 ? 15.344  -15.173 -21.135 1.00 30.25 ? 39  LYS A CE  1 
ATOM   310  N NZ  . LYS A 1 39 ? 14.753  -15.166 -19.779 1.00 31.84 ? 39  LYS A NZ  1 
ATOM   311  N N   . GLY A 1 40 ? 10.402  -11.707 -24.332 1.00 20.73 ? 40  GLY A N   1 
ATOM   312  C CA  . GLY A 1 40 ? 9.750   -10.963 -25.390 1.00 24.76 ? 40  GLY A CA  1 
ATOM   313  C C   . GLY A 1 40 ? 8.663   -11.709 -26.118 1.00 20.68 ? 40  GLY A C   1 
ATOM   314  O O   . GLY A 1 40 ? 8.156   -11.203 -27.127 1.00 21.13 ? 40  GLY A O   1 
ATOM   315  N N   . CYS A 1 41 ? 8.294   -12.890 -25.632 1.00 20.63 ? 41  CYS A N   1 
ATOM   316  C CA  . CYS A 1 41 ? 7.239   -13.700 -26.209 1.00 19.40 ? 41  CYS A CA  1 
ATOM   317  C C   . CYS A 1 41 ? 6.677   -14.587 -25.110 1.00 18.93 ? 41  CYS A C   1 
ATOM   318  O O   . CYS A 1 41 ? 7.343   -14.854 -24.114 1.00 23.92 ? 41  CYS A O   1 
ATOM   319  C CB  . CYS A 1 41 ? 7.754   -14.514 -27.397 1.00 27.52 ? 41  CYS A CB  1 
ATOM   320  S SG  . CYS A 1 41 ? 8.789   -15.897 -26.892 1.00 31.83 ? 41  CYS A SG  1 
ATOM   321  N N   . GLY A 1 42 ? 5.433   -15.023 -25.298 1.00 22.12 ? 42  GLY A N   1 
ATOM   322  C CA  . GLY A 1 42 ? 4.790   -15.817 -24.260 1.00 21.96 ? 42  GLY A CA  1 
ATOM   323  C C   . GLY A 1 42 ? 4.517   -14.979 -23.029 1.00 24.67 ? 42  GLY A C   1 
ATOM   324  O O   . GLY A 1 42 ? 4.116   -13.809 -23.112 1.00 20.16 ? 42  GLY A O   1 
ATOM   325  N N   . GLY A 1 43 ? 4.735   -15.579 -21.870 1.00 22.82 ? 43  GLY A N   1 
ATOM   326  C CA  . GLY A 1 43 ? 4.502   -14.879 -20.631 1.00 19.08 ? 43  GLY A CA  1 
ATOM   327  C C   . GLY A 1 43 ? 3.045   -14.876 -20.220 1.00 21.76 ? 43  GLY A C   1 
ATOM   328  O O   . GLY A 1 43 ? 2.156   -15.468 -20.851 1.00 20.99 ? 43  GLY A O   1 
ATOM   329  N N   . ASN A 1 44 ? 2.795   -14.183 -19.114 1.00 22.46 ? 44  ASN A N   1 
ATOM   330  C CA  . ASN A 1 44 ? 1.434   -13.995 -18.620 1.00 16.17 ? 44  ASN A CA  1 
ATOM   331  C C   . ASN A 1 44 ? 1.305   -12.566 -18.093 1.00 20.51 ? 44  ASN A C   1 
ATOM   332  O O   . ASN A 1 44 ? 2.208   -11.743 -18.237 1.00 19.64 ? 44  ASN A O   1 
ATOM   333  C CB  . ASN A 1 44 ? 1.078   -15.081 -17.588 1.00 16.96 ? 44  ASN A CB  1 
ATOM   334  C CG  . ASN A 1 44 ? 1.951   -15.049 -16.342 1.00 20.40 ? 44  ASN A CG  1 
ATOM   335  O OD1 . ASN A 1 44 ? 2.371   -13.991 -15.870 1.00 19.13 ? 44  ASN A OD1 1 
ATOM   336  N ND2 . ASN A 1 44 ? 2.241   -16.232 -15.813 1.00 17.79 ? 44  ASN A ND2 1 
ATOM   337  N N   . ASP A 1 45 ? 0.172   -12.260 -17.479 1.00 20.36 ? 45  ASP A N   1 
ATOM   338  C CA  . ASP A 1 45 ? -0.112  -10.875 -17.118 1.00 20.69 ? 45  ASP A CA  1 
ATOM   339  C C   . ASP A 1 45 ? 0.634   -10.370 -15.891 1.00 20.49 ? 45  ASP A C   1 
ATOM   340  O O   . ASP A 1 45 ? 0.577   -9.162  -15.616 1.00 19.16 ? 45  ASP A O   1 
ATOM   341  C CB  . ASP A 1 45 ? -1.612  -10.691 -16.908 1.00 21.76 ? 45  ASP A CB  1 
ATOM   342  C CG  . ASP A 1 45 ? -2.380  -10.843 -18.188 1.00 31.67 ? 45  ASP A CG  1 
ATOM   343  O OD1 . ASP A 1 45 ? -1.910  -10.298 -19.203 1.00 35.41 ? 45  ASP A OD1 1 
ATOM   344  O OD2 . ASP A 1 45 ? -3.422  -11.519 -18.198 1.00 44.54 ? 45  ASP A OD2 1 
ATOM   345  N N   . ASN A 1 46 ? 1.321   -11.239 -15.144 1.00 16.44 ? 46  ASN A N   1 
ATOM   346  C CA  . ASN A 1 46 ? 2.124   -10.774 -14.012 1.00 17.41 ? 46  ASN A CA  1 
ATOM   347  C C   . ASN A 1 46 ? 3.460   -10.304 -14.586 1.00 16.08 ? 46  ASN A C   1 
ATOM   348  O O   . ASN A 1 46 ? 4.518   -10.917 -14.411 1.00 16.01 ? 46  ASN A O   1 
ATOM   349  C CB  . ASN A 1 46 ? 2.298   -11.873 -12.967 1.00 20.86 ? 46  ASN A CB  1 
ATOM   350  C CG  . ASN A 1 46 ? 2.920   -11.358 -11.675 1.00 16.56 ? 46  ASN A CG  1 
ATOM   351  O OD1 . ASN A 1 46 ? 3.196   -10.163 -11.543 1.00 16.65 ? 46  ASN A OD1 1 
ATOM   352  N ND2 . ASN A 1 46 ? 3.118   -12.258 -10.705 1.00 14.42 ? 46  ASN A ND2 1 
ATOM   353  N N   . ASN A 1 47 ? 3.385   -9.180  -15.288 1.00 19.79 ? 47  ASN A N   1 
ATOM   354  C CA  . ASN A 1 47 ? 4.454   -8.763  -16.185 1.00 18.01 ? 47  ASN A CA  1 
ATOM   355  C C   . ASN A 1 47 ? 4.216   -7.286  -16.491 1.00 18.11 ? 47  ASN A C   1 
ATOM   356  O O   . ASN A 1 47 ? 3.240   -6.927  -17.169 1.00 19.63 ? 47  ASN A O   1 
ATOM   357  C CB  . ASN A 1 47 ? 4.425   -9.632  -17.447 1.00 18.92 ? 47  ASN A CB  1 
ATOM   358  C CG  . ASN A 1 47 ? 5.489   -9.266  -18.456 1.00 17.71 ? 47  ASN A CG  1 
ATOM   359  O OD1 . ASN A 1 47 ? 5.809   -8.107  -18.652 1.00 19.87 ? 47  ASN A OD1 1 
ATOM   360  N ND2 . ASN A 1 47 ? 6.009   -10.279 -19.145 1.00 19.07 ? 47  ASN A ND2 1 
ATOM   361  N N   . PHE A 1 48 ? 5.098   -6.428  -15.992 1.00 16.83 ? 48  PHE A N   1 
ATOM   362  C CA  . PHE A 1 48 ? 4.902   -4.985  -16.021 1.00 20.92 ? 48  PHE A CA  1 
ATOM   363  C C   . PHE A 1 48 ? 6.149   -4.343  -16.608 1.00 20.13 ? 48  PHE A C   1 
ATOM   364  O O   . PHE A 1 48 ? 7.269   -4.727  -16.263 1.00 19.20 ? 48  PHE A O   1 
ATOM   365  C CB  . PHE A 1 48 ? 4.650   -4.433  -14.601 1.00 21.44 ? 48  PHE A CB  1 
ATOM   366  C CG  . PHE A 1 48 ? 3.481   -5.073  -13.898 1.00 20.19 ? 48  PHE A CG  1 
ATOM   367  C CD1 . PHE A 1 48 ? 2.189   -4.574  -14.056 1.00 22.52 ? 48  PHE A CD1 1 
ATOM   368  C CD2 . PHE A 1 48 ? 3.675   -6.200  -13.106 1.00 18.93 ? 48  PHE A CD2 1 
ATOM   369  C CE1 . PHE A 1 48 ? 1.106   -5.183  -13.422 1.00 20.93 ? 48  PHE A CE1 1 
ATOM   370  C CE2 . PHE A 1 48 ? 2.612   -6.811  -12.476 1.00 17.73 ? 48  PHE A CE2 1 
ATOM   371  C CZ  . PHE A 1 48 ? 1.324   -6.297  -12.628 1.00 21.48 ? 48  PHE A CZ  1 
ATOM   372  N N   . ASP A 1 49 ? 5.974   -3.354  -17.474 1.00 22.69 ? 49  ASP A N   1 
ATOM   373  C CA  . ASP A 1 49 ? 7.172   -2.758  -18.048 1.00 25.84 ? 49  ASP A CA  1 
ATOM   374  C C   . ASP A 1 49 ? 7.680   -1.568  -17.242 1.00 27.38 ? 49  ASP A C   1 
ATOM   375  O O   . ASP A 1 49 ? 8.684   -0.967  -17.631 1.00 25.41 ? 49  ASP A O   1 
ATOM   376  C CB  . ASP A 1 49 ? 6.939   -2.369  -19.509 1.00 29.87 ? 49  ASP A CB  1 
ATOM   377  C CG  . ASP A 1 49 ? 6.113   -1.121  -19.655 1.00 36.68 ? 49  ASP A CG  1 
ATOM   378  O OD1 . ASP A 1 49 ? 6.449   -0.294  -20.528 1.00 50.96 ? 49  ASP A OD1 1 
ATOM   379  O OD2 . ASP A 1 49 ? 5.126   -0.967  -18.906 1.00 40.64 ? 49  ASP A OD2 1 
ATOM   380  N N   A ARG A 1 50 ? 7.009   -1.211  -16.141 0.47 25.60 ? 50  ARG A N   1 
ATOM   381  N N   B ARG A 1 50 ? 7.016   -1.226  -16.140 0.53 25.58 ? 50  ARG A N   1 
ATOM   382  C CA  A ARG A 1 50 ? 7.474   -0.208  -15.190 0.47 27.95 ? 50  ARG A CA  1 
ATOM   383  C CA  B ARG A 1 50 ? 7.486   -0.237  -15.183 0.53 27.93 ? 50  ARG A CA  1 
ATOM   384  C C   A ARG A 1 50 ? 7.215   -0.752  -13.800 0.47 24.15 ? 50  ARG A C   1 
ATOM   385  C C   B ARG A 1 50 ? 7.221   -0.772  -13.796 0.53 24.15 ? 50  ARG A C   1 
ATOM   386  O O   A ARG A 1 50 ? 6.164   -1.349  -13.564 0.47 24.91 ? 50  ARG A O   1 
ATOM   387  O O   B ARG A 1 50 ? 6.176   -1.382  -13.561 0.53 24.94 ? 50  ARG A O   1 
ATOM   388  C CB  A ARG A 1 50 ? 6.717   1.123   -15.288 0.47 27.89 ? 50  ARG A CB  1 
ATOM   389  C CB  B ARG A 1 50 ? 6.762   1.100   -15.293 0.53 27.87 ? 50  ARG A CB  1 
ATOM   390  C CG  A ARG A 1 50 ? 6.108   1.421   -16.619 0.47 35.25 ? 50  ARG A CG  1 
ATOM   391  C CG  B ARG A 1 50 ? 6.985   1.828   -16.559 0.53 37.23 ? 50  ARG A CG  1 
ATOM   392  C CD  A ARG A 1 50 ? 6.485   2.787   -17.118 0.47 42.43 ? 50  ARG A CD  1 
ATOM   393  C CD  B ARG A 1 50 ? 6.288   3.164   -16.525 0.53 40.12 ? 50  ARG A CD  1 
ATOM   394  N NE  A ARG A 1 50 ? 7.625   2.694   -18.019 0.47 49.58 ? 50  ARG A NE  1 
ATOM   395  N NE  B ARG A 1 50 ? 6.489   3.852   -17.792 0.53 52.98 ? 50  ARG A NE  1 
ATOM   396  C CZ  A ARG A 1 50 ? 7.532   2.813   -19.339 0.47 51.48 ? 50  ARG A CZ  1 
ATOM   397  C CZ  B ARG A 1 50 ? 7.575   4.556   -18.090 0.53 52.73 ? 50  ARG A CZ  1 
ATOM   398  N NH1 A ARG A 1 50 ? 8.616   2.711   -20.093 0.47 53.45 ? 50  ARG A NH1 1 
ATOM   399  N NH1 B ARG A 1 50 ? 7.678   5.143   -19.274 0.53 55.72 ? 50  ARG A NH1 1 
ATOM   400  N NH2 A ARG A 1 50 ? 6.349   3.021   -19.902 0.47 53.21 ? 50  ARG A NH2 1 
ATOM   401  N NH2 B ARG A 1 50 ? 8.566   4.662   -17.211 0.53 53.44 ? 50  ARG A NH2 1 
ATOM   402  N N   . VAL A 1 51 ? 8.141   -0.511  -12.868 1.00 23.56 ? 51  VAL A N   1 
ATOM   403  C CA  . VAL A 1 51 ? 7.883   -0.918  -11.490 1.00 23.82 ? 51  VAL A CA  1 
ATOM   404  C C   . VAL A 1 51 ? 6.630   -0.219  -10.963 1.00 24.62 ? 51  VAL A C   1 
ATOM   405  O O   . VAL A 1 51 ? 5.852   -0.809  -10.200 1.00 22.84 ? 51  VAL A O   1 
ATOM   406  C CB  . VAL A 1 51 ? 9.120   -0.659  -10.606 1.00 29.71 ? 51  VAL A CB  1 
ATOM   407  C CG1 . VAL A 1 51 ? 9.414   0.825   -10.508 1.00 33.94 ? 51  VAL A CG1 1 
ATOM   408  C CG2 . VAL A 1 51 ? 8.932   -1.281  -9.236  1.00 29.79 ? 51  VAL A CG2 1 
ATOM   409  N N   . ASP A 1 52 ? 6.377   1.017   -11.413 1.00 22.50 ? 52  ASP A N   1 
ATOM   410  C CA  . ASP A 1 52 ? 5.184   1.742   -10.980 1.00 25.20 ? 52  ASP A CA  1 
ATOM   411  C C   . ASP A 1 52 ? 3.895   1.023   -11.349 1.00 23.64 ? 52  ASP A C   1 
ATOM   412  O O   . ASP A 1 52 ? 2.914   1.071   -10.590 1.00 23.24 ? 52  ASP A O   1 
ATOM   413  C CB  . ASP A 1 52 ? 5.160   3.145   -11.578 1.00 27.99 ? 52  ASP A CB  1 
ATOM   414  C CG  . ASP A 1 52 ? 4.002   3.967   -11.042 1.00 47.95 ? 52  ASP A CG  1 
ATOM   415  O OD1 . ASP A 1 52 ? 3.927   4.138   -9.803  1.00 51.53 ? 52  ASP A OD1 1 
ATOM   416  O OD2 . ASP A 1 52 ? 3.142   4.399   -11.851 1.00 53.23 ? 52  ASP A OD2 1 
ATOM   417  N N   . ASP A 1 53 ? 3.844   0.420   -12.542 1.00 22.35 ? 53  ASP A N   1 
ATOM   418  C CA  . ASP A 1 53 ? 2.622   -0.261  -12.950 1.00 25.31 ? 53  ASP A CA  1 
ATOM   419  C C   . ASP A 1 53 ? 2.378   -1.472  -12.074 1.00 25.16 ? 53  ASP A C   1 
ATOM   420  O O   . ASP A 1 53 ? 1.232   -1.781  -11.727 1.00 22.78 ? 53  ASP A O   1 
ATOM   421  C CB  . ASP A 1 53 ? 2.699   -0.698  -14.414 1.00 23.95 ? 53  ASP A CB  1 
ATOM   422  C CG  . ASP A 1 53 ? 2.647   0.467   -15.391 1.00 35.13 ? 53  ASP A CG  1 
ATOM   423  O OD1 . ASP A 1 53 ? 2.646   0.201   -16.611 1.00 41.79 ? 53  ASP A OD1 1 
ATOM   424  O OD2 . ASP A 1 53 ? 2.624   1.636   -14.958 1.00 30.05 ? 53  ASP A OD2 1 
ATOM   425  N N   . CYS A 1 54 ? 3.450   -2.186  -11.731 1.00 20.19 ? 54  CYS A N   1 
ATOM   426  C CA  . CYS A 1 54 ? 3.333   -3.322  -10.827 1.00 18.82 ? 54  CYS A CA  1 
ATOM   427  C C   . CYS A 1 54 ? 2.847   -2.872  -9.453  1.00 19.61 ? 54  CYS A C   1 
ATOM   428  O O   . CYS A 1 54 ? 1.947   -3.484  -8.868  1.00 21.86 ? 54  CYS A O   1 
ATOM   429  C CB  . CYS A 1 54 ? 4.684   -4.032  -10.732 1.00 18.89 ? 54  CYS A CB  1 
ATOM   430  S SG  . CYS A 1 54 ? 4.680   -5.429  -9.599  1.00 22.65 ? 54  CYS A SG  1 
ATOM   431  N N   . GLN A 1 55 ? 3.424   -1.783  -8.926  1.00 24.34 ? 55  GLN A N   1 
ATOM   432  C CA  . GLN A 1 55 ? 3.051   -1.322  -7.594  1.00 25.24 ? 55  GLN A CA  1 
ATOM   433  C C   . GLN A 1 55 ? 1.617   -0.796  -7.555  1.00 21.55 ? 55  GLN A C   1 
ATOM   434  O O   . GLN A 1 55 ? 0.904   -0.994  -6.563  1.00 24.82 ? 55  GLN A O   1 
ATOM   435  C CB  . GLN A 1 55 ? 4.033   -0.250  -7.115  1.00 22.68 ? 55  GLN A CB  1 
ATOM   436  C CG  . GLN A 1 55 ? 5.480   -0.737  -7.003  1.00 23.93 ? 55  GLN A CG  1 
ATOM   437  C CD  . GLN A 1 55 ? 6.452   0.388   -6.714  1.00 32.96 ? 55  GLN A CD  1 
ATOM   438  O OE1 . GLN A 1 55 ? 6.275   1.514   -7.175  1.00 35.98 ? 55  GLN A OE1 1 
ATOM   439  N NE2 . GLN A 1 55 ? 7.463   0.096   -5.909  1.00 38.07 ? 55  GLN A NE2 1 
ATOM   440  N N   . ARG A 1 56 ? 1.172   -0.128  -8.623  1.00 19.36 ? 56  ARG A N   1 
ATOM   441  C CA  . ARG A 1 56 ? -0.177  0.424   -8.622  1.00 19.40 ? 56  ARG A CA  1 
ATOM   442  C C   . ARG A 1 56 ? -1.244  -0.661  -8.736  1.00 22.58 ? 56  ARG A C   1 
ATOM   443  O O   . ARG A 1 56 ? -2.394  -0.431  -8.342  1.00 26.92 ? 56  ARG A O   1 
ATOM   444  C CB  . ARG A 1 56 ? -0.317  1.453   -9.746  1.00 23.13 ? 56  ARG A CB  1 
ATOM   445  C CG  . ARG A 1 56 ? 0.330   2.801   -9.405  1.00 29.72 ? 56  ARG A CG  1 
ATOM   446  C CD  . ARG A 1 56 ? 0.072   3.875   -10.474 1.00 33.48 ? 56  ARG A CD  1 
ATOM   447  N NE  . ARG A 1 56 ? 0.514   3.454   -11.796 1.00 28.08 ? 56  ARG A NE  1 
ATOM   448  C CZ  . ARG A 1 56 ? -0.290  2.957   -12.729 1.00 37.13 ? 56  ARG A CZ  1 
ATOM   449  N NH1 . ARG A 1 56 ? -1.587  2.818   -12.474 1.00 29.35 ? 56  ARG A NH1 1 
ATOM   450  N NH2 . ARG A 1 56 ? 0.203   2.580   -13.905 1.00 30.35 ? 56  ARG A NH2 1 
ATOM   451  N N   . LEU A 1 57 ? -0.903  -1.835  -9.251  1.00 20.82 ? 57  LEU A N   1 
ATOM   452  C CA  . LEU A 1 57 ? -1.886  -2.911  -9.312  1.00 18.66 ? 57  LEU A CA  1 
ATOM   453  C C   . LEU A 1 57 ? -1.795  -3.849  -8.109  1.00 24.12 ? 57  LEU A C   1 
ATOM   454  O O   . LEU A 1 57 ? -2.818  -4.225  -7.530  1.00 24.33 ? 57  LEU A O   1 
ATOM   455  C CB  . LEU A 1 57 ? -1.717  -3.708  -10.611 1.00 21.16 ? 57  LEU A CB  1 
ATOM   456  C CG  . LEU A 1 57 ? -2.704  -4.870  -10.782 1.00 22.95 ? 57  LEU A CG  1 
ATOM   457  C CD1 . LEU A 1 57 ? -4.137  -4.355  -10.873 1.00 25.69 ? 57  LEU A CD1 1 
ATOM   458  C CD2 . LEU A 1 57 ? -2.352  -5.656  -12.010 1.00 21.14 ? 57  LEU A CD2 1 
ATOM   459  N N   . CYS A 1 58 ? -0.592  -4.231  -7.710  1.00 20.47 ? 58  CYS A N   1 
ATOM   460  C CA  . CYS A 1 58 ? -0.424  -5.312  -6.742  1.00 19.00 ? 58  CYS A CA  1 
ATOM   461  C C   . CYS A 1 58 ? -0.057  -4.821  -5.351  1.00 26.76 ? 58  CYS A C   1 
ATOM   462  O O   . CYS A 1 58 ? -0.091  -5.629  -4.426  1.00 29.72 ? 58  CYS A O   1 
ATOM   463  C CB  . CYS A 1 58 ? 0.653   -6.293  -7.236  1.00 18.87 ? 58  CYS A CB  1 
ATOM   464  S SG  . CYS A 1 58 ? 0.239   -6.969  -8.866  1.00 22.58 ? 58  CYS A SG  1 
ATOM   465  O OXT . CYS A 1 58 ? 0.305   -3.661  -5.123  1.00 26.75 ? 58  CYS A OXT 1 
ATOM   466  N N   . ALA B 1 1  ? -25.678 8.039   16.255  1.00 51.58 ? 1   ALA B N   1 
ATOM   467  C CA  . ALA B 1 1  ? -24.391 8.707   16.011  1.00 52.61 ? 1   ALA B CA  1 
ATOM   468  C C   . ALA B 1 1  ? -23.751 8.933   17.382  1.00 48.58 ? 1   ALA B C   1 
ATOM   469  O O   . ALA B 1 1  ? -24.482 9.029   18.364  1.00 43.72 ? 1   ALA B O   1 
ATOM   470  C CB  . ALA B 1 1  ? -24.677 9.991   15.277  1.00 56.47 ? 1   ALA B CB  1 
ATOM   471  N N   . ASN B 1 2  ? -22.429 8.950   17.448  1.00 40.72 ? 2   ASN B N   1 
ATOM   472  C CA  . ASN B 1 2  ? -21.785 9.159   18.742  1.00 37.66 ? 2   ASN B CA  1 
ATOM   473  C C   . ASN B 1 2  ? -20.381 9.642   18.438  1.00 42.73 ? 2   ASN B C   1 
ATOM   474  O O   . ASN B 1 2  ? -19.542 8.853   17.994  1.00 41.33 ? 2   ASN B O   1 
ATOM   475  C CB  . ASN B 1 2  ? -21.756 7.877   19.562  1.00 41.28 ? 2   ASN B CB  1 
ATOM   476  C CG  . ASN B 1 2  ? -21.469 8.122   21.043  1.00 41.71 ? 2   ASN B CG  1 
ATOM   477  O OD1 . ASN B 1 2  ? -20.848 9.120   21.413  1.00 42.85 ? 2   ASN B OD1 1 
ATOM   478  N ND2 . ASN B 1 2  ? -21.904 7.195   21.893  1.00 36.84 ? 2   ASN B ND2 1 
ATOM   479  N N   . SER B 1 3  ? -20.134 10.925  18.652  1.00 35.82 ? 3   SER B N   1 
ATOM   480  C CA  . SER B 1 3  ? -18.817 11.436  18.312  1.00 38.17 ? 3   SER B CA  1 
ATOM   481  C C   . SER B 1 3  ? -17.802 11.174  19.415  1.00 32.81 ? 3   SER B C   1 
ATOM   482  O O   . SER B 1 3  ? -16.657 10.821  19.120  1.00 34.34 ? 3   SER B O   1 
ATOM   483  C CB  . SER B 1 3  ? -18.892 12.931  18.006  1.00 41.56 ? 3   SER B CB  1 
ATOM   484  O OG  . SER B 1 3  ? -18.832 13.691  19.196  1.00 55.38 ? 3   SER B OG  1 
ATOM   485  N N   . LYS B 1 4  ? -18.180 11.338  20.689  1.00 27.10 ? 4   LYS B N   1 
ATOM   486  C CA  . LYS B 1 4  ? -17.196 11.118  21.745  1.00 28.14 ? 4   LYS B CA  1 
ATOM   487  C C   . LYS B 1 4  ? -16.769 9.662   21.817  1.00 27.00 ? 4   LYS B C   1 
ATOM   488  O O   . LYS B 1 4  ? -15.717 9.370   22.394  1.00 26.39 ? 4   LYS B O   1 
ATOM   489  C CB  . LYS B 1 4  ? -17.733 11.528  23.114  1.00 42.48 ? 4   LYS B CB  1 
ATOM   490  C CG  . LYS B 1 4  ? -18.091 12.988  23.272  1.00 47.30 ? 4   LYS B CG  1 
ATOM   491  C CD  . LYS B 1 4  ? -16.905 13.915  23.245  1.00 43.21 ? 4   LYS B CD  1 
ATOM   492  C CE  . LYS B 1 4  ? -17.385 15.363  23.464  1.00 39.93 ? 4   LYS B CE  1 
ATOM   493  N NZ  . LYS B 1 4  ? -16.334 16.413  23.404  1.00 33.09 ? 4   LYS B NZ  1 
ATOM   494  N N   . ALA B 1 5  ? -17.582 8.749   21.267  1.00 31.86 ? 5   ALA B N   1 
ATOM   495  C CA  . ALA B 1 5  ? -17.231 7.332   21.208  1.00 29.72 ? 5   ALA B CA  1 
ATOM   496  C C   . ALA B 1 5  ? -15.866 7.123   20.564  1.00 33.02 ? 5   ALA B C   1 
ATOM   497  O O   . ALA B 1 5  ? -15.079 6.279   21.014  1.00 38.79 ? 5   ALA B O   1 
ATOM   498  C CB  . ALA B 1 5  ? -18.298 6.563   20.427  1.00 36.66 ? 5   ALA B CB  1 
ATOM   499  N N   . VAL B 1 6  ? -15.575 7.888   19.514  1.00 22.64 ? 6   VAL B N   1 
ATOM   500  C CA  . VAL B 1 6  ? -14.283 7.941   18.830  1.00 21.33 ? 6   VAL B CA  1 
ATOM   501  C C   . VAL B 1 6  ? -13.103 7.782   19.778  1.00 20.00 ? 6   VAL B C   1 
ATOM   502  O O   . VAL B 1 6  ? -12.110 7.123   19.448  1.00 19.95 ? 6   VAL B O   1 
ATOM   503  C CB  . VAL B 1 6  ? -14.192 9.276   18.064  1.00 27.60 ? 6   VAL B CB  1 
ATOM   504  C CG1 . VAL B 1 6  ? -12.775 9.618   17.695  1.00 29.37 ? 6   VAL B CG1 1 
ATOM   505  C CG2 . VAL B 1 6  ? -15.085 9.217   16.823  1.00 36.21 ? 6   VAL B CG2 1 
ATOM   506  N N   . CYS B 1 7  ? -13.221 8.377   20.966  1.00 20.30 ? 7   CYS B N   1 
ATOM   507  C CA  . CYS B 1 7  ? -12.088 8.570   21.864  1.00 17.81 ? 7   CYS B CA  1 
ATOM   508  C C   . CYS B 1 7  ? -11.535 7.265   22.414  1.00 22.01 ? 7   CYS B C   1 
ATOM   509  O O   . CYS B 1 7  ? -10.375 7.229   22.847  1.00 20.83 ? 7   CYS B O   1 
ATOM   510  C CB  . CYS B 1 7  ? -12.516 9.476   23.015  1.00 23.82 ? 7   CYS B CB  1 
ATOM   511  S SG  . CYS B 1 7  ? -13.003 11.146  22.450  1.00 23.20 ? 7   CYS B SG  1 
ATOM   512  N N   . ASN B 1 8  ? -12.354 6.217   22.407  1.00 20.13 ? 8   ASN B N   1 
ATOM   513  C CA  . ASN B 1 8  ? -11.901 4.904   22.929  1.00 24.47 ? 8   ASN B CA  1 
ATOM   514  C C   . ASN B 1 8  ? -11.597 3.903   21.805  1.00 22.40 ? 8   ASN B C   1 
ATOM   515  O O   . ASN B 1 8  ? -11.385 2.739   22.111  1.00 22.26 ? 8   ASN B O   1 
ATOM   516  C CB  . ASN B 1 8  ? -12.836 4.349   24.000  1.00 28.21 ? 8   ASN B CB  1 
ATOM   517  C CG  . ASN B 1 8  ? -12.985 5.270   25.191  1.00 31.03 ? 8   ASN B CG  1 
ATOM   518  O OD1 . ASN B 1 8  ? -12.014 5.781   25.716  1.00 35.66 ? 8   ASN B OD1 1 
ATOM   519  N ND2 . ASN B 1 8  ? -14.201 5.472   25.620  1.00 34.55 ? 8   ASN B ND2 1 
ATOM   520  N N   . LEU B 1 9  ? -11.533 4.357   20.558  1.00 18.22 ? 9   LEU B N   1 
ATOM   521  C CA  . LEU B 1 9  ? -11.132 3.426   19.483  1.00 18.26 ? 9   LEU B CA  1 
ATOM   522  C C   . LEU B 1 9  ? -9.653  3.109   19.660  1.00 19.57 ? 9   LEU B C   1 
ATOM   523  O O   . LEU B 1 9  ? -8.912  3.962   20.070  1.00 18.21 ? 9   LEU B O   1 
ATOM   524  C CB  . LEU B 1 9  ? -11.337 4.060   18.107  1.00 18.03 ? 9   LEU B CB  1 
ATOM   525  C CG  . LEU B 1 9  ? -12.783 4.238   17.663  1.00 21.15 ? 9   LEU B CG  1 
ATOM   526  C CD1 . LEU B 1 9  ? -12.853 5.086   16.401  1.00 22.51 ? 9   LEU B CD1 1 
ATOM   527  C CD2 . LEU B 1 9  ? -13.425 2.888   17.412  1.00 24.33 ? 9   LEU B CD2 1 
ATOM   528  N N   . PRO B 1 10 ? -9.189  1.927   19.256  1.00 19.84 ? 10  PRO B N   1 
ATOM   529  C CA  . PRO B 1 10 ? -7.803  1.632   19.404  1.00 16.99 ? 10  PRO B CA  1 
ATOM   530  C C   . PRO B 1 10 ? -6.958  2.414   18.395  1.00 18.91 ? 10  PRO B C   1 
ATOM   531  O O   . PRO B 1 10 ? -7.387  2.622   17.318  1.00 20.25 ? 10  PRO B O   1 
ATOM   532  C CB  . PRO B 1 10 ? -7.698  0.131   19.111  1.00 20.54 ? 10  PRO B CB  1 
ATOM   533  C CG  . PRO B 1 10 ? -8.918  -0.204  18.333  1.00 20.11 ? 10  PRO B CG  1 
ATOM   534  C CD  . PRO B 1 10 ? -9.954  0.849   18.655  1.00 22.06 ? 10  PRO B CD  1 
ATOM   535  N N   . LYS B 1 11 ? -5.793  2.838   18.846  1.00 16.70 ? 11  LYS B N   1 
ATOM   536  C CA  . LYS B 1 11 ? -4.804  3.410   17.939  1.00 18.74 ? 11  LYS B CA  1 
ATOM   537  C C   . LYS B 1 11 ? -4.598  2.514   16.725  1.00 18.25 ? 11  LYS B C   1 
ATOM   538  O O   . LYS B 1 11 ? -4.346  1.317   16.865  1.00 18.70 ? 11  LYS B O   1 
ATOM   539  C CB  . LYS B 1 11 ? -3.488  3.579   18.688  1.00 16.86 ? 11  LYS B CB  1 
ATOM   540  C CG  . LYS B 1 11 ? -2.399  4.226   17.849  1.00 22.34 ? 11  LYS B CG  1 
ATOM   541  C CD  . LYS B 1 11 ? -1.068  3.901   18.479  1.00 24.74 ? 11  LYS B CD  1 
ATOM   542  C CE  . LYS B 1 11 ? 0.063   4.567   17.741  1.00 30.02 ? 11  LYS B CE  1 
ATOM   543  N NZ  . LYS B 1 11 ? 1.360   4.208   18.384  1.00 27.81 ? 11  LYS B NZ  1 
ATOM   544  N N   . LEU B 1 12 ? -4.702  3.094   15.524  1.00 18.29 ? 12  LEU B N   1 
ATOM   545  C CA  . LEU B 1 12 ? -4.578  2.322   14.280  1.00 17.93 ? 12  LEU B CA  1 
ATOM   546  C C   . LEU B 1 12 ? -3.719  3.125   13.308  1.00 20.10 ? 12  LEU B C   1 
ATOM   547  O O   . LEU B 1 12 ? -4.183  4.104   12.726  1.00 19.63 ? 12  LEU B O   1 
ATOM   548  C CB  . LEU B 1 12 ? -5.947  2.010   13.697  1.00 18.25 ? 12  LEU B CB  1 
ATOM   549  C CG  . LEU B 1 12 ? -5.977  1.098   12.476  1.00 24.42 ? 12  LEU B CG  1 
ATOM   550  C CD1 . LEU B 1 12 ? -5.472  -0.299  12.836  1.00 23.63 ? 12  LEU B CD1 1 
ATOM   551  C CD2 . LEU B 1 12 ? -7.398  1.023   11.917  1.00 20.59 ? 12  LEU B CD2 1 
ATOM   552  N N   . ALA B 1 13 ? -2.461  2.722   13.141  1.00 19.07 ? 13  ALA B N   1 
ATOM   553  C CA  . ALA B 1 13 ? -1.544  3.601   12.423  1.00 19.19 ? 13  ALA B CA  1 
ATOM   554  C C   . ALA B 1 13 ? -1.667  3.514   10.904  1.00 22.44 ? 13  ALA B C   1 
ATOM   555  O O   . ALA B 1 13 ? -1.201  4.431   10.213  1.00 21.43 ? 13  ALA B O   1 
ATOM   556  C CB  . ALA B 1 13 ? -0.106  3.320   12.848  1.00 18.50 ? 13  ALA B CB  1 
ATOM   557  N N   . GLY B 1 14 ? -2.298  2.469   10.362  1.00 20.03 ? 14  GLY B N   1 
ATOM   558  C CA  . GLY B 1 14 ? -2.474  2.346   8.922   1.00 21.10 ? 14  GLY B CA  1 
ATOM   559  C C   . GLY B 1 14 ? -1.420  1.459   8.265   1.00 25.71 ? 14  GLY B C   1 
ATOM   560  O O   . GLY B 1 14 ? -0.448  1.013   8.878   1.00 26.46 ? 14  GLY B O   1 
ATOM   561  N N   . ASP B 1 15 ? -1.618  1.225   6.967   1.00 23.02 ? 15  ASP B N   1 
ATOM   562  C CA  . ASP B 1 15 ? -0.863  0.219   6.224   1.00 23.36 ? 15  ASP B CA  1 
ATOM   563  C C   . ASP B 1 15 ? 0.423   0.796   5.635   1.00 22.04 ? 15  ASP B C   1 
ATOM   564  O O   . ASP B 1 15 ? 0.376   1.714   4.804   1.00 23.76 ? 15  ASP B O   1 
ATOM   565  C CB  . ASP B 1 15 ? -1.774  -0.350  5.137   1.00 24.57 ? 15  ASP B CB  1 
ATOM   566  C CG  . ASP B 1 15 ? -1.115  -1.409  4.287   1.00 30.05 ? 15  ASP B CG  1 
ATOM   567  O OD1 . ASP B 1 15 ? 0.055   -1.788  4.520   1.00 27.83 ? 15  ASP B OD1 1 
ATOM   568  O OD2 . ASP B 1 15 ? -1.809  -1.875  3.361   1.00 26.97 ? 15  ASP B OD2 1 
ATOM   569  N N   A GLU B 1 16 ? 1.572   0.240   6.038   0.37 25.03 ? 16  GLU B N   1 
ATOM   570  N N   B GLU B 1 16 ? 1.555   0.202   6.032   0.63 25.04 ? 16  GLU B N   1 
ATOM   571  C CA  A GLU B 1 16 ? 2.855   0.761   5.568   0.37 30.12 ? 16  GLU B CA  1 
ATOM   572  C CA  B GLU B 1 16 ? 2.875   0.647   5.597   0.63 30.12 ? 16  GLU B CA  1 
ATOM   573  C C   A GLU B 1 16 ? 3.046   0.614   4.065   0.37 27.02 ? 16  GLU B C   1 
ATOM   574  C C   B GLU B 1 16 ? 3.023   0.615   4.083   0.63 27.01 ? 16  GLU B C   1 
ATOM   575  O O   A GLU B 1 16 ? 3.856   1.344   3.484   0.37 27.00 ? 16  GLU B O   1 
ATOM   576  O O   B GLU B 1 16 ? 3.777   1.413   3.513   0.63 27.06 ? 16  GLU B O   1 
ATOM   577  C CB  A GLU B 1 16 ? 4.023   0.076   6.293   0.37 32.00 ? 16  GLU B CB  1 
ATOM   578  C CB  B GLU B 1 16 ? 3.948   -0.238  6.235   0.63 31.74 ? 16  GLU B CB  1 
ATOM   579  C CG  A GLU B 1 16 ? 4.410   0.716   7.630   0.37 38.98 ? 16  GLU B CG  1 
ATOM   580  C CG  B GLU B 1 16 ? 5.351   0.317   6.154   0.63 33.79 ? 16  GLU B CG  1 
ATOM   581  C CD  A GLU B 1 16 ? 5.594   1.677   7.530   0.37 40.27 ? 16  GLU B CD  1 
ATOM   582  C CD  B GLU B 1 16 ? 5.601   1.386   7.193   0.63 39.31 ? 16  GLU B CD  1 
ATOM   583  O OE1 A GLU B 1 16 ? 5.740   2.353   6.487   0.37 43.37 ? 16  GLU B OE1 1 
ATOM   584  O OE1 B GLU B 1 16 ? 5.302   1.130   8.382   0.63 41.81 ? 16  GLU B OE1 1 
ATOM   585  O OE2 A GLU B 1 16 ? 6.373   1.763   8.507   0.37 45.43 ? 16  GLU B OE2 1 
ATOM   586  O OE2 B GLU B 1 16 ? 6.083   2.480   6.826   0.63 43.47 ? 16  GLU B OE2 1 
ATOM   587  N N   . THR B 1 17 ? 2.329   -0.299  3.417   1.00 18.88 ? 17  THR B N   1 
ATOM   588  C CA  . THR B 1 17 ? 2.539   -0.498  1.991   1.00 19.65 ? 17  THR B CA  1 
ATOM   589  C C   . THR B 1 17 ? 1.760   0.479   1.122   1.00 21.60 ? 17  THR B C   1 
ATOM   590  O O   . THR B 1 17 ? 1.863   0.393   -0.101  1.00 25.56 ? 17  THR B O   1 
ATOM   591  C CB  . THR B 1 17 ? 2.165   -1.922  1.590   1.00 22.31 ? 17  THR B CB  1 
ATOM   592  O OG1 . THR B 1 17 ? 0.764   -2.105  1.782   1.00 25.67 ? 17  THR B OG1 1 
ATOM   593  C CG2 . THR B 1 17 ? 2.918   -2.930  2.450   1.00 23.50 ? 17  THR B CG2 1 
ATOM   594  N N   . CYS B 1 18 ? 0.976   1.382   1.701   1.00 21.11 ? 18  CYS B N   1 
ATOM   595  C CA  . CYS B 1 18 ? 0.296   2.379   0.890   1.00 20.53 ? 18  CYS B CA  1 
ATOM   596  C C   . CYS B 1 18 ? 1.323   3.340   0.306   1.00 23.78 ? 18  CYS B C   1 
ATOM   597  O O   . CYS B 1 18 ? 2.453   3.442   0.786   1.00 27.94 ? 18  CYS B O   1 
ATOM   598  C CB  . CYS B 1 18 ? -0.693  3.164   1.741   1.00 22.48 ? 18  CYS B CB  1 
ATOM   599  S SG  . CYS B 1 18 ? -2.079  2.190   2.329   1.00 28.93 ? 18  CYS B SG  1 
ATOM   600  N N   A SER B 1 19 ? 0.924   4.068   -0.738  0.44 22.61 ? 19  SER B N   1 
ATOM   601  N N   B SER B 1 19 ? 0.911   4.069   -0.728  0.56 22.43 ? 19  SER B N   1 
ATOM   602  C CA  A SER B 1 19 ? 1.825   5.045   -1.340  0.44 22.92 ? 19  SER B CA  1 
ATOM   603  C CA  B SER B 1 19 ? 1.786   5.044   -1.362  0.56 22.57 ? 19  SER B CA  1 
ATOM   604  C C   A SER B 1 19 ? 1.658   6.436   -0.746  0.44 24.51 ? 19  SER B C   1 
ATOM   605  C C   B SER B 1 19 ? 1.629   6.439   -0.773  0.56 24.49 ? 19  SER B C   1 
ATOM   606  O O   A SER B 1 19 ? 2.336   7.366   -1.183  0.44 23.94 ? 19  SER B O   1 
ATOM   607  O O   B SER B 1 19 ? 2.299   7.367   -1.228  0.56 23.82 ? 19  SER B O   1 
ATOM   608  C CB  A SER B 1 19 ? 1.617   5.116   -2.855  0.44 23.93 ? 19  SER B CB  1 
ATOM   609  C CB  B SER B 1 19 ? 1.521   5.074   -2.870  0.56 23.92 ? 19  SER B CB  1 
ATOM   610  O OG  A SER B 1 19 ? 0.370   5.711   -3.157  0.44 30.20 ? 19  SER B OG  1 
ATOM   611  O OG  B SER B 1 19 ? 1.866   3.833   -3.456  0.56 22.29 ? 19  SER B OG  1 
ATOM   612  N N   . ASN B 1 20 ? 0.780   6.596   0.235   1.00 22.12 ? 20  ASN B N   1 
ATOM   613  C CA  . ASN B 1 20 ? 0.523   7.900   0.816   1.00 20.88 ? 20  ASN B CA  1 
ATOM   614  C C   . ASN B 1 20 ? 1.698   8.375   1.660   1.00 22.71 ? 20  ASN B C   1 
ATOM   615  O O   . ASN B 1 20 ? 2.432   7.584   2.258   1.00 21.60 ? 20  ASN B O   1 
ATOM   616  C CB  . ASN B 1 20 ? -0.713  7.829   1.700   1.00 18.14 ? 20  ASN B CB  1 
ATOM   617  C CG  . ASN B 1 20 ? -1.908  7.334   0.950   1.00 18.56 ? 20  ASN B CG  1 
ATOM   618  O OD1 . ASN B 1 20 ? -2.053  6.131   0.747   1.00 20.64 ? 20  ASN B OD1 1 
ATOM   619  N ND2 . ASN B 1 20 ? -2.751  8.244   0.499   1.00 20.15 ? 20  ASN B ND2 1 
ATOM   620  N N   . LYS B 1 21 ? 1.839   9.688   1.730   1.00 19.33 ? 21  LYS B N   1 
ATOM   621  C CA  . LYS B 1 21 ? 2.803   10.321  2.617   1.00 21.20 ? 21  LYS B CA  1 
ATOM   622  C C   . LYS B 1 21 ? 2.416   10.081  4.078   1.00 22.22 ? 21  LYS B C   1 
ATOM   623  O O   . LYS B 1 21 ? 1.245   10.196  4.432   1.00 22.91 ? 21  LYS B O   1 
ATOM   624  C CB  . LYS B 1 21 ? 2.817   11.811  2.306   1.00 24.80 ? 21  LYS B CB  1 
ATOM   625  C CG  . LYS B 1 21 ? 3.560   12.669  3.262   1.00 31.96 ? 21  LYS B CG  1 
ATOM   626  C CD  . LYS B 1 21 ? 4.990   12.700  2.839   1.00 36.73 ? 21  LYS B CD  1 
ATOM   627  C CE  . LYS B 1 21 ? 5.732   13.700  3.657   1.00 36.06 ? 21  LYS B CE  1 
ATOM   628  N NZ  . LYS B 1 21 ? 6.318   12.993  4.814   1.00 45.38 ? 21  LYS B NZ  1 
ATOM   629  N N   . THR B 1 22 ? 3.391   9.745   4.929   1.00 19.06 ? 22  THR B N   1 
ATOM   630  C CA  . THR B 1 22 ? 3.076   9.607   6.349   1.00 20.11 ? 22  THR B CA  1 
ATOM   631  C C   . THR B 1 22 ? 3.069   10.987  7.020   1.00 24.46 ? 22  THR B C   1 
ATOM   632  O O   . THR B 1 22 ? 3.657   11.951  6.519   1.00 23.87 ? 22  THR B O   1 
ATOM   633  C CB  . THR B 1 22 ? 4.076   8.685   7.066   1.00 22.61 ? 22  THR B CB  1 
ATOM   634  O OG1 . THR B 1 22 ? 5.346   9.338   7.160   1.00 24.72 ? 22  THR B OG1 1 
ATOM   635  C CG2 . THR B 1 22 ? 4.239   7.337   6.336   1.00 20.68 ? 22  THR B CG2 1 
ATOM   636  N N   . GLU B 1 23 ? 2.419   11.067  8.180   1.00 17.84 ? 23  GLU B N   1 
ATOM   637  C CA  . GLU B 1 23 ? 2.169   12.358  8.816   1.00 18.44 ? 23  GLU B CA  1 
ATOM   638  C C   . GLU B 1 23 ? 1.934   12.148  10.307  1.00 18.94 ? 23  GLU B C   1 
ATOM   639  O O   . GLU B 1 23 ? 1.379   11.127  10.711  1.00 21.95 ? 23  GLU B O   1 
ATOM   640  C CB  . GLU B 1 23 ? 0.949   13.028  8.170   1.00 24.28 ? 23  GLU B CB  1 
ATOM   641  C CG  . GLU B 1 23 ? 0.641   14.443  8.579   1.00 28.10 ? 23  GLU B CG  1 
ATOM   642  C CD  . GLU B 1 23 ? -0.432  15.051  7.683   1.00 40.08 ? 23  GLU B CD  1 
ATOM   643  O OE1 . GLU B 1 23 ? -1.634  14.901  8.002   1.00 34.91 ? 23  GLU B OE1 1 
ATOM   644  O OE2 . GLU B 1 23 ? -0.081  15.685  6.663   1.00 40.32 ? 23  GLU B OE2 1 
ATOM   645  N N   . ILE B 1 24 ? 2.357   13.129  11.111  1.00 19.11 ? 24  ILE B N   1 
ATOM   646  C CA  . ILE B 1 24 ? 2.015   13.164  12.534  1.00 19.50 ? 24  ILE B CA  1 
ATOM   647  C C   . ILE B 1 24 ? 0.504   13.254  12.698  1.00 16.34 ? 24  ILE B C   1 
ATOM   648  O O   . ILE B 1 24 ? -0.137  14.134  12.122  1.00 19.80 ? 24  ILE B O   1 
ATOM   649  C CB  . ILE B 1 24 ? 2.647   14.396  13.208  1.00 22.70 ? 24  ILE B CB  1 
ATOM   650  C CG1 . ILE B 1 24 ? 4.165   14.431  13.097  1.00 29.09 ? 24  ILE B CG1 1 
ATOM   651  C CG2 . ILE B 1 24 ? 2.249   14.446  14.675  1.00 22.39 ? 24  ILE B CG2 1 
ATOM   652  C CD1 . ILE B 1 24 ? 4.809   13.355  13.810  1.00 30.18 ? 24  ILE B CD1 1 
ATOM   653  N N   . ARG B 1 25 ? -0.070  12.386  13.530  1.00 16.10 ? 25  ARG B N   1 
ATOM   654  C CA  . ARG B 1 25 ? -1.447  12.555  13.987  1.00 18.62 ? 25  ARG B CA  1 
ATOM   655  C C   . ARG B 1 25 ? -1.491  12.339  15.492  1.00 20.34 ? 25  ARG B C   1 
ATOM   656  O O   . ARG B 1 25 ? -0.492  11.973  16.113  1.00 18.87 ? 25  ARG B O   1 
ATOM   657  C CB  . ARG B 1 25 ? -2.404  11.592  13.284  1.00 14.71 ? 25  ARG B CB  1 
ATOM   658  C CG  . ARG B 1 25 ? -2.405  11.796  11.788  1.00 14.05 ? 25  ARG B CG  1 
ATOM   659  C CD  . ARG B 1 25 ? -3.169  13.076  11.365  1.00 15.38 ? 25  ARG B CD  1 
ATOM   660  N NE  . ARG B 1 25 ? -3.124  13.251  9.904   1.00 19.43 ? 25  ARG B NE  1 
ATOM   661  C CZ  . ARG B 1 25 ? -3.955  12.657  9.051   1.00 18.00 ? 25  ARG B CZ  1 
ATOM   662  N NH1 . ARG B 1 25 ? -3.833  12.868  7.743   1.00 19.41 ? 25  ARG B NH1 1 
ATOM   663  N NH2 . ARG B 1 25 ? -4.927  11.875  9.504   1.00 20.27 ? 25  ARG B NH2 1 
ATOM   664  N N   . TRP B 1 26 ? -2.660  12.565  16.089  1.00 15.69 ? 26  TRP B N   1 
ATOM   665  C CA  . TRP B 1 26 ? -2.821  12.390  17.524  1.00 19.73 ? 26  TRP B CA  1 
ATOM   666  C C   . TRP B 1 26 ? -3.973  11.434  17.801  1.00 16.58 ? 26  TRP B C   1 
ATOM   667  O O   . TRP B 1 26 ? -4.945  11.383  17.053  1.00 16.23 ? 26  TRP B O   1 
ATOM   668  C CB  . TRP B 1 26 ? -3.066  13.736  18.234  1.00 17.32 ? 26  TRP B CB  1 
ATOM   669  C CG  . TRP B 1 26 ? -1.968  14.733  17.967  1.00 22.55 ? 26  TRP B CG  1 
ATOM   670  C CD1 . TRP B 1 26 ? -1.740  15.409  16.801  1.00 25.24 ? 26  TRP B CD1 1 
ATOM   671  C CD2 . TRP B 1 26 ? -0.893  15.083  18.846  1.00 30.42 ? 26  TRP B CD2 1 
ATOM   672  N NE1 . TRP B 1 26 ? -0.624  16.200  16.921  1.00 32.61 ? 26  TRP B NE1 1 
ATOM   673  C CE2 . TRP B 1 26 ? -0.081  16.014  18.165  1.00 24.76 ? 26  TRP B CE2 1 
ATOM   674  C CE3 . TRP B 1 26 ? -0.547  14.713  20.148  1.00 26.81 ? 26  TRP B CE3 1 
ATOM   675  C CZ2 . TRP B 1 26 ? 1.055   16.584  18.744  1.00 31.17 ? 26  TRP B CZ2 1 
ATOM   676  C CZ3 . TRP B 1 26 ? 0.583   15.286  20.727  1.00 35.20 ? 26  TRP B CZ3 1 
ATOM   677  C CH2 . TRP B 1 26 ? 1.371   16.207  20.024  1.00 34.04 ? 26  TRP B CH2 1 
ATOM   678  N N   . TYR B 1 27 ? -3.845  10.670  18.878  1.00 19.64 ? 27  TYR B N   1 
ATOM   679  C CA  . TYR B 1 27 ? -4.924  9.813   19.341  1.00 16.63 ? 27  TYR B CA  1 
ATOM   680  C C   . TYR B 1 27 ? -5.061  9.940   20.856  1.00 16.34 ? 27  TYR B C   1 
ATOM   681  O O   . TYR B 1 27 ? -4.110  10.271  21.569  1.00 19.56 ? 27  TYR B O   1 
ATOM   682  C CB  . TYR B 1 27 ? -4.702  8.345   18.928  1.00 17.44 ? 27  TYR B CB  1 
ATOM   683  C CG  . TYR B 1 27 ? -3.763  7.593   19.837  1.00 18.53 ? 27  TYR B CG  1 
ATOM   684  C CD1 . TYR B 1 27 ? -2.392  7.791   19.774  1.00 19.04 ? 27  TYR B CD1 1 
ATOM   685  C CD2 . TYR B 1 27 ? -4.256  6.683   20.763  1.00 19.58 ? 27  TYR B CD2 1 
ATOM   686  C CE1 . TYR B 1 27 ? -1.539  7.095   20.613  1.00 20.87 ? 27  TYR B CE1 1 
ATOM   687  C CE2 . TYR B 1 27 ? -3.409  5.987   21.606  1.00 20.04 ? 27  TYR B CE2 1 
ATOM   688  C CZ  . TYR B 1 27 ? -2.055  6.197   21.524  1.00 21.98 ? 27  TYR B CZ  1 
ATOM   689  O OH  . TYR B 1 27 ? -1.218  5.507   22.373  1.00 24.79 ? 27  TYR B OH  1 
ATOM   690  N N   . TYR B 1 28 ? -6.268  9.680   21.340  1.00 17.11 ? 28  TYR B N   1 
ATOM   691  C CA  . TYR B 1 28 ? -6.595  9.754   22.758  1.00 17.13 ? 28  TYR B CA  1 
ATOM   692  C C   . TYR B 1 28 ? -6.411  8.383   23.399  1.00 15.93 ? 28  TYR B C   1 
ATOM   693  O O   . TYR B 1 28 ? -6.898  7.376   22.874  1.00 16.05 ? 28  TYR B O   1 
ATOM   694  C CB  . TYR B 1 28 ? -8.037  10.236  22.933  1.00 15.87 ? 28  TYR B CB  1 
ATOM   695  C CG  . TYR B 1 28 ? -8.451  10.428  24.378  1.00 20.51 ? 28  TYR B CG  1 
ATOM   696  C CD1 . TYR B 1 28 ? -7.860  11.410  25.167  1.00 19.99 ? 28  TYR B CD1 1 
ATOM   697  C CD2 . TYR B 1 28 ? -9.411  9.600   24.962  1.00 27.06 ? 28  TYR B CD2 1 
ATOM   698  C CE1 . TYR B 1 28 ? -8.233  11.585  26.490  1.00 24.83 ? 28  TYR B CE1 1 
ATOM   699  C CE2 . TYR B 1 28 ? -9.794  9.774   26.283  1.00 20.67 ? 28  TYR B CE2 1 
ATOM   700  C CZ  . TYR B 1 28 ? -9.195  10.768  27.037  1.00 23.84 ? 28  TYR B CZ  1 
ATOM   701  O OH  . TYR B 1 28 ? -9.558  10.946  28.350  1.00 31.22 ? 28  TYR B OH  1 
ATOM   702  N N   . ASN B 1 29 ? -5.691  8.337   24.521  1.00 17.63 ? 29  ASN B N   1 
ATOM   703  C CA  . ASN B 1 29 ? -5.413  7.074   25.192  1.00 16.33 ? 29  ASN B CA  1 
ATOM   704  C C   . ASN B 1 29 ? -6.101  6.952   26.548  1.00 21.00 ? 29  ASN B C   1 
ATOM   705  O O   . ASN B 1 29 ? -5.828  5.994   27.286  1.00 23.38 ? 29  ASN B O   1 
ATOM   706  C CB  . ASN B 1 29 ? -3.904  6.872   25.321  1.00 20.45 ? 29  ASN B CB  1 
ATOM   707  C CG  . ASN B 1 29 ? -3.276  7.801   26.346  1.00 26.40 ? 29  ASN B CG  1 
ATOM   708  O OD1 . ASN B 1 29 ? -3.969  8.497   27.099  1.00 21.13 ? 29  ASN B OD1 1 
ATOM   709  N ND2 . ASN B 1 29 ? -1.949  7.818   26.379  1.00 28.86 ? 29  ASN B ND2 1 
ATOM   710  N N   . GLY B 1 30 ? -6.985  7.896   26.892  1.00 21.44 ? 30  GLY B N   1 
ATOM   711  C CA  . GLY B 1 30 ? -7.712  7.884   28.141  1.00 23.51 ? 30  GLY B CA  1 
ATOM   712  C C   . GLY B 1 30 ? -7.200  8.879   29.156  1.00 22.14 ? 30  GLY B C   1 
ATOM   713  O O   . GLY B 1 30 ? -7.949  9.279   30.053  1.00 25.42 ? 30  GLY B O   1 
ATOM   714  N N   . THR B 1 31 ? -5.931  9.262   29.056  1.00 21.38 ? 31  THR B N   1 
ATOM   715  C CA  . THR B 1 31 ? -5.387  10.268  29.946  1.00 25.43 ? 31  THR B CA  1 
ATOM   716  C C   . THR B 1 31 ? -4.731  11.416  29.211  1.00 26.49 ? 31  THR B C   1 
ATOM   717  O O   . THR B 1 31 ? -4.380  12.409  29.855  1.00 25.72 ? 31  THR B O   1 
ATOM   718  C CB  . THR B 1 31 ? -4.340  9.659   30.881  1.00 23.91 ? 31  THR B CB  1 
ATOM   719  O OG1 . THR B 1 31 ? -3.320  9.041   30.091  1.00 23.28 ? 31  THR B OG1 1 
ATOM   720  C CG2 . THR B 1 31 ? -4.969  8.605   31.767  1.00 26.98 ? 31  THR B CG2 1 
ATOM   721  N N   . ALA B 1 32 ? -4.532  11.306  27.901  1.00 22.66 ? 32  ALA B N   1 
ATOM   722  C CA  . ALA B 1 32 ? -3.796  12.319  27.163  1.00 24.95 ? 32  ALA B CA  1 
ATOM   723  C C   . ALA B 1 32 ? -3.988  12.088  25.677  1.00 20.84 ? 32  ALA B C   1 
ATOM   724  O O   . ALA B 1 32 ? -4.360  11.001  25.238  1.00 20.55 ? 32  ALA B O   1 
ATOM   725  C CB  . ALA B 1 32 ? -2.302  12.281  27.492  1.00 23.76 ? 32  ALA B CB  1 
ATOM   726  N N   . CYS B 1 33 ? -3.684  13.120  24.912  1.00 20.84 ? 33  CYS B N   1 
ATOM   727  C CA  . CYS B 1 33 ? -3.609  13.021  23.466  1.00 20.26 ? 33  CYS B CA  1 
ATOM   728  C C   . CYS B 1 33 ? -2.152  12.776  23.121  1.00 22.00 ? 33  CYS B C   1 
ATOM   729  O O   . CYS B 1 33 ? -1.272  13.519  23.571  1.00 27.67 ? 33  CYS B O   1 
ATOM   730  C CB  . CYS B 1 33 ? -4.139  14.301  22.813  1.00 27.20 ? 33  CYS B CB  1 
ATOM   731  S SG  . CYS B 1 33 ? -5.944  14.498  23.015  1.00 30.60 ? 33  CYS B SG  1 
ATOM   732  N N   A GLU B 1 34 ? -1.901  11.738  22.331  0.45 18.54 ? 34  GLU B N   1 
ATOM   733  N N   B GLU B 1 34 ? -1.893  11.730  22.350  0.55 18.70 ? 34  GLU B N   1 
ATOM   734  C CA  A GLU B 1 34 ? -0.560  11.237  22.075  0.45 19.70 ? 34  GLU B CA  1 
ATOM   735  C CA  B GLU B 1 34 ? -0.534  11.280  22.088  0.55 19.67 ? 34  GLU B CA  1 
ATOM   736  C C   A GLU B 1 34 ? -0.266  11.262  20.584  0.45 20.79 ? 34  GLU B C   1 
ATOM   737  C C   B GLU B 1 34 ? -0.258  11.258  20.597  0.55 20.69 ? 34  GLU B C   1 
ATOM   738  O O   A GLU B 1 34 ? -1.112  10.885  19.771  0.45 19.84 ? 34  GLU B O   1 
ATOM   739  O O   B GLU B 1 34 ? -1.107  10.852  19.801  0.55 19.91 ? 34  GLU B O   1 
ATOM   740  C CB  A GLU B 1 34 ? -0.407  9.808   22.595  0.45 21.04 ? 34  GLU B CB  1 
ATOM   741  C CB  B GLU B 1 34 ? -0.291  9.890   22.676  0.55 21.13 ? 34  GLU B CB  1 
ATOM   742  C CG  A GLU B 1 34 ? 1.022   9.309   22.659  0.45 19.39 ? 34  GLU B CG  1 
ATOM   743  C CG  B GLU B 1 34 ? -0.483  9.835   24.181  0.55 27.63 ? 34  GLU B CG  1 
ATOM   744  C CD  A GLU B 1 34 ? 1.104   7.899   23.203  0.45 29.55 ? 34  GLU B CD  1 
ATOM   745  C CD  B GLU B 1 34 ? 0.780   10.160  24.949  0.55 29.87 ? 34  GLU B CD  1 
ATOM   746  O OE1 A GLU B 1 34 ? 0.397   7.603   24.188  0.45 27.77 ? 34  GLU B OE1 1 
ATOM   747  O OE1 B GLU B 1 34 ? 0.714   10.216  26.197  0.55 34.88 ? 34  GLU B OE1 1 
ATOM   748  O OE2 A GLU B 1 34 ? 1.868   7.084   22.650  0.45 28.60 ? 34  GLU B OE2 1 
ATOM   749  O OE2 B GLU B 1 34 ? 1.842   10.348  24.312  0.55 35.71 ? 34  GLU B OE2 1 
ATOM   750  N N   . ALA B 1 35 ? 0.944   11.683  20.231  1.00 23.42 ? 35  ALA B N   1 
ATOM   751  C CA  . ALA B 1 35 ? 1.336   11.749  18.835  1.00 19.51 ? 35  ALA B CA  1 
ATOM   752  C C   . ALA B 1 35 ? 1.768   10.382  18.318  1.00 19.41 ? 35  ALA B C   1 
ATOM   753  O O   . ALA B 1 35 ? 2.357   9.569   19.041  1.00 23.23 ? 35  ALA B O   1 
ATOM   754  C CB  . ALA B 1 35 ? 2.476   12.757  18.661  1.00 22.21 ? 35  ALA B CB  1 
ATOM   755  N N   . PHE B 1 36 ? 1.483   10.130  17.037  1.00 17.66 ? 36  PHE B N   1 
ATOM   756  C CA  . PHE B 1 36 ? 1.946   8.905   16.406  1.00 17.57 ? 36  PHE B CA  1 
ATOM   757  C C   . PHE B 1 36 ? 2.141   9.174   14.924  1.00 19.14 ? 36  PHE B C   1 
ATOM   758  O O   . PHE B 1 36 ? 1.638   10.164  14.378  1.00 16.81 ? 36  PHE B O   1 
ATOM   759  C CB  . PHE B 1 36 ? 0.978   7.736   16.648  1.00 21.71 ? 36  PHE B CB  1 
ATOM   760  C CG  . PHE B 1 36 ? -0.336  7.851   15.904  1.00 24.39 ? 36  PHE B CG  1 
ATOM   761  C CD1 . PHE B 1 36 ? -1.343  8.678   16.380  1.00 18.47 ? 36  PHE B CD1 1 
ATOM   762  C CD2 . PHE B 1 36 ? -0.594  7.076   14.775  1.00 21.18 ? 36  PHE B CD2 1 
ATOM   763  C CE1 . PHE B 1 36 ? -2.556  8.785   15.723  1.00 18.41 ? 36  PHE B CE1 1 
ATOM   764  C CE2 . PHE B 1 36 ? -1.815  7.178   14.119  1.00 19.39 ? 36  PHE B CE2 1 
ATOM   765  C CZ  . PHE B 1 36 ? -2.794  8.033   14.604  1.00 20.60 ? 36  PHE B CZ  1 
ATOM   766  N N   . ILE B 1 37 ? 2.893   8.290   14.273  1.00 18.22 ? 37  ILE B N   1 
ATOM   767  C CA  . ILE B 1 37 ? 3.094   8.394   12.832  1.00 20.13 ? 37  ILE B CA  1 
ATOM   768  C C   . ILE B 1 37 ? 1.957   7.643   12.153  1.00 19.10 ? 37  ILE B C   1 
ATOM   769  O O   . ILE B 1 37 ? 1.900   6.408   12.191  1.00 21.48 ? 37  ILE B O   1 
ATOM   770  C CB  . ILE B 1 37 ? 4.448   7.837   12.386  1.00 21.51 ? 37  ILE B CB  1 
ATOM   771  C CG1 . ILE B 1 37 ? 5.572   8.689   12.972  1.00 22.35 ? 37  ILE B CG1 1 
ATOM   772  C CG2 . ILE B 1 37 ? 4.533   7.946   10.874  1.00 20.88 ? 37  ILE B CG2 1 
ATOM   773  C CD1 . ILE B 1 37 ? 6.970   8.197   12.610  1.00 23.99 ? 37  ILE B CD1 1 
ATOM   774  N N   . PHE B 1 38 ? 1.049   8.394   11.545  1.00 18.45 ? 38  PHE B N   1 
ATOM   775  C CA  . PHE B 1 38 ? -0.007  7.826   10.714  1.00 17.71 ? 38  PHE B CA  1 
ATOM   776  C C   . PHE B 1 38 ? 0.525   7.563   9.311   1.00 16.71 ? 38  PHE B C   1 
ATOM   777  O O   . PHE B 1 38 ? 1.162   8.431   8.703   1.00 18.02 ? 38  PHE B O   1 
ATOM   778  C CB  . PHE B 1 38 ? -1.203  8.779   10.681  1.00 16.71 ? 38  PHE B CB  1 
ATOM   779  C CG  . PHE B 1 38 ? -2.349  8.316   9.821   1.00 17.11 ? 38  PHE B CG  1 
ATOM   780  C CD1 . PHE B 1 38 ? -2.921  7.064   10.014  1.00 18.07 ? 38  PHE B CD1 1 
ATOM   781  C CD2 . PHE B 1 38 ? -2.863  9.145   8.833   1.00 17.75 ? 38  PHE B CD2 1 
ATOM   782  C CE1 . PHE B 1 38 ? -3.989  6.656   9.225   1.00 18.54 ? 38  PHE B CE1 1 
ATOM   783  C CE2 . PHE B 1 38 ? -3.920  8.758   8.052   1.00 16.38 ? 38  PHE B CE2 1 
ATOM   784  C CZ  . PHE B 1 38 ? -4.487  7.500   8.238   1.00 19.14 ? 38  PHE B CZ  1 
ATOM   785  N N   . LYS B 1 39 ? 0.257   6.372   8.790   1.00 15.20 ? 39  LYS B N   1 
ATOM   786  C CA  . LYS B 1 39 ? 0.810   5.980   7.506   1.00 21.90 ? 39  LYS B CA  1 
ATOM   787  C C   . LYS B 1 39 ? 0.038   6.570   6.336   1.00 21.76 ? 39  LYS B C   1 
ATOM   788  O O   . LYS B 1 39 ? 0.422   6.346   5.183   1.00 25.02 ? 39  LYS B O   1 
ATOM   789  C CB  . LYS B 1 39 ? 0.873   4.443   7.412   1.00 19.99 ? 39  LYS B CB  1 
ATOM   790  C CG  . LYS B 1 39 ? 1.696   3.775   8.533   1.00 24.03 ? 39  LYS B CG  1 
ATOM   791  C CD  . LYS B 1 39 ? 2.980   4.561   8.793   1.00 28.11 ? 39  LYS B CD  1 
ATOM   792  C CE  . LYS B 1 39 ? 3.848   3.952   9.892   1.00 28.15 ? 39  LYS B CE  1 
ATOM   793  N NZ  . LYS B 1 39 ? 3.029   3.581   11.082  1.00 36.09 ? 39  LYS B NZ  1 
ATOM   794  N N   . GLY B 1 40 ? -1.009  7.353   6.594   1.00 21.16 ? 40  GLY B N   1 
ATOM   795  C CA  . GLY B 1 40 ? -1.673  8.104   5.547   1.00 23.37 ? 40  GLY B CA  1 
ATOM   796  C C   . GLY B 1 40 ? -2.751  7.353   4.806   1.00 20.55 ? 40  GLY B C   1 
ATOM   797  O O   . GLY B 1 40 ? -3.260  7.868   3.801   1.00 20.58 ? 40  GLY B O   1 
ATOM   798  N N   . CYS B 1 41 ? -3.106  6.155   5.265   1.00 21.16 ? 41  CYS B N   1 
ATOM   799  C CA  . CYS B 1 41 ? -4.200  5.385   4.700   1.00 19.64 ? 41  CYS B CA  1 
ATOM   800  C C   . CYS B 1 41 ? -4.797  4.531   5.805   1.00 19.13 ? 41  CYS B C   1 
ATOM   801  O O   . CYS B 1 41 ? -4.145  4.247   6.813   1.00 24.58 ? 41  CYS B O   1 
ATOM   802  C CB  . CYS B 1 41 ? -3.743  4.506   3.534   1.00 26.62 ? 41  CYS B CB  1 
ATOM   803  S SG  . CYS B 1 41 ? -2.557  3.238   4.048   1.00 30.46 ? 41  CYS B SG  1 
ATOM   804  N N   . GLY B 1 42 ? -6.044  4.122   5.603   1.00 21.88 ? 42  GLY B N   1 
ATOM   805  C CA  . GLY B 1 42 ? -6.692  3.311   6.617   1.00 25.28 ? 42  GLY B CA  1 
ATOM   806  C C   . GLY B 1 42 ? -6.935  4.124   7.871   1.00 27.46 ? 42  GLY B C   1 
ATOM   807  O O   . GLY B 1 42 ? -7.301  5.305   7.815   1.00 20.54 ? 42  GLY B O   1 
ATOM   808  N N   . GLY B 1 43 ? -6.716  3.492   9.018   1.00 23.85 ? 43  GLY B N   1 
ATOM   809  C CA  . GLY B 1 43 ? -6.911  4.165   10.279  1.00 19.52 ? 43  GLY B CA  1 
ATOM   810  C C   . GLY B 1 43 ? -8.366  4.176   10.711  1.00 22.15 ? 43  GLY B C   1 
ATOM   811  O O   . GLY B 1 43 ? -9.257  3.579   10.089  1.00 21.00 ? 43  GLY B O   1 
ATOM   812  N N   . ASN B 1 44 ? -8.611  4.883   11.809  1.00 21.49 ? 44  ASN B N   1 
ATOM   813  C CA  . ASN B 1 44 ? -9.973  5.062   12.305  1.00 16.71 ? 44  ASN B CA  1 
ATOM   814  C C   . ASN B 1 44 ? -10.110 6.487   12.838  1.00 19.05 ? 44  ASN B C   1 
ATOM   815  O O   . ASN B 1 44 ? -9.210  7.313   12.699  1.00 19.53 ? 44  ASN B O   1 
ATOM   816  C CB  . ASN B 1 44 ? -10.326 3.976   13.336  1.00 18.41 ? 44  ASN B CB  1 
ATOM   817  C CG  . ASN B 1 44 ? -9.467  4.028   14.597  1.00 20.24 ? 44  ASN B CG  1 
ATOM   818  O OD1 . ASN B 1 44 ? -9.029  5.092   15.046  1.00 18.75 ? 44  ASN B OD1 1 
ATOM   819  N ND2 . ASN B 1 44 ? -9.199  2.848   15.160  1.00 18.60 ? 44  ASN B ND2 1 
ATOM   820  N N   . ASP B 1 45 ? -11.244 6.780   13.461  1.00 18.59 ? 45  ASP B N   1 
ATOM   821  C CA  . ASP B 1 45 ? -11.544 8.168   13.800  1.00 21.85 ? 45  ASP B CA  1 
ATOM   822  C C   . ASP B 1 45 ? -10.815 8.683   15.040  1.00 22.42 ? 45  ASP B C   1 
ATOM   823  O O   . ASP B 1 45 ? -10.890 9.890   15.315  1.00 19.28 ? 45  ASP B O   1 
ATOM   824  C CB  . ASP B 1 45 ? -13.051 8.329   13.971  1.00 24.42 ? 45  ASP B CB  1 
ATOM   825  C CG  . ASP B 1 45 ? -13.782 8.270   12.645  1.00 34.96 ? 45  ASP B CG  1 
ATOM   826  O OD1 . ASP B 1 45 ? -13.262 8.829   11.654  1.00 36.50 ? 45  ASP B OD1 1 
ATOM   827  O OD2 . ASP B 1 45 ? -14.849 7.631   12.581  1.00 43.86 ? 45  ASP B OD2 1 
ATOM   828  N N   . ASN B 1 46 ? -10.121 7.824   15.793  1.00 17.09 ? 46  ASN B N   1 
ATOM   829  C CA  . ASN B 1 46 ? -9.294  8.277   16.917  1.00 17.76 ? 46  ASN B CA  1 
ATOM   830  C C   . ASN B 1 46 ? -7.964  8.749   16.330  1.00 15.54 ? 46  ASN B C   1 
ATOM   831  O O   . ASN B 1 46 ? -6.901  8.149   16.504  1.00 14.95 ? 46  ASN B O   1 
ATOM   832  C CB  . ASN B 1 46 ? -9.111  7.172   17.954  1.00 19.76 ? 46  ASN B CB  1 
ATOM   833  C CG  . ASN B 1 46 ? -8.516  7.689   19.258  1.00 17.59 ? 46  ASN B CG  1 
ATOM   834  O OD1 . ASN B 1 46 ? -8.269  8.888   19.392  1.00 16.26 ? 46  ASN B OD1 1 
ATOM   835  N ND2 . ASN B 1 46 ? -8.303  6.791   20.225  1.00 14.51 ? 46  ASN B ND2 1 
ATOM   836  N N   . ASN B 1 47 ? -8.053  9.869   15.619  1.00 18.74 ? 47  ASN B N   1 
ATOM   837  C CA  . ASN B 1 47 ? -7.000  10.305  14.708  1.00 18.99 ? 47  ASN B CA  1 
ATOM   838  C C   . ASN B 1 47 ? -7.270  11.778  14.407  1.00 18.12 ? 47  ASN B C   1 
ATOM   839  O O   . ASN B 1 47 ? -8.252  12.109  13.724  1.00 18.27 ? 47  ASN B O   1 
ATOM   840  C CB  . ASN B 1 47 ? -7.015  9.446   13.445  1.00 18.06 ? 47  ASN B CB  1 
ATOM   841  C CG  . ASN B 1 47 ? -5.945  9.823   12.443  1.00 16.02 ? 47  ASN B CG  1 
ATOM   842  O OD1 . ASN B 1 47 ? -5.597  10.978  12.303  1.00 19.27 ? 47  ASN B OD1 1 
ATOM   843  N ND2 . ASN B 1 47 ? -5.435  8.829   11.723  1.00 19.46 ? 47  ASN B ND2 1 
ATOM   844  N N   . PHE B 1 48 ? -6.400  12.646  14.917  1.00 18.30 ? 48  PHE B N   1 
ATOM   845  C CA  . PHE B 1 48 ? -6.562  14.091  14.869  1.00 20.81 ? 48  PHE B CA  1 
ATOM   846  C C   . PHE B 1 48 ? -5.296  14.702  14.289  1.00 18.79 ? 48  PHE B C   1 
ATOM   847  O O   . PHE B 1 48 ? -4.187  14.307  14.659  1.00 19.14 ? 48  PHE B O   1 
ATOM   848  C CB  . PHE B 1 48 ? -6.823  14.652  16.280  1.00 22.24 ? 48  PHE B CB  1 
ATOM   849  C CG  . PHE B 1 48 ? -7.983  13.998  16.994  1.00 19.84 ? 48  PHE B CG  1 
ATOM   850  C CD1 . PHE B 1 48 ? -9.277  14.482  16.839  1.00 20.47 ? 48  PHE B CD1 1 
ATOM   851  C CD2 . PHE B 1 48 ? -7.783  12.866  17.779  1.00 19.45 ? 48  PHE B CD2 1 
ATOM   852  C CE1 . PHE B 1 48 ? -10.350 13.874  17.485  1.00 19.90 ? 48  PHE B CE1 1 
ATOM   853  C CE2 . PHE B 1 48 ? -8.848  12.243  18.423  1.00 18.74 ? 48  PHE B CE2 1 
ATOM   854  C CZ  . PHE B 1 48 ? -10.132 12.753  18.278  1.00 20.45 ? 48  PHE B CZ  1 
ATOM   855  N N   . ASP B 1 49 ? -5.445  15.666  13.388  1.00 23.28 ? 49  ASP B N   1 
ATOM   856  C CA  . ASP B 1 49 ? -4.247  16.261  12.811  1.00 23.56 ? 49  ASP B CA  1 
ATOM   857  C C   . ASP B 1 49 ? -3.747  17.438  13.633  1.00 27.82 ? 49  ASP B C   1 
ATOM   858  O O   . ASP B 1 49 ? -2.741  18.055  13.271  1.00 24.82 ? 49  ASP B O   1 
ATOM   859  C CB  . ASP B 1 49 ? -4.491  16.668  11.357  1.00 29.33 ? 49  ASP B CB  1 
ATOM   860  C CG  . ASP B 1 49 ? -5.289  17.932  11.238  1.00 34.78 ? 49  ASP B CG  1 
ATOM   861  O OD1 . ASP B 1 49 ? -6.234  18.109  12.033  1.00 38.51 ? 49  ASP B OD1 1 
ATOM   862  O OD2 . ASP B 1 49 ? -4.978  18.739  10.335  1.00 46.55 ? 49  ASP B OD2 1 
ATOM   863  N N   A ARG B 1 50 ? -4.439  17.765  14.724  0.55 27.45 ? 50  ARG B N   1 
ATOM   864  N N   B ARG B 1 50 ? -4.405  17.730  14.749  0.45 27.43 ? 50  ARG B N   1 
ATOM   865  C CA  A ARG B 1 50 ? -4.053  18.813  15.655  0.55 28.56 ? 50  ARG B CA  1 
ATOM   866  C CA  B ARG B 1 50 ? -4.019  18.806  15.643  0.45 28.54 ? 50  ARG B CA  1 
ATOM   867  C C   A ARG B 1 50 ? -4.320  18.301  17.058  0.55 25.02 ? 50  ARG B C   1 
ATOM   868  C C   B ARG B 1 50 ? -4.341  18.361  17.059  0.45 25.01 ? 50  ARG B C   1 
ATOM   869  O O   A ARG B 1 50 ? -5.355  17.677  17.302  0.55 24.85 ? 50  ARG B O   1 
ATOM   870  O O   B ARG B 1 50 ? -5.422  17.823  17.305  0.45 24.80 ? 50  ARG B O   1 
ATOM   871  C CB  A ARG B 1 50 ? -4.860  20.097  15.436  0.55 29.86 ? 50  ARG B CB  1 
ATOM   872  C CB  B ARG B 1 50 ? -4.760  20.098  15.290  0.45 29.88 ? 50  ARG B CB  1 
ATOM   873  C CG  A ARG B 1 50 ? -4.398  20.984  14.306  0.55 35.49 ? 50  ARG B CG  1 
ATOM   874  C CG  B ARG B 1 50 ? -4.642  21.152  16.338  0.45 35.91 ? 50  ARG B CG  1 
ATOM   875  C CD  A ARG B 1 50 ? -5.538  21.902  13.920  0.55 41.25 ? 50  ARG B CD  1 
ATOM   876  C CD  B ARG B 1 50 ? -4.566  22.555  15.750  0.45 45.71 ? 50  ARG B CD  1 
ATOM   877  N NE  A ARG B 1 50 ? -5.509  23.125  14.717  0.55 51.35 ? 50  ARG B NE  1 
ATOM   878  N NE  B ARG B 1 50 ? -5.749  22.916  14.975  0.45 52.08 ? 50  ARG B NE  1 
ATOM   879  C CZ  A ARG B 1 50 ? -6.513  23.543  15.484  0.55 55.36 ? 50  ARG B CZ  1 
ATOM   880  C CZ  B ARG B 1 50 ? -6.748  23.661  15.445  0.45 55.76 ? 50  ARG B CZ  1 
ATOM   881  N NH1 A ARG B 1 50 ? -6.396  24.671  16.177  0.55 54.31 ? 50  ARG B NH1 1 
ATOM   882  N NH1 B ARG B 1 50 ? -7.789  23.948  14.672  0.45 54.85 ? 50  ARG B NH1 1 
ATOM   883  N NH2 A ARG B 1 50 ? -7.628  22.828  15.575  0.55 52.91 ? 50  ARG B NH2 1 
ATOM   884  N NH2 B ARG B 1 50 ? -6.702  24.123  16.689  0.45 53.95 ? 50  ARG B NH2 1 
ATOM   885  N N   . VAL B 1 51 ? -3.402  18.571  17.985  1.00 24.44 ? 51  VAL B N   1 
ATOM   886  C CA  . VAL B 1 51 ? -3.628  18.118  19.357  1.00 25.93 ? 51  VAL B CA  1 
ATOM   887  C C   . VAL B 1 51 ? -4.824  18.852  19.957  1.00 24.79 ? 51  VAL B C   1 
ATOM   888  O O   . VAL B 1 51 ? -5.592  18.277  20.737  1.00 23.16 ? 51  VAL B O   1 
ATOM   889  C CB  . VAL B 1 51 ? -2.360  18.280  20.216  1.00 30.04 ? 51  VAL B CB  1 
ATOM   890  C CG1 . VAL B 1 51 ? -1.925  19.717  20.256  1.00 32.48 ? 51  VAL B CG1 1 
ATOM   891  C CG2 . VAL B 1 51 ? -2.572  17.709  21.613  1.00 29.95 ? 51  VAL B CG2 1 
ATOM   892  N N   . ASP B 1 52 ? -5.030  20.117  19.565  1.00 23.09 ? 52  ASP B N   1 
ATOM   893  C CA  . ASP B 1 52 ? -6.204  20.855  20.032  1.00 25.72 ? 52  ASP B CA  1 
ATOM   894  C C   . ASP B 1 52 ? -7.501  20.167  19.619  1.00 24.50 ? 52  ASP B C   1 
ATOM   895  O O   . ASP B 1 52 ? -8.495  20.187  20.363  1.00 23.20 ? 52  ASP B O   1 
ATOM   896  C CB  . ASP B 1 52 ? -6.158  22.294  19.504  1.00 28.97 ? 52  ASP B CB  1 
ATOM   897  C CG  . ASP B 1 52 ? -7.386  23.111  19.895  1.00 43.03 ? 52  ASP B CG  1 
ATOM   898  O OD1 . ASP B 1 52 ? -8.234  23.361  19.007  1.00 51.42 ? 52  ASP B OD1 1 
ATOM   899  O OD2 . ASP B 1 52 ? -7.526  23.474  21.084  1.00 44.41 ? 52  ASP B OD2 1 
ATOM   900  N N   . ASP B 1 53 ? -7.520  19.557  18.433  1.00 24.09 ? 53  ASP B N   1 
ATOM   901  C CA  . ASP B 1 53 ? -8.729  18.881  17.988  1.00 25.84 ? 53  ASP B CA  1 
ATOM   902  C C   . ASP B 1 53 ? -8.984  17.651  18.841  1.00 25.11 ? 53  ASP B C   1 
ATOM   903  O O   . ASP B 1 53 ? -10.133 17.342  19.177  1.00 22.74 ? 53  ASP B O   1 
ATOM   904  C CB  . ASP B 1 53 ? -8.596  18.487  16.516  1.00 26.76 ? 53  ASP B CB  1 
ATOM   905  C CG  . ASP B 1 53 ? -8.560  19.694  15.578  1.00 34.05 ? 53  ASP B CG  1 
ATOM   906  O OD1 . ASP B 1 53 ? -8.334  19.482  14.370  1.00 42.61 ? 53  ASP B OD1 1 
ATOM   907  O OD2 . ASP B 1 53 ? -8.748  20.837  16.036  1.00 30.22 ? 53  ASP B OD2 1 
ATOM   908  N N   . CYS B 1 54 ? -7.919  16.925  19.190  1.00 18.96 ? 54  CYS B N   1 
ATOM   909  C CA  . CYS B 1 54 ? -8.063  15.789  20.093  1.00 19.49 ? 54  CYS B CA  1 
ATOM   910  C C   . CYS B 1 54 ? -8.557  16.246  21.463  1.00 18.32 ? 54  CYS B C   1 
ATOM   911  O O   . CYS B 1 54 ? -9.455  15.628  22.048  1.00 21.85 ? 54  CYS B O   1 
ATOM   912  C CB  . CYS B 1 54 ? -6.726  15.041  20.197  1.00 18.35 ? 54  CYS B CB  1 
ATOM   913  S SG  . CYS B 1 54 ? -6.731  13.645  21.329  1.00 21.08 ? 54  CYS B SG  1 
ATOM   914  N N   . GLN B 1 55 ? -8.001  17.353  21.982  1.00 22.92 ? 55  GLN B N   1 
ATOM   915  C CA  . GLN B 1 55 ? -8.389  17.833  23.303  1.00 23.80 ? 55  GLN B CA  1 
ATOM   916  C C   . GLN B 1 55 ? -9.833  18.309  23.334  1.00 21.64 ? 55  GLN B C   1 
ATOM   917  O O   . GLN B 1 55 ? -10.547 18.081  24.318  1.00 25.18 ? 55  GLN B O   1 
ATOM   918  C CB  . GLN B 1 55 ? -7.462  18.957  23.764  1.00 20.88 ? 55  GLN B CB  1 
ATOM   919  C CG  . GLN B 1 55 ? -5.992  18.560  23.842  1.00 27.65 ? 55  GLN B CG  1 
ATOM   920  C CD  . GLN B 1 55 ? -5.067  19.752  24.079  1.00 33.94 ? 55  GLN B CD  1 
ATOM   921  O OE1 . GLN B 1 55 ? -5.239  20.821  23.490  1.00 39.80 ? 55  GLN B OE1 1 
ATOM   922  N NE2 . GLN B 1 55 ? -4.079  19.562  24.949  1.00 38.71 ? 55  GLN B NE2 1 
ATOM   923  N N   . ARG B 1 56 ? -10.282 18.983  22.279  1.00 18.96 ? 56  ARG B N   1 
ATOM   924  C CA  . ARG B 1 56 ? -11.639 19.516  22.285  1.00 19.37 ? 56  ARG B CA  1 
ATOM   925  C C   . ARG B 1 56 ? -12.689 18.419  22.165  1.00 21.75 ? 56  ARG B C   1 
ATOM   926  O O   . ARG B 1 56 ? -13.846 18.638  22.539  1.00 26.91 ? 56  ARG B O   1 
ATOM   927  C CB  . ARG B 1 56 ? -11.808 20.552  21.169  1.00 23.31 ? 56  ARG B CB  1 
ATOM   928  C CG  . ARG B 1 56 ? -11.164 21.902  21.496  1.00 30.83 ? 56  ARG B CG  1 
ATOM   929  C CD  . ARG B 1 56 ? -11.372 23.021  20.440  1.00 31.35 ? 56  ARG B CD  1 
ATOM   930  N NE  . ARG B 1 56 ? -10.946 22.631  19.101  1.00 25.50 ? 56  ARG B NE  1 
ATOM   931  C CZ  . ARG B 1 56 ? -11.718 22.024  18.210  1.00 33.44 ? 56  ARG B CZ  1 
ATOM   932  N NH1 . ARG B 1 56 ? -12.995 21.801  18.488  1.00 29.99 ? 56  ARG B NH1 1 
ATOM   933  N NH2 . ARG B 1 56 ? -11.222 21.674  17.027  1.00 29.44 ? 56  ARG B NH2 1 
ATOM   934  N N   . LEU B 1 57 ? -12.325 17.248  21.654  1.00 21.29 ? 57  LEU B N   1 
ATOM   935  C CA  . LEU B 1 57 ? -13.296 16.167  21.578  1.00 18.32 ? 57  LEU B CA  1 
ATOM   936  C C   . LEU B 1 57 ? -13.196 15.252  22.794  1.00 25.47 ? 57  LEU B C   1 
ATOM   937  O O   . LEU B 1 57 ? -14.205 14.936  23.425  1.00 25.59 ? 57  LEU B O   1 
ATOM   938  C CB  . LEU B 1 57 ? -13.107 15.372  20.278  1.00 19.80 ? 57  LEU B CB  1 
ATOM   939  C CG  . LEU B 1 57 ? -14.102 14.224  20.045  1.00 23.13 ? 57  LEU B CG  1 
ATOM   940  C CD1 . LEU B 1 57 ? -15.531 14.758  19.880  1.00 25.23 ? 57  LEU B CD1 1 
ATOM   941  C CD2 . LEU B 1 57 ? -13.703 13.386  18.836  1.00 22.38 ? 57  LEU B CD2 1 
ATOM   942  N N   . CYS B 1 58 ? -11.989 14.864  23.168  1.00 19.44 ? 58  CYS B N   1 
ATOM   943  C CA  . CYS B 1 58 ? -11.809 13.829  24.165  1.00 20.11 ? 58  CYS B CA  1 
ATOM   944  C C   . CYS B 1 58 ? -11.409 14.354  25.539  1.00 26.19 ? 58  CYS B C   1 
ATOM   945  O O   . CYS B 1 58 ? -11.449 13.576  26.484  1.00 29.89 ? 58  CYS B O   1 
ATOM   946  C CB  . CYS B 1 58 ? -10.753 12.841  23.665  1.00 19.89 ? 58  CYS B CB  1 
ATOM   947  S SG  . CYS B 1 58 ? -11.229 12.085  22.070  1.00 23.41 ? 58  CYS B SG  1 
ATOM   948  O OXT . CYS B 1 58 ? -11.039 15.513  25.758  1.00 24.03 ? 58  CYS B OXT 1 
HETATM 949  C C1  . EDO C 2 .  ? 5.959   -3.763  -2.466  1.00 39.10 ? 101 EDO A C1  1 
HETATM 950  O O1  . EDO C 2 .  ? 4.843   -3.587  -1.583  1.00 50.04 ? 101 EDO A O1  1 
HETATM 951  C C2  . EDO C 2 .  ? 5.412   -4.191  -3.821  1.00 37.93 ? 101 EDO A C2  1 
HETATM 952  O O2  . EDO C 2 .  ? 4.027   -3.818  -3.881  1.00 42.30 ? 101 EDO A O2  1 
HETATM 953  O O   B HOH D 3 .  ? -14.910 -10.405 -16.646 1.00 42.60 ? 201 HOH A O   1 
HETATM 954  O O   . HOH D 3 .  ? 11.135  -13.596 -5.604  1.00 42.10 ? 202 HOH A O   1 
HETATM 955  O O   . HOH D 3 .  ? 3.147   -6.645  -1.152  1.00 35.35 ? 203 HOH A O   1 
HETATM 956  O O   . HOH D 3 .  ? 14.366  -14.899 -14.408 1.00 33.94 ? 204 HOH A O   1 
HETATM 957  O O   . HOH D 3 .  ? -4.242  -11.713 -20.492 1.00 43.65 ? 205 HOH A O   1 
HETATM 958  O O   . HOH D 3 .  ? -4.784  -13.875 -6.897  1.00 47.19 ? 206 HOH A O   1 
HETATM 959  O O   . HOH D 3 .  ? -0.652  -7.045  -16.471 1.00 31.55 ? 207 HOH A O   1 
HETATM 960  O O   . HOH D 3 .  ? 12.899  -22.530 -25.253 1.00 28.03 ? 208 HOH A O   1 
HETATM 961  O O   . HOH D 3 .  ? 12.673  -18.291 -20.141 1.00 36.19 ? 209 HOH A O   1 
HETATM 962  O O   . HOH D 3 .  ? 5.390   -13.059 -18.143 1.00 17.31 ? 210 HOH A O   1 
HETATM 963  O O   . HOH D 3 .  ? 12.848  -20.707 -22.934 1.00 31.07 ? 211 HOH A O   1 
HETATM 964  O O   . HOH D 3 .  ? -0.019  -11.091 -20.970 1.00 37.95 ? 212 HOH A O   1 
HETATM 965  O O   . HOH D 3 .  ? 1.807   -7.655  -19.348 1.00 29.85 ? 213 HOH A O   1 
HETATM 966  O O   . HOH D 3 .  ? 7.367   -12.684 -1.599  1.00 31.36 ? 214 HOH A O   1 
HETATM 967  O O   . HOH D 3 .  ? -2.190  -13.933 -18.112 1.00 32.76 ? 215 HOH A O   1 
HETATM 968  O O   . HOH D 3 .  ? 1.449   -16.363 -23.312 1.00 41.71 ? 216 HOH A O   1 
HETATM 969  O O   . HOH D 3 .  ? 3.013   -2.378  -17.427 1.00 32.80 ? 217 HOH A O   1 
HETATM 970  O O   . HOH D 3 .  ? 10.566  -20.567 -31.303 1.00 36.40 ? 218 HOH A O   1 
HETATM 971  O O   . HOH D 3 .  ? 2.002   -0.244  -4.170  1.00 37.35 ? 219 HOH A O   1 
HETATM 972  O O   . HOH D 3 .  ? 11.267  -20.689 -21.167 1.00 36.20 ? 220 HOH A O   1 
HETATM 973  O O   . HOH D 3 .  ? 13.495  -12.527 -10.908 1.00 36.14 ? 221 HOH A O   1 
HETATM 974  O O   . HOH D 3 .  ? 12.656  -15.653 -36.962 1.00 32.58 ? 222 HOH A O   1 
HETATM 975  O O   . HOH D 3 .  ? 5.081   -13.449 -15.384 1.00 16.83 ? 223 HOH A O   1 
HETATM 976  O O   . HOH D 3 .  ? 10.589  0.661   -13.553 1.00 39.81 ? 224 HOH A O   1 
HETATM 977  O O   . HOH D 3 .  ? -1.809  -7.709  -3.603  1.00 46.64 ? 225 HOH A O   1 
HETATM 978  O O   . HOH D 3 .  ? 16.005  -12.383 -15.086 1.00 29.65 ? 226 HOH A O   1 
HETATM 979  O O   . HOH D 3 .  ? 12.112  -17.860 -33.447 1.00 33.98 ? 227 HOH A O   1 
HETATM 980  O O   . HOH D 3 .  ? 0.946   -18.601 -16.714 1.00 38.17 ? 228 HOH A O   1 
HETATM 981  O O   . HOH D 3 .  ? 11.297  -2.119  -18.951 1.00 42.16 ? 229 HOH A O   1 
HETATM 982  O O   . HOH D 3 .  ? 4.080   -5.998  -19.754 1.00 41.55 ? 230 HOH A O   1 
HETATM 983  O O   . HOH D 3 .  ? -3.398  4.010   -10.577 1.00 29.75 ? 231 HOH A O   1 
HETATM 984  O O   . HOH D 3 .  ? 2.318   -13.309 -5.978  1.00 29.25 ? 232 HOH A O   1 
HETATM 985  O O   . HOH D 3 .  ? 6.880   -20.121 -28.480 1.00 44.83 ? 233 HOH A O   1 
HETATM 986  O O   . HOH D 3 .  ? 9.997   -18.281 -15.860 1.00 25.21 ? 234 HOH A O   1 
HETATM 987  O O   . HOH D 3 .  ? 10.259  3.908   -14.904 1.00 55.24 ? 235 HOH A O   1 
HETATM 988  O O   . HOH D 3 .  ? 15.511  -3.905  -21.050 1.00 28.53 ? 236 HOH A O   1 
HETATM 989  O O   . HOH D 3 .  ? 14.062  -7.005  -8.226  1.00 35.60 ? 237 HOH A O   1 
HETATM 990  O O   . HOH D 3 .  ? 1.020   -2.677  -2.369  1.00 34.92 ? 238 HOH A O   1 
HETATM 991  O O   . HOH D 3 .  ? 15.565  -9.107  -9.477  1.00 40.23 ? 239 HOH A O   1 
HETATM 992  O O   . HOH D 3 .  ? 5.681   -18.464 -22.046 1.00 27.48 ? 240 HOH A O   1 
HETATM 993  O O   . HOH D 3 .  ? 8.562   -3.173  -4.862  1.00 37.42 ? 241 HOH A O   1 
HETATM 994  O O   . HOH D 3 .  ? -10.565 -6.184  -10.569 1.00 50.10 ? 242 HOH A O   1 
HETATM 995  O O   . HOH D 3 .  ? 2.443   -10.606 -21.228 1.00 41.73 ? 243 HOH A O   1 
HETATM 996  O O   . HOH D 3 .  ? 11.127  -2.917  -5.866  1.00 30.00 ? 244 HOH A O   1 
HETATM 997  O O   . HOH D 3 .  ? -3.204  -5.946  -3.417  1.00 51.29 ? 245 HOH A O   1 
HETATM 998  O O   . HOH D 3 .  ? -13.272 -8.735  -9.189  1.00 53.52 ? 246 HOH A O   1 
HETATM 999  O O   . HOH D 3 .  ? 12.656  -3.441  -27.863 1.00 54.00 ? 247 HOH A O   1 
HETATM 1000 O O   . HOH D 3 .  ? -5.862  -14.525 -3.132  1.00 51.00 ? 248 HOH A O   1 
HETATM 1001 O O   . HOH D 3 .  ? -15.747 -8.339  -10.410 1.00 50.25 ? 249 HOH A O   1 
HETATM 1002 O O   . HOH D 3 .  ? -3.186  -9.144  -4.543  1.00 50.38 ? 250 HOH A O   1 
HETATM 1003 O O   . HOH E 3 .  ? 1.467   -3.486  5.531   1.00 26.76 ? 101 HOH B O   1 
HETATM 1004 O O   . HOH E 3 .  ? -21.453 11.320  22.294  1.00 53.42 ? 102 HOH B O   1 
HETATM 1005 O O   . HOH E 3 .  ? 1.833   4.858   3.816   1.00 36.45 ? 103 HOH B O   1 
HETATM 1006 O O   . HOH E 3 .  ? 3.048   4.421   16.541  1.00 33.86 ? 104 HOH B O   1 
HETATM 1007 O O   . HOH E 3 .  ? -26.557 5.960   15.146  1.00 36.37 ? 105 HOH B O   1 
HETATM 1008 O O   . HOH E 3 .  ? -9.301  11.226  11.615  1.00 30.03 ? 106 HOH B O   1 
HETATM 1009 O O   . HOH E 3 .  ? -1.228  7.380   -2.159  1.00 28.86 ? 107 HOH B O   1 
HETATM 1010 O O   A HOH E 3 .  ? -12.235 11.933  14.447  1.00 30.20 ? 108 HOH B O   1 
HETATM 1011 O O   . HOH E 3 .  ? 1.517   -1.550  7.975   1.00 32.17 ? 109 HOH B O   1 
HETATM 1012 O O   . HOH E 3 .  ? -6.016  5.989   12.813  1.00 17.27 ? 110 HOH B O   1 
HETATM 1013 O O   . HOH E 3 .  ? -7.969  12.597  29.667  1.00 33.45 ? 111 HOH B O   1 
HETATM 1014 O O   . HOH E 3 .  ? 1.245   3.671   -6.047  1.00 32.15 ? 112 HOH B O   1 
HETATM 1015 O O   . HOH E 3 .  ? 2.606   12.388  22.725  1.00 35.53 ? 113 HOH B O   1 
HETATM 1016 O O   . HOH E 3 .  ? 1.789   6.481   20.019  1.00 35.72 ? 114 HOH B O   1 
HETATM 1017 O O   . HOH E 3 .  ? 1.823   1.158   10.831  1.00 35.48 ? 115 HOH B O   1 
HETATM 1018 O O   . HOH E 3 .  ? 0.945   1.425   -2.570  1.00 31.71 ? 116 HOH B O   1 
HETATM 1019 O O   . HOH E 3 .  ? -1.791  -0.137  11.028  1.00 42.00 ? 117 HOH B O   1 
HETATM 1020 O O   . HOH E 3 .  ? -13.616 5.209   12.926  1.00 33.70 ? 118 HOH B O   1 
HETATM 1021 O O   . HOH E 3 .  ? -10.000 25.459  15.286  1.00 50.78 ? 119 HOH B O   1 
HETATM 1022 O O   . HOH E 3 .  ? -6.365  5.594   15.546  1.00 17.02 ? 120 HOH B O   1 
HETATM 1023 O O   . HOH E 3 .  ? -9.757  2.317   7.672   1.00 43.87 ? 121 HOH B O   1 
HETATM 1024 O O   A HOH E 3 .  ? -3.387  22.079  18.456  1.00 39.38 ? 122 HOH B O   1 
HETATM 1025 O O   . HOH E 3 .  ? 7.312   7.604   8.117   1.00 38.35 ? 123 HOH B O   1 
HETATM 1026 O O   . HOH E 3 .  ? 4.298   6.466   15.870  1.00 28.45 ? 124 HOH B O   1 
HETATM 1027 O O   . HOH E 3 .  ? 4.026   9.826   21.282  1.00 37.68 ? 125 HOH B O   1 
HETATM 1028 O O   . HOH E 3 .  ? -3.967  6.341   29.379  1.00 31.65 ? 126 HOH B O   1 
HETATM 1029 O O   . HOH E 3 .  ? -14.834 22.925  20.311  1.00 30.72 ? 127 HOH B O   1 
HETATM 1030 O O   . HOH E 3 .  ? -3.454  13.338  32.361  1.00 37.28 ? 128 HOH B O   1 
HETATM 1031 O O   . HOH E 3 .  ? -9.821  14.435  13.337  1.00 33.97 ? 129 HOH B O   1 
HETATM 1032 O O   . HOH E 3 .  ? 2.646   4.951   14.539  1.00 40.36 ? 130 HOH B O   1 
HETATM 1033 O O   . HOH E 3 .  ? -0.203  15.886  24.804  1.00 50.81 ? 131 HOH B O   1 
HETATM 1034 O O   . HOH E 3 .  ? -9.722  18.619  27.024  1.00 41.73 ? 132 HOH B O   1 
HETATM 1035 O O   . HOH E 3 .  ? -0.827  -1.342  -0.513  1.00 34.07 ? 133 HOH B O   1 
HETATM 1036 O O   . HOH E 3 .  ? -8.439  16.757  13.354  1.00 33.96 ? 134 HOH B O   1 
HETATM 1037 O O   . HOH E 3 .  ? 4.299   14.990  9.964   1.00 31.31 ? 135 HOH B O   1 
HETATM 1038 O O   . HOH E 3 .  ? -1.372  0.826   15.085  1.00 23.80 ? 136 HOH B O   1 
HETATM 1039 O O   . HOH E 3 .  ? -0.788  19.725  17.282  1.00 40.05 ? 137 HOH B O   1 
HETATM 1040 O O   . HOH E 3 .  ? -0.626  9.777   29.156  1.00 44.82 ? 138 HOH B O   1 
HETATM 1041 O O   . HOH E 3 .  ? -11.040 8.087   9.854   1.00 47.08 ? 139 HOH B O   1 
HETATM 1042 O O   . HOH E 3 .  ? 0.166   17.082  12.495  1.00 37.41 ? 140 HOH B O   1 
HETATM 1043 O O   . HOH E 3 .  ? -2.945  15.878  25.986  1.00 36.20 ? 141 HOH B O   1 
HETATM 1044 O O   . HOH E 3 .  ? -10.498 16.262  28.674  1.00 37.27 ? 142 HOH B O   1 
HETATM 1045 O O   . HOH E 3 .  ? -5.734  0.599   8.785   1.00 28.80 ? 143 HOH B O   1 
HETATM 1046 O O   . HOH E 3 .  ? -10.526 0.205   14.232  1.00 38.01 ? 144 HOH B O   1 
HETATM 1047 O O   . HOH E 3 .  ? -0.177  16.569  3.690   1.00 59.29 ? 145 HOH B O   1 
HETATM 1048 O O   . HOH E 3 .  ? -13.445 11.268  27.129  1.00 53.05 ? 146 HOH B O   1 
HETATM 1049 O O   . HOH E 3 .  ? -22.046 13.096  19.861  1.00 52.98 ? 147 HOH B O   1 
HETATM 1050 O O   . HOH E 3 .  ? -8.560  16.390  10.743  1.00 42.28 ? 148 HOH B O   1 
HETATM 1051 O O   . HOH E 3 .  ? -20.126 8.541   14.861  1.00 42.00 ? 149 HOH B O   1 
HETATM 1052 O O   . HOH E 3 .  ? 0.533   4.761   25.706  1.00 38.95 ? 150 HOH B O   1 
HETATM 1053 O O   . HOH E 3 .  ? 1.813   13.963  24.596  1.00 46.92 ? 151 HOH B O   1 
HETATM 1054 O O   . HOH E 3 .  ? 6.522   9.207   3.831   1.00 38.45 ? 152 HOH B O   1 
HETATM 1055 O O   . HOH E 3 .  ? -8.831  8.419   9.477   1.00 35.87 ? 153 HOH B O   1 
HETATM 1056 O O   . HOH E 3 .  ? -4.867  0.358   6.263   1.00 41.51 ? 154 HOH B O   1 
HETATM 1057 O O   . HOH E 3 .  ? -5.022  -0.852  2.641   1.00 44.05 ? 155 HOH B O   1 
HETATM 1058 O O   . HOH E 3 .  ? -15.651 8.890   26.487  1.00 61.45 ? 156 HOH B O   1 
HETATM 1059 O O   . HOH E 3 .  ? 8.718   5.189   6.112   1.00 49.61 ? 157 HOH B O   1 
HETATM 1060 O O   . HOH E 3 .  ? -11.747 25.775  17.033  1.00 45.40 ? 158 HOH B O   1 
HETATM 1061 O O   . HOH E 3 .  ? -17.642 4.804   27.778  1.00 46.95 ? 159 HOH B O   1 
HETATM 1062 O O   . HOH E 3 .  ? -6.745  15.790  27.360  1.00 45.23 ? 160 HOH B O   1 
# 
